data_4B4X
#
_entry.id   4B4X
#
_cell.length_a   102.332
_cell.length_b   92.113
_cell.length_c   105.957
_cell.angle_alpha   90.00
_cell.angle_beta   95.90
_cell.angle_gamma   90.00
#
_symmetry.space_group_name_H-M   'P 1 21 1'
#
loop_
_entity.id
_entity.type
_entity.pdbx_description
1 polymer 'D-ALANYL-D-ALANINE CARBOXYPEPTIDASE'
2 non-polymer trihydroxy{(1S)-1-[(methylsulfonyl)amino]ethyl}borate(1-)
3 non-polymer 'SULFATE ION'
4 non-polymer 'MAGNESIUM ION'
5 water water
#
_entity_poly.entity_id   1
_entity_poly.type   'polypeptide(L)'
_entity_poly.pdbx_seq_one_letter_code
;RLTELREDIDAILEDPALEGAVSGVVVVDTATGEELYSRDGGEQLLPASNMKLFTAAAALEVLGADHSFGTEVAAESAPG
RRGEVQDLYLVGRGDPTLSAEDLDAMAAEVAASGVRTVRGDLYADDTWFDSERLVDDWWPEDEPYAYSAQISALTVAHGE
RFDTGVTEVSVTPAAEGEPADVDLGAAEGYAELDNRAVTGAAGSANTLVIDRPVGTNTIAVTGSLPADAAPVTALRTVDE
PAALAGHLFEEALESNGVTVKGDVGLGGVPADWQDAEVLADHTSAELSEILVPFMKFSNNGHAEMLVKSIGQETAGAGTW
DAGLVGVEEALSGLGVDTAGLVLNDGSGLSRGNLVTADTVVDLLGQAGSAPWAQTWSASLPVAGESDPFVGGTLANRMRG
TAAEGVVEAKTGTMSGVSALSGYVPGPEGELAFSIVNNGHSGPAPLAVQDAIAVRLAEYAGHQAPE
;
_entity_poly.pdbx_strand_id   A,B,C,D
#
# COMPACT_ATOMS: atom_id res chain seq x y z
N ARG A 1 -92.95 14.50 -15.52
CA ARG A 1 -91.68 13.83 -15.12
C ARG A 1 -90.66 13.83 -16.26
N LEU A 2 -89.38 13.66 -15.90
CA LEU A 2 -88.26 13.59 -16.85
C LEU A 2 -87.70 14.98 -17.18
N THR A 3 -88.59 15.93 -17.50
CA THR A 3 -88.20 17.32 -17.71
C THR A 3 -87.96 18.02 -16.38
N GLU A 4 -88.70 17.60 -15.36
CA GLU A 4 -88.53 18.16 -14.01
C GLU A 4 -87.08 17.95 -13.59
N LEU A 5 -86.56 16.75 -13.87
CA LEU A 5 -85.18 16.38 -13.52
C LEU A 5 -84.17 17.34 -14.13
N ARG A 6 -84.44 17.75 -15.36
CA ARG A 6 -83.62 18.72 -16.05
C ARG A 6 -83.56 20.03 -15.27
N GLU A 7 -84.72 20.70 -15.08
CA GLU A 7 -84.76 21.95 -14.31
C GLU A 7 -84.03 21.83 -12.96
N ASP A 8 -84.28 20.72 -12.26
CA ASP A 8 -83.68 20.51 -10.95
C ASP A 8 -82.16 20.53 -10.99
N ILE A 9 -81.58 19.80 -11.96
CA ILE A 9 -80.12 19.72 -12.11
C ILE A 9 -79.51 20.98 -12.74
N ASP A 10 -80.21 21.56 -13.71
CA ASP A 10 -79.84 22.86 -14.26
C ASP A 10 -79.67 23.89 -13.16
N ALA A 11 -80.65 23.94 -12.25
CA ALA A 11 -80.66 24.91 -11.15
C ALA A 11 -79.56 24.64 -10.13
N ILE A 12 -79.25 23.37 -9.92
CA ILE A 12 -78.22 22.98 -8.97
C ILE A 12 -76.89 23.48 -9.53
N LEU A 13 -76.74 23.44 -10.85
CA LEU A 13 -75.52 23.93 -11.49
C LEU A 13 -75.55 25.44 -11.79
N GLU A 14 -75.96 26.23 -10.79
CA GLU A 14 -75.92 27.69 -10.89
C GLU A 14 -75.11 28.26 -9.70
N ASP A 15 -74.84 27.41 -8.70
CA ASP A 15 -74.10 27.78 -7.49
C ASP A 15 -72.95 28.75 -7.79
N PRO A 16 -72.71 29.73 -6.88
CA PRO A 16 -71.53 30.62 -6.91
C PRO A 16 -70.18 29.89 -6.94
N ALA A 17 -70.13 28.63 -6.50
CA ALA A 17 -68.91 27.82 -6.59
C ALA A 17 -68.48 27.54 -8.05
N LEU A 18 -69.45 27.61 -8.97
CA LEU A 18 -69.24 27.33 -10.40
C LEU A 18 -68.87 28.60 -11.17
N GLU A 19 -68.38 29.61 -10.46
CA GLU A 19 -67.78 30.78 -11.10
C GLU A 19 -66.49 30.31 -11.79
N GLY A 20 -66.53 30.26 -13.12
CA GLY A 20 -65.34 30.00 -13.94
C GLY A 20 -64.81 28.58 -13.91
N ALA A 21 -65.70 27.65 -13.56
CA ALA A 21 -65.40 26.23 -13.58
C ALA A 21 -66.07 25.55 -14.75
N VAL A 22 -65.41 24.53 -15.28
CA VAL A 22 -66.02 23.65 -16.27
C VAL A 22 -66.58 22.41 -15.56
N SER A 23 -67.79 22.01 -15.93
CA SER A 23 -68.42 20.88 -15.26
C SER A 23 -69.01 19.92 -16.24
N GLY A 24 -68.50 18.70 -16.24
CA GLY A 24 -69.08 17.63 -17.06
C GLY A 24 -70.10 16.84 -16.27
N VAL A 25 -71.33 16.79 -16.78
CA VAL A 25 -72.43 16.14 -16.08
C VAL A 25 -73.21 15.25 -17.02
N VAL A 26 -73.07 13.94 -16.82
CA VAL A 26 -73.76 12.95 -17.66
C VAL A 26 -74.53 11.90 -16.84
N VAL A 27 -75.83 11.79 -17.10
CA VAL A 27 -76.69 10.81 -16.42
C VAL A 27 -77.38 9.91 -17.44
N VAL A 28 -77.25 8.60 -17.27
CA VAL A 28 -77.91 7.66 -18.16
C VAL A 28 -78.61 6.53 -17.42
N ASP A 29 -79.84 6.22 -17.86
CA ASP A 29 -80.62 5.09 -17.37
C ASP A 29 -80.14 3.80 -18.05
N THR A 30 -79.37 3.00 -17.31
CA THR A 30 -78.82 1.73 -17.81
C THR A 30 -79.86 0.91 -18.57
N ALA A 31 -80.95 0.57 -17.88
CA ALA A 31 -82.05 -0.21 -18.46
C ALA A 31 -82.52 0.29 -19.85
N THR A 32 -83.00 1.53 -19.93
CA THR A 32 -83.49 2.06 -21.21
C THR A 32 -82.40 2.51 -22.18
N GLY A 33 -81.18 2.75 -21.67
CA GLY A 33 -80.12 3.36 -22.50
C GLY A 33 -80.44 4.83 -22.81
N GLU A 34 -81.38 5.40 -22.04
CA GLU A 34 -81.78 6.79 -22.24
C GLU A 34 -80.79 7.82 -21.63
N GLU A 35 -80.47 8.83 -22.43
CA GLU A 35 -79.66 9.94 -21.98
C GLU A 35 -80.56 10.87 -21.21
N LEU A 36 -80.50 10.74 -19.89
CA LEU A 36 -81.36 11.50 -19.00
C LEU A 36 -80.94 12.94 -19.06
N TYR A 37 -79.66 13.15 -18.79
CA TYR A 37 -79.07 14.45 -18.72
C TYR A 37 -77.64 14.37 -19.28
N SER A 38 -77.29 15.34 -20.14
CA SER A 38 -75.91 15.50 -20.63
C SER A 38 -75.51 16.96 -20.81
N ARG A 39 -74.39 17.32 -20.20
CA ARG A 39 -73.84 18.66 -20.32
C ARG A 39 -72.32 18.51 -20.34
N ASP A 40 -71.73 18.98 -21.44
CA ASP A 40 -70.28 18.89 -21.63
C ASP A 40 -69.83 17.46 -21.39
N GLY A 41 -70.53 16.54 -22.04
CA GLY A 41 -70.22 15.12 -21.94
C GLY A 41 -68.90 14.74 -22.58
N GLY A 42 -68.55 15.45 -23.65
CA GLY A 42 -67.33 15.19 -24.45
C GLY A 42 -66.13 16.05 -24.08
N GLU A 43 -66.39 17.07 -23.25
CA GLU A 43 -65.36 17.97 -22.74
C GLU A 43 -64.28 17.22 -21.96
N GLN A 44 -63.03 17.64 -22.10
CA GLN A 44 -61.91 16.88 -21.58
C GLN A 44 -61.46 17.50 -20.28
N LEU A 45 -61.53 16.73 -19.20
CA LEU A 45 -61.27 17.22 -17.85
C LEU A 45 -60.36 16.29 -17.05
N LEU A 46 -59.57 16.85 -16.11
CA LEU A 46 -58.79 16.02 -15.17
C LEU A 46 -59.75 15.32 -14.20
N PRO A 47 -59.63 13.99 -14.09
CA PRO A 47 -60.57 13.14 -13.33
C PRO A 47 -60.29 13.09 -11.86
N ALA A 48 -59.06 13.41 -11.48
CA ALA A 48 -58.50 13.07 -10.17
C ALA A 48 -58.76 11.58 -9.89
N SER A 49 -59.28 11.23 -8.73
CA SER A 49 -59.36 9.83 -8.36
C SER A 49 -60.41 9.03 -9.08
N ASN A 50 -61.10 9.62 -10.04
CA ASN A 50 -61.96 8.86 -10.93
C ASN A 50 -61.14 8.06 -11.98
N MET A 51 -59.84 8.30 -12.04
CA MET A 51 -58.93 7.48 -12.87
C MET A 51 -58.82 6.06 -12.27
N LYS A 52 -59.17 5.96 -10.99
CA LYS A 52 -59.15 4.70 -10.29
C LYS A 52 -60.19 3.75 -10.81
N LEU A 53 -61.30 4.30 -11.33
CA LEU A 53 -62.32 3.48 -11.99
C LEU A 53 -61.65 2.70 -13.08
N PHE A 54 -61.00 3.40 -14.00
CA PHE A 54 -60.33 2.76 -15.15
C PHE A 54 -59.28 1.69 -14.76
N THR A 55 -58.33 2.08 -13.92
CA THR A 55 -57.30 1.22 -13.36
C THR A 55 -57.88 -0.03 -12.71
N ALA A 56 -59.03 0.12 -12.04
CA ALA A 56 -59.69 -0.98 -11.33
C ALA A 56 -60.43 -1.92 -12.29
N ALA A 57 -61.15 -1.37 -13.26
CA ALA A 57 -61.81 -2.21 -14.26
C ALA A 57 -60.76 -2.93 -15.12
N ALA A 58 -59.66 -2.24 -15.39
CA ALA A 58 -58.56 -2.86 -16.13
C ALA A 58 -57.76 -3.93 -15.34
N ALA A 59 -57.62 -3.75 -14.01
CA ALA A 59 -56.88 -4.72 -13.19
C ALA A 59 -57.70 -6.01 -13.17
N LEU A 60 -59.01 -5.84 -13.28
CA LEU A 60 -59.89 -6.98 -13.28
C LEU A 60 -59.69 -7.73 -14.61
N GLU A 61 -60.15 -7.16 -15.73
CA GLU A 61 -59.81 -7.70 -17.07
C GLU A 61 -58.45 -8.43 -17.16
N VAL A 62 -57.36 -7.68 -17.05
CA VAL A 62 -55.99 -8.14 -17.22
C VAL A 62 -55.53 -9.12 -16.12
N LEU A 63 -55.81 -8.84 -14.84
CA LEU A 63 -55.30 -9.69 -13.74
C LEU A 63 -56.25 -10.81 -13.19
N GLY A 64 -57.54 -10.59 -13.33
CA GLY A 64 -58.56 -11.56 -12.89
C GLY A 64 -58.96 -11.34 -11.43
N ALA A 65 -60.26 -11.41 -11.16
CA ALA A 65 -60.81 -11.31 -9.79
C ALA A 65 -59.99 -12.09 -8.75
N ASP A 66 -59.39 -13.19 -9.19
CA ASP A 66 -58.81 -14.21 -8.31
C ASP A 66 -57.29 -14.14 -8.23
N HIS A 67 -56.73 -13.07 -8.78
CA HIS A 67 -55.29 -12.90 -8.83
C HIS A 67 -54.74 -12.61 -7.44
N SER A 68 -53.73 -13.36 -7.04
CA SER A 68 -53.08 -13.09 -5.78
C SER A 68 -51.59 -12.88 -5.97
N PHE A 69 -51.00 -12.05 -5.11
CA PHE A 69 -49.56 -11.70 -5.17
C PHE A 69 -48.74 -12.53 -4.19
N GLY A 70 -47.55 -12.97 -4.59
CA GLY A 70 -46.70 -13.74 -3.68
C GLY A 70 -45.34 -13.16 -3.33
N THR A 71 -44.97 -13.23 -2.05
CA THR A 71 -43.60 -12.88 -1.60
C THR A 71 -42.72 -14.14 -1.37
N GLU A 72 -41.45 -14.08 -1.77
CA GLU A 72 -40.55 -15.20 -1.58
C GLU A 72 -39.21 -14.80 -0.99
N VAL A 73 -38.68 -15.65 -0.12
CA VAL A 73 -37.34 -15.48 0.46
C VAL A 73 -36.42 -16.59 -0.03
N ALA A 74 -35.29 -16.21 -0.63
CA ALA A 74 -34.42 -17.18 -1.21
C ALA A 74 -32.99 -17.15 -0.64
N ALA A 75 -32.35 -18.32 -0.69
CA ALA A 75 -30.92 -18.42 -0.49
C ALA A 75 -30.44 -19.33 -1.61
N GLU A 76 -29.11 -19.44 -1.78
CA GLU A 76 -28.54 -20.16 -2.94
C GLU A 76 -28.62 -21.67 -2.76
N SER A 77 -28.67 -22.10 -1.50
CA SER A 77 -28.92 -23.50 -1.16
C SER A 77 -29.74 -23.59 0.11
N ALA A 78 -30.27 -24.79 0.38
CA ALA A 78 -30.98 -25.04 1.64
C ALA A 78 -29.96 -25.13 2.78
N PRO A 79 -30.39 -24.86 4.02
CA PRO A 79 -29.47 -25.06 5.14
C PRO A 79 -29.30 -26.56 5.42
N GLY A 80 -28.06 -26.96 5.70
CA GLY A 80 -27.77 -28.37 5.87
C GLY A 80 -27.73 -28.81 7.32
N ARG A 81 -26.53 -29.16 7.76
CA ARG A 81 -26.27 -29.64 9.11
C ARG A 81 -26.13 -28.40 10.00
N ARG A 82 -25.10 -27.60 9.70
CA ARG A 82 -24.72 -26.44 10.53
C ARG A 82 -25.76 -25.32 10.55
N GLY A 83 -26.79 -25.45 9.72
CA GLY A 83 -27.84 -24.44 9.60
C GLY A 83 -27.23 -23.10 9.26
N GLU A 84 -26.49 -23.06 8.16
CA GLU A 84 -25.89 -21.84 7.63
C GLU A 84 -26.30 -21.57 6.18
N VAL A 85 -26.95 -20.44 5.93
CA VAL A 85 -27.04 -19.91 4.56
C VAL A 85 -26.09 -18.73 4.38
N GLN A 86 -25.83 -18.35 3.13
CA GLN A 86 -25.03 -17.17 2.81
C GLN A 86 -25.97 -15.95 2.63
N ASP A 87 -25.94 -15.29 1.47
CA ASP A 87 -26.87 -14.19 1.18
C ASP A 87 -28.30 -14.71 1.18
N LEU A 88 -29.21 -13.88 1.70
CA LEU A 88 -30.61 -14.21 1.77
C LEU A 88 -31.38 -13.13 1.05
N TYR A 89 -32.27 -13.53 0.15
CA TYR A 89 -32.94 -12.55 -0.71
C TYR A 89 -34.37 -12.48 -0.38
N LEU A 90 -34.84 -11.29 -0.02
CA LEU A 90 -36.28 -11.07 0.15
C LEU A 90 -36.90 -10.62 -1.17
N VAL A 91 -37.60 -11.55 -1.82
CA VAL A 91 -38.12 -11.30 -3.16
C VAL A 91 -39.64 -11.09 -3.18
N GLY A 92 -40.01 -9.81 -3.29
CA GLY A 92 -41.40 -9.39 -3.41
C GLY A 92 -41.86 -9.41 -4.84
N ARG A 93 -43.14 -9.73 -5.05
CA ARG A 93 -43.73 -9.67 -6.39
C ARG A 93 -45.07 -8.94 -6.47
N GLY A 94 -45.04 -7.65 -6.09
CA GLY A 94 -46.11 -6.71 -6.31
C GLY A 94 -47.26 -6.79 -5.33
N ASP A 95 -46.97 -7.23 -4.09
CA ASP A 95 -47.97 -7.35 -3.00
C ASP A 95 -48.33 -6.01 -2.33
N PRO A 96 -49.60 -5.60 -2.48
CA PRO A 96 -50.02 -4.33 -1.92
C PRO A 96 -50.48 -4.43 -0.47
N THR A 97 -50.57 -5.66 0.05
CA THR A 97 -51.20 -5.94 1.33
C THR A 97 -50.23 -6.68 2.26
N LEU A 98 -48.96 -6.28 2.17
CA LEU A 98 -47.89 -6.96 2.87
C LEU A 98 -47.54 -6.29 4.20
N SER A 99 -47.94 -6.94 5.29
CA SER A 99 -47.74 -6.43 6.64
C SER A 99 -46.42 -6.89 7.31
N ALA A 100 -46.12 -6.39 8.51
CA ALA A 100 -44.97 -6.87 9.27
C ALA A 100 -45.30 -8.22 9.92
N GLU A 101 -46.60 -8.51 10.05
CA GLU A 101 -47.05 -9.80 10.56
C GLU A 101 -46.71 -10.91 9.55
N ASP A 102 -46.74 -10.56 8.26
CA ASP A 102 -46.36 -11.53 7.22
C ASP A 102 -44.85 -11.80 7.16
N LEU A 103 -44.03 -10.78 7.39
CA LEU A 103 -42.56 -10.92 7.45
C LEU A 103 -42.16 -11.77 8.66
N ASP A 104 -42.82 -11.55 9.79
CA ASP A 104 -42.70 -12.45 10.94
C ASP A 104 -42.98 -13.91 10.55
N ALA A 105 -44.20 -14.20 10.06
CA ALA A 105 -44.57 -15.53 9.56
C ALA A 105 -43.58 -16.09 8.50
N MET A 106 -43.01 -15.23 7.67
CA MET A 106 -41.93 -15.68 6.81
C MET A 106 -40.59 -15.88 7.58
N ALA A 107 -40.36 -15.09 8.64
CA ALA A 107 -39.17 -15.28 9.45
C ALA A 107 -39.31 -16.53 10.32
N ALA A 108 -40.57 -16.87 10.64
CA ALA A 108 -40.91 -18.11 11.34
C ALA A 108 -40.53 -19.32 10.48
N GLU A 109 -40.83 -19.24 9.17
CA GLU A 109 -40.53 -20.32 8.21
C GLU A 109 -39.03 -20.48 7.90
N VAL A 110 -38.29 -19.37 7.98
CA VAL A 110 -36.87 -19.37 7.69
C VAL A 110 -36.14 -20.17 8.78
N ALA A 111 -36.39 -19.80 10.04
CA ALA A 111 -35.97 -20.62 11.20
C ALA A 111 -36.37 -22.12 11.10
N ALA A 112 -37.66 -22.39 10.82
CA ALA A 112 -38.20 -23.77 10.83
C ALA A 112 -37.73 -24.65 9.66
N SER A 113 -37.19 -24.00 8.63
CA SER A 113 -36.56 -24.69 7.51
C SER A 113 -35.08 -24.98 7.84
N GLY A 114 -34.60 -24.47 8.97
CA GLY A 114 -33.29 -24.86 9.48
C GLY A 114 -32.18 -23.83 9.44
N VAL A 115 -32.49 -22.63 9.00
CA VAL A 115 -31.47 -21.60 9.00
C VAL A 115 -31.36 -21.04 10.42
N ARG A 116 -30.13 -20.86 10.90
CA ARG A 116 -29.92 -20.29 12.23
C ARG A 116 -28.97 -19.12 12.12
N THR A 117 -28.20 -19.12 11.03
CA THR A 117 -27.19 -18.10 10.77
C THR A 117 -27.11 -17.77 9.29
N VAL A 118 -27.57 -16.57 8.94
CA VAL A 118 -27.35 -15.93 7.63
C VAL A 118 -25.96 -15.32 7.69
N ARG A 119 -25.01 -16.08 7.18
CA ARG A 119 -23.61 -15.72 7.21
C ARG A 119 -23.31 -14.50 6.28
N GLY A 120 -24.06 -14.38 5.20
CA GLY A 120 -23.87 -13.24 4.28
C GLY A 120 -24.87 -12.12 4.55
N ASP A 121 -25.04 -11.27 3.56
CA ASP A 121 -25.98 -10.16 3.66
C ASP A 121 -27.42 -10.57 3.29
N LEU A 122 -28.37 -9.89 3.93
CA LEU A 122 -29.79 -10.00 3.61
C LEU A 122 -30.17 -8.92 2.59
N TYR A 123 -30.77 -9.34 1.48
CA TYR A 123 -30.96 -8.46 0.34
C TYR A 123 -32.43 -8.29 -0.04
N ALA A 124 -32.75 -7.10 -0.50
CA ALA A 124 -34.10 -6.77 -0.92
C ALA A 124 -34.22 -6.73 -2.45
N ASP A 125 -34.95 -7.72 -2.97
CA ASP A 125 -35.17 -7.89 -4.41
C ASP A 125 -36.58 -7.49 -4.78
N ASP A 126 -36.72 -6.23 -5.21
CA ASP A 126 -37.97 -5.66 -5.75
C ASP A 126 -37.90 -5.44 -7.27
N THR A 127 -37.02 -6.18 -7.94
CA THR A 127 -36.79 -6.01 -9.37
C THR A 127 -38.03 -6.35 -10.27
N TRP A 128 -39.06 -6.94 -9.68
CA TRP A 128 -40.28 -7.34 -10.35
C TRP A 128 -40.99 -6.14 -11.00
N PHE A 129 -40.83 -4.97 -10.39
CA PHE A 129 -41.23 -3.70 -10.98
C PHE A 129 -39.94 -2.97 -11.33
N ASP A 130 -40.01 -1.92 -12.14
CA ASP A 130 -38.85 -1.05 -12.33
C ASP A 130 -38.54 -0.23 -11.09
N SER A 131 -37.34 0.32 -11.02
CA SER A 131 -36.96 1.18 -9.90
C SER A 131 -37.48 2.61 -10.05
N GLU A 132 -38.45 2.84 -10.94
CA GLU A 132 -39.04 4.18 -11.12
C GLU A 132 -40.18 4.33 -10.12
N ARG A 133 -39.92 5.18 -9.13
CA ARG A 133 -40.67 5.20 -7.87
C ARG A 133 -41.91 6.13 -7.89
N LEU A 134 -41.80 7.22 -8.65
CA LEU A 134 -42.82 8.27 -8.73
C LEU A 134 -43.02 8.58 -10.20
N VAL A 135 -44.29 8.74 -10.62
CA VAL A 135 -44.61 9.23 -11.98
C VAL A 135 -44.02 10.61 -12.25
N ASP A 136 -43.73 10.84 -13.53
CA ASP A 136 -43.03 12.02 -14.02
C ASP A 136 -43.46 13.35 -13.40
N ASP A 137 -44.76 13.57 -13.29
CA ASP A 137 -45.27 14.88 -12.91
C ASP A 137 -45.85 15.02 -11.51
N TRP A 138 -45.68 14.03 -10.65
CA TRP A 138 -46.06 14.17 -9.25
C TRP A 138 -45.17 15.24 -8.56
N TRP A 139 -45.63 15.81 -7.46
CA TRP A 139 -44.89 16.94 -6.91
C TRP A 139 -43.91 16.59 -5.79
N PRO A 140 -42.70 17.15 -5.84
CA PRO A 140 -41.70 16.83 -4.79
C PRO A 140 -42.17 17.26 -3.40
N GLU A 141 -43.11 18.19 -3.33
CA GLU A 141 -43.68 18.61 -2.05
C GLU A 141 -44.73 17.61 -1.50
N ASP A 142 -45.29 16.78 -2.40
CA ASP A 142 -46.19 15.69 -2.02
C ASP A 142 -45.45 14.48 -1.41
N GLU A 143 -44.15 14.36 -1.69
CA GLU A 143 -43.40 13.14 -1.41
C GLU A 143 -43.61 12.54 0.00
N PRO A 144 -43.50 13.36 1.05
CA PRO A 144 -43.57 12.81 2.41
C PRO A 144 -44.83 11.97 2.77
N TYR A 145 -45.93 12.10 2.01
CA TYR A 145 -47.27 11.68 2.48
C TYR A 145 -47.85 10.44 1.78
N ALA A 146 -48.67 9.69 2.51
CA ALA A 146 -49.18 8.38 2.11
C ALA A 146 -49.65 8.27 0.69
N TYR A 147 -50.20 9.35 0.15
CA TYR A 147 -50.76 9.32 -1.19
C TYR A 147 -49.67 9.46 -2.25
N SER A 148 -48.51 9.96 -1.84
CA SER A 148 -47.35 10.12 -2.73
C SER A 148 -46.22 9.16 -2.34
N ALA A 149 -46.58 8.09 -1.62
CA ALA A 149 -45.62 7.03 -1.27
C ALA A 149 -45.05 6.34 -2.51
N GLN A 150 -43.75 6.00 -2.44
CA GLN A 150 -42.99 5.43 -3.58
C GLN A 150 -43.52 4.10 -4.05
N ILE A 151 -43.23 3.77 -5.30
CA ILE A 151 -43.73 2.52 -5.86
C ILE A 151 -42.58 1.54 -6.05
N SER A 152 -42.80 0.33 -5.50
CA SER A 152 -41.82 -0.76 -5.43
C SER A 152 -42.59 -2.07 -5.54
N ALA A 153 -41.89 -3.14 -5.87
CA ALA A 153 -42.46 -4.48 -5.84
C ALA A 153 -42.44 -4.97 -4.41
N LEU A 154 -41.45 -4.50 -3.65
CA LEU A 154 -41.31 -4.84 -2.24
C LEU A 154 -41.62 -3.67 -1.29
N THR A 155 -42.88 -3.59 -0.92
CA THR A 155 -43.32 -2.57 0.01
C THR A 155 -44.06 -3.12 1.25
N VAL A 156 -43.80 -2.49 2.40
CA VAL A 156 -44.58 -2.76 3.60
C VAL A 156 -45.84 -1.88 3.73
N ALA A 157 -46.98 -2.55 3.65
CA ALA A 157 -48.32 -2.02 3.82
C ALA A 157 -48.69 -1.88 5.31
N HIS A 158 -49.19 -0.72 5.70
CA HIS A 158 -49.58 -0.45 7.13
C HIS A 158 -51.10 -0.51 7.31
N GLY A 159 -51.53 -0.72 8.55
CA GLY A 159 -52.95 -0.82 8.90
C GLY A 159 -53.76 -1.80 8.06
N GLU A 160 -55.05 -1.85 8.34
CA GLU A 160 -55.98 -2.73 7.63
C GLU A 160 -56.42 -2.04 6.39
N ARG A 161 -55.93 -0.82 6.20
CA ARG A 161 -56.18 -0.06 4.99
C ARG A 161 -55.12 -0.37 3.94
N PHE A 162 -53.97 -0.89 4.39
CA PHE A 162 -52.85 -1.27 3.51
C PHE A 162 -52.31 -0.03 2.79
N ASP A 163 -51.68 0.79 3.59
CA ASP A 163 -51.10 2.02 3.11
C ASP A 163 -49.64 1.65 2.96
N THR A 164 -49.18 1.66 1.72
CA THR A 164 -47.88 1.12 1.35
C THR A 164 -46.78 2.17 1.47
N GLY A 165 -45.55 1.73 1.65
CA GLY A 165 -44.38 2.62 1.61
C GLY A 165 -44.31 3.69 2.69
N VAL A 166 -45.05 3.44 3.77
CA VAL A 166 -45.15 4.38 4.90
C VAL A 166 -44.90 3.76 6.28
N THR A 167 -44.38 4.59 7.17
CA THR A 167 -44.29 4.24 8.56
C THR A 167 -45.15 5.21 9.38
N GLU A 168 -45.90 4.72 10.37
CA GLU A 168 -46.61 5.60 11.32
C GLU A 168 -45.69 6.23 12.40
N VAL A 169 -45.47 7.54 12.26
CA VAL A 169 -44.77 8.30 13.28
C VAL A 169 -45.72 8.62 14.44
N SER A 170 -45.20 8.58 15.66
CA SER A 170 -45.99 8.89 16.85
C SER A 170 -45.26 9.96 17.66
N VAL A 171 -45.98 11.02 17.97
CA VAL A 171 -45.41 12.07 18.77
C VAL A 171 -46.21 12.23 20.05
N THR A 172 -45.83 11.49 21.08
CA THR A 172 -46.40 11.65 22.41
C THR A 172 -45.73 12.85 23.08
N PRO A 173 -46.50 13.68 23.78
CA PRO A 173 -45.89 14.82 24.47
C PRO A 173 -45.37 14.42 25.85
N ALA A 174 -44.49 15.25 26.40
CA ALA A 174 -43.86 15.03 27.70
C ALA A 174 -44.18 16.22 28.62
N ALA A 175 -43.16 16.78 29.28
CA ALA A 175 -43.34 17.96 30.16
C ALA A 175 -43.04 19.28 29.44
N GLU A 176 -43.59 20.37 29.97
CA GLU A 176 -43.34 21.69 29.40
C GLU A 176 -41.86 22.00 29.31
N GLY A 177 -41.43 22.30 28.09
CA GLY A 177 -40.05 22.72 27.84
C GLY A 177 -39.15 21.58 27.43
N GLU A 178 -39.57 20.35 27.75
CA GLU A 178 -38.85 19.15 27.35
C GLU A 178 -39.18 18.84 25.91
N PRO A 179 -38.23 18.18 25.19
CA PRO A 179 -38.57 17.71 23.85
C PRO A 179 -39.54 16.54 23.97
N ALA A 180 -40.41 16.39 22.98
CA ALA A 180 -41.42 15.35 22.97
C ALA A 180 -40.78 14.08 22.53
N ASP A 181 -41.41 12.96 22.88
CA ASP A 181 -41.00 11.65 22.39
C ASP A 181 -41.51 11.41 20.98
N VAL A 182 -40.57 11.34 20.03
CA VAL A 182 -40.85 10.91 18.66
C VAL A 182 -40.46 9.45 18.41
N ASP A 183 -41.41 8.73 17.86
CA ASP A 183 -41.41 7.31 17.64
C ASP A 183 -41.54 7.14 16.12
N LEU A 184 -40.50 6.65 15.43
CA LEU A 184 -40.56 6.54 13.95
C LEU A 184 -41.29 5.28 13.38
N GLY A 185 -41.93 4.48 14.23
CA GLY A 185 -42.66 3.31 13.75
C GLY A 185 -41.79 2.18 13.22
N ALA A 186 -42.23 1.50 12.15
CA ALA A 186 -41.46 0.44 11.48
C ALA A 186 -40.05 0.87 11.03
N ALA A 187 -39.97 2.08 10.47
CA ALA A 187 -38.71 2.67 10.01
C ALA A 187 -37.71 3.07 11.10
N GLU A 188 -38.02 2.76 12.36
CA GLU A 188 -37.06 2.85 13.46
C GLU A 188 -35.84 2.05 13.07
N GLY A 189 -34.69 2.72 13.04
CA GLY A 189 -33.41 2.08 12.72
C GLY A 189 -33.10 2.05 11.23
N TYR A 190 -34.12 2.34 10.42
CA TYR A 190 -33.93 2.52 8.98
C TYR A 190 -33.83 3.99 8.64
N ALA A 191 -34.80 4.77 9.11
CA ALA A 191 -34.83 6.18 8.78
C ALA A 191 -34.15 6.98 9.87
N GLU A 192 -33.45 8.01 9.46
CA GLU A 192 -32.98 9.08 10.35
C GLU A 192 -34.09 9.88 11.12
N LEU A 193 -33.76 10.31 12.34
CA LEU A 193 -34.63 11.22 13.09
C LEU A 193 -33.97 12.58 13.30
N ASP A 194 -34.69 13.63 12.93
CA ASP A 194 -34.26 14.99 13.25
C ASP A 194 -35.29 15.70 14.16
N ASN A 195 -35.35 15.30 15.42
CA ASN A 195 -36.37 15.76 16.34
C ASN A 195 -36.03 17.13 16.91
N ARG A 196 -36.70 18.17 16.43
CA ARG A 196 -36.50 19.50 16.99
C ARG A 196 -37.73 19.99 17.74
N ALA A 197 -38.76 19.14 17.76
CA ALA A 197 -40.03 19.44 18.41
C ALA A 197 -39.88 19.48 19.92
N VAL A 198 -40.67 20.36 20.54
CA VAL A 198 -40.65 20.60 22.00
C VAL A 198 -42.07 20.41 22.58
N THR A 199 -42.16 20.02 23.86
CA THR A 199 -43.46 19.94 24.53
C THR A 199 -43.73 21.30 25.17
N GLY A 200 -44.76 21.97 24.65
CA GLY A 200 -45.18 23.32 25.11
C GLY A 200 -46.03 23.30 26.36
N ALA A 201 -46.50 24.48 26.78
CA ALA A 201 -47.37 24.58 27.96
C ALA A 201 -48.75 23.95 27.71
N ALA A 202 -49.54 23.80 28.78
CA ALA A 202 -50.87 23.17 28.68
C ALA A 202 -51.85 24.02 27.84
N GLY A 203 -52.54 23.38 26.89
CA GLY A 203 -53.50 24.09 26.02
C GLY A 203 -52.91 25.12 25.06
N SER A 204 -51.58 25.10 24.88
CA SER A 204 -50.85 26.02 24.02
C SER A 204 -51.05 25.70 22.55
N ALA A 205 -50.55 26.60 21.70
CA ALA A 205 -50.56 26.44 20.25
C ALA A 205 -49.99 25.09 19.80
N ASN A 206 -50.76 24.32 19.02
CA ASN A 206 -50.22 23.11 18.36
C ASN A 206 -49.72 23.40 16.95
N THR A 207 -48.40 23.38 16.81
CA THR A 207 -47.74 23.71 15.55
C THR A 207 -46.74 22.64 15.19
N LEU A 208 -47.10 21.40 15.44
CA LEU A 208 -46.17 20.31 15.26
C LEU A 208 -46.09 19.95 13.78
N VAL A 209 -44.86 19.86 13.26
CA VAL A 209 -44.64 19.48 11.87
C VAL A 209 -43.82 18.20 11.85
N ILE A 210 -44.34 17.19 11.14
CA ILE A 210 -43.64 15.93 10.88
C ILE A 210 -43.41 15.91 9.37
N ASP A 211 -42.14 15.97 8.96
CA ASP A 211 -41.80 16.07 7.54
C ASP A 211 -40.66 15.10 7.20
N ARG A 212 -40.58 14.66 5.94
CA ARG A 212 -39.36 14.04 5.36
C ARG A 212 -38.80 14.85 4.18
N PRO A 213 -37.70 15.63 4.39
CA PRO A 213 -37.17 16.55 3.36
C PRO A 213 -36.77 15.82 2.09
N VAL A 214 -37.04 16.46 0.94
CA VAL A 214 -36.86 15.85 -0.40
C VAL A 214 -35.48 15.23 -0.58
N GLY A 215 -35.46 14.05 -1.18
CA GLY A 215 -34.20 13.35 -1.44
C GLY A 215 -33.44 12.90 -0.20
N THR A 216 -34.00 13.12 0.99
CA THR A 216 -33.45 12.56 2.24
C THR A 216 -34.34 11.45 2.84
N ASN A 217 -33.74 10.60 3.65
CA ASN A 217 -34.48 9.56 4.39
C ASN A 217 -34.59 9.93 5.88
N THR A 218 -34.68 11.23 6.14
CA THR A 218 -34.67 11.85 7.47
C THR A 218 -36.05 12.33 7.91
N ILE A 219 -36.53 11.87 9.06
CA ILE A 219 -37.81 12.34 9.59
C ILE A 219 -37.55 13.53 10.50
N ALA A 220 -37.79 14.71 9.94
CA ALA A 220 -37.48 15.98 10.59
C ALA A 220 -38.75 16.47 11.23
N VAL A 221 -38.74 16.46 12.56
CA VAL A 221 -39.90 16.87 13.29
C VAL A 221 -39.65 18.22 13.93
N THR A 222 -40.61 19.11 13.75
CA THR A 222 -40.47 20.47 14.23
C THR A 222 -41.75 20.91 14.89
N GLY A 223 -41.65 22.07 15.55
CA GLY A 223 -42.81 22.78 16.05
C GLY A 223 -42.91 22.60 17.54
N SER A 224 -44.16 22.56 18.03
CA SER A 224 -44.43 22.43 19.45
C SER A 224 -45.67 21.59 19.63
N LEU A 225 -45.71 20.84 20.73
CA LEU A 225 -46.87 20.06 21.12
C LEU A 225 -47.18 20.36 22.57
N PRO A 226 -48.45 20.71 22.85
CA PRO A 226 -48.89 20.99 24.21
C PRO A 226 -48.69 19.78 25.13
N ALA A 227 -48.48 20.06 26.41
CA ALA A 227 -48.41 19.04 27.45
C ALA A 227 -49.71 18.22 27.59
N ASP A 228 -50.85 18.83 27.22
CA ASP A 228 -52.15 18.20 27.43
C ASP A 228 -52.70 17.60 26.15
N ALA A 229 -52.00 17.81 25.06
CA ALA A 229 -52.49 17.41 23.74
C ALA A 229 -52.66 15.90 23.64
N ALA A 230 -53.67 15.46 22.89
CA ALA A 230 -53.82 14.03 22.58
C ALA A 230 -52.65 13.62 21.69
N PRO A 231 -51.80 12.68 22.17
CA PRO A 231 -50.68 12.12 21.40
C PRO A 231 -50.96 11.98 19.90
N VAL A 232 -50.00 12.38 19.07
CA VAL A 232 -50.17 12.51 17.62
C VAL A 232 -49.61 11.31 16.87
N THR A 233 -50.37 10.84 15.87
CA THR A 233 -49.88 9.83 14.95
C THR A 233 -50.14 10.24 13.50
N ALA A 234 -49.15 10.03 12.62
CA ALA A 234 -49.20 10.50 11.25
C ALA A 234 -48.38 9.65 10.27
N LEU A 235 -48.96 9.28 9.12
CA LEU A 235 -48.24 8.52 8.08
C LEU A 235 -47.22 9.35 7.25
N ARG A 236 -45.97 8.90 7.30
CA ARG A 236 -44.90 9.47 6.49
C ARG A 236 -44.23 8.37 5.65
N THR A 237 -43.74 8.76 4.48
CA THR A 237 -43.08 7.83 3.54
C THR A 237 -41.60 7.69 3.88
N VAL A 238 -41.00 6.58 3.40
CA VAL A 238 -39.55 6.36 3.47
C VAL A 238 -38.96 6.38 2.08
N ASP A 239 -37.67 6.70 1.98
CA ASP A 239 -36.97 6.53 0.72
C ASP A 239 -36.69 5.04 0.61
N GLU A 240 -36.89 4.48 -0.59
CA GLU A 240 -36.70 3.04 -0.89
C GLU A 240 -37.48 2.06 0.01
N PRO A 241 -38.76 1.82 -0.34
CA PRO A 241 -39.67 0.98 0.44
C PRO A 241 -39.11 -0.41 0.74
N ALA A 242 -38.48 -1.05 -0.26
CA ALA A 242 -37.97 -2.42 -0.12
C ALA A 242 -36.83 -2.53 0.89
N ALA A 243 -36.07 -1.43 1.02
CA ALA A 243 -34.93 -1.36 1.94
C ALA A 243 -35.43 -1.30 3.36
N LEU A 244 -36.62 -0.71 3.53
CA LEU A 244 -37.28 -0.79 4.79
C LEU A 244 -37.81 -2.23 5.02
N ALA A 245 -38.49 -2.81 4.03
CA ALA A 245 -39.00 -4.19 4.15
C ALA A 245 -37.83 -5.16 4.42
N GLY A 246 -36.64 -4.77 3.94
CA GLY A 246 -35.39 -5.47 4.22
C GLY A 246 -35.10 -5.39 5.70
N HIS A 247 -34.87 -4.16 6.16
CA HIS A 247 -34.69 -3.86 7.60
C HIS A 247 -35.72 -4.52 8.51
N LEU A 248 -36.98 -4.52 8.10
CA LEU A 248 -38.03 -5.09 8.92
C LEU A 248 -37.98 -6.62 8.96
N PHE A 249 -37.60 -7.22 7.84
CA PHE A 249 -37.41 -8.67 7.79
C PHE A 249 -36.13 -9.09 8.49
N GLU A 250 -35.15 -8.19 8.46
CA GLU A 250 -33.99 -8.26 9.36
C GLU A 250 -34.45 -8.54 10.79
N GLU A 251 -35.18 -7.58 11.37
CA GLU A 251 -35.71 -7.68 12.74
C GLU A 251 -36.44 -9.00 12.96
N ALA A 252 -37.29 -9.40 12.02
CA ALA A 252 -38.05 -10.65 12.11
C ALA A 252 -37.17 -11.90 12.38
N LEU A 253 -36.08 -12.02 11.62
CA LEU A 253 -35.20 -13.18 11.73
C LEU A 253 -34.47 -13.18 13.06
N GLU A 254 -33.86 -12.04 13.41
CA GLU A 254 -33.33 -11.79 14.76
C GLU A 254 -34.31 -12.25 15.84
N SER A 255 -35.61 -12.06 15.57
CA SER A 255 -36.66 -12.41 16.49
C SER A 255 -36.95 -13.91 16.45
N ASN A 256 -37.14 -14.47 15.24
CA ASN A 256 -37.53 -15.88 15.10
C ASN A 256 -36.41 -16.91 15.35
N GLY A 257 -35.27 -16.42 15.84
CA GLY A 257 -34.13 -17.26 16.18
C GLY A 257 -33.14 -17.41 15.05
N VAL A 258 -32.91 -16.34 14.28
CA VAL A 258 -31.91 -16.35 13.21
C VAL A 258 -30.95 -15.14 13.33
N THR A 259 -29.68 -15.45 13.62
CA THR A 259 -28.61 -14.47 13.69
C THR A 259 -28.25 -14.05 12.26
N VAL A 260 -28.22 -12.75 12.01
CA VAL A 260 -27.86 -12.26 10.67
C VAL A 260 -26.52 -11.52 10.74
N LYS A 261 -25.54 -11.99 9.97
CA LYS A 261 -24.15 -11.60 10.18
C LYS A 261 -23.65 -10.41 9.35
N GLY A 262 -24.35 -10.12 8.24
CA GLY A 262 -23.94 -9.08 7.31
C GLY A 262 -24.87 -7.90 7.27
N ASP A 263 -24.61 -6.98 6.36
CA ASP A 263 -25.45 -5.79 6.20
C ASP A 263 -26.76 -6.10 5.48
N VAL A 264 -27.66 -5.12 5.49
CA VAL A 264 -28.93 -5.17 4.75
C VAL A 264 -28.86 -4.14 3.60
N GLY A 265 -29.23 -4.58 2.41
CA GLY A 265 -29.17 -3.70 1.24
C GLY A 265 -30.17 -4.11 0.19
N LEU A 266 -30.31 -3.24 -0.82
CA LEU A 266 -31.10 -3.55 -2.00
C LEU A 266 -30.25 -4.46 -2.91
N GLY A 267 -30.91 -5.44 -3.53
CA GLY A 267 -30.24 -6.39 -4.40
C GLY A 267 -31.20 -7.38 -5.04
N GLY A 268 -30.87 -7.82 -6.25
CA GLY A 268 -31.71 -8.78 -6.94
C GLY A 268 -31.02 -10.12 -6.99
N VAL A 269 -31.80 -11.20 -6.85
CA VAL A 269 -31.25 -12.56 -6.93
C VAL A 269 -30.25 -12.53 -8.08
N PRO A 270 -28.98 -12.96 -7.83
CA PRO A 270 -27.99 -12.94 -8.92
C PRO A 270 -28.34 -13.94 -10.03
N ALA A 271 -27.97 -13.60 -11.27
CA ALA A 271 -28.23 -14.45 -12.44
C ALA A 271 -27.45 -15.78 -12.40
N ASP A 272 -26.27 -15.75 -11.78
CA ASP A 272 -25.40 -16.93 -11.59
C ASP A 272 -26.01 -18.04 -10.71
N TRP A 273 -26.99 -17.68 -9.87
CA TRP A 273 -27.74 -18.65 -9.04
C TRP A 273 -28.58 -19.57 -9.93
N GLN A 274 -28.35 -20.87 -9.82
CA GLN A 274 -28.90 -21.80 -10.77
C GLN A 274 -30.25 -22.30 -10.26
N ASP A 275 -30.22 -23.13 -9.22
CA ASP A 275 -31.44 -23.66 -8.60
C ASP A 275 -31.56 -23.12 -7.19
N ALA A 276 -32.25 -21.98 -7.06
CA ALA A 276 -32.49 -21.33 -5.77
C ALA A 276 -33.35 -22.20 -4.85
N GLU A 277 -33.06 -22.11 -3.56
CA GLU A 277 -33.88 -22.77 -2.56
C GLU A 277 -34.76 -21.73 -1.87
N VAL A 278 -36.06 -21.82 -2.14
CA VAL A 278 -37.05 -20.90 -1.62
C VAL A 278 -37.46 -21.33 -0.19
N LEU A 279 -37.07 -20.52 0.80
CA LEU A 279 -37.21 -20.90 2.23
C LEU A 279 -38.55 -20.46 2.84
N ALA A 280 -39.12 -19.39 2.31
CA ALA A 280 -40.45 -18.91 2.72
C ALA A 280 -41.19 -18.30 1.52
N ASP A 281 -42.47 -18.63 1.43
CA ASP A 281 -43.38 -18.03 0.46
C ASP A 281 -44.59 -17.43 1.20
N HIS A 282 -45.27 -16.47 0.56
CA HIS A 282 -46.56 -15.95 1.05
C HIS A 282 -47.58 -15.75 -0.10
N THR A 283 -48.85 -15.57 0.26
CA THR A 283 -49.92 -15.36 -0.69
C THR A 283 -50.90 -14.31 -0.14
N SER A 284 -51.05 -13.21 -0.89
CA SER A 284 -52.01 -12.15 -0.57
C SER A 284 -53.49 -12.63 -0.70
N ALA A 285 -54.42 -11.75 -0.35
CA ALA A 285 -55.82 -11.99 -0.63
C ALA A 285 -56.02 -11.95 -2.13
N GLU A 286 -57.11 -12.55 -2.60
CA GLU A 286 -57.48 -12.45 -4.02
C GLU A 286 -57.81 -11.00 -4.36
N LEU A 287 -57.40 -10.55 -5.54
CA LEU A 287 -57.65 -9.15 -5.96
C LEU A 287 -59.03 -8.57 -5.55
N SER A 288 -60.12 -9.21 -5.98
CA SER A 288 -61.51 -8.81 -5.68
C SER A 288 -61.76 -8.23 -4.29
N GLU A 289 -61.07 -8.81 -3.30
CA GLU A 289 -61.14 -8.41 -1.89
C GLU A 289 -60.06 -7.40 -1.53
N ILE A 290 -59.07 -7.26 -2.41
CA ILE A 290 -58.06 -6.20 -2.29
C ILE A 290 -58.61 -4.89 -2.87
N LEU A 291 -59.64 -5.03 -3.71
CA LEU A 291 -60.36 -3.93 -4.34
C LEU A 291 -61.03 -3.05 -3.32
N VAL A 292 -61.47 -3.68 -2.23
CA VAL A 292 -62.17 -3.01 -1.14
C VAL A 292 -61.30 -1.87 -0.57
N PRO A 293 -60.22 -2.19 0.17
CA PRO A 293 -59.43 -1.05 0.74
C PRO A 293 -58.86 -0.11 -0.31
N PHE A 294 -58.71 -0.61 -1.52
CA PHE A 294 -58.16 0.16 -2.62
C PHE A 294 -59.17 1.23 -3.08
N MET A 295 -60.39 0.81 -3.39
CA MET A 295 -61.39 1.74 -3.90
C MET A 295 -62.12 2.53 -2.80
N LYS A 296 -62.38 1.87 -1.68
CA LYS A 296 -63.12 2.52 -0.58
C LYS A 296 -62.41 3.78 -0.16
N PHE A 297 -61.13 3.64 0.21
CA PHE A 297 -60.32 4.75 0.73
C PHE A 297 -59.46 5.48 -0.34
N SER A 298 -59.70 5.15 -1.61
CA SER A 298 -58.92 5.73 -2.70
C SER A 298 -57.40 5.56 -2.48
N ASN A 299 -56.92 4.31 -2.45
CA ASN A 299 -55.46 4.09 -2.36
C ASN A 299 -54.69 4.33 -3.66
N ASN A 300 -53.80 5.32 -3.64
CA ASN A 300 -52.96 5.60 -4.79
C ASN A 300 -51.95 4.50 -5.02
N GLY A 301 -51.15 4.21 -3.97
CA GLY A 301 -50.15 3.16 -4.02
C GLY A 301 -50.68 1.89 -4.65
N HIS A 302 -51.90 1.50 -4.29
CA HIS A 302 -52.51 0.31 -4.87
C HIS A 302 -52.66 0.48 -6.35
N ALA A 303 -53.12 1.64 -6.77
CA ALA A 303 -53.41 1.90 -8.19
C ALA A 303 -52.21 1.69 -9.12
N GLU A 304 -51.08 2.27 -8.73
CA GLU A 304 -49.87 2.26 -9.50
C GLU A 304 -49.29 0.85 -9.47
N MET A 305 -49.23 0.28 -8.26
CA MET A 305 -48.79 -1.11 -8.11
C MET A 305 -49.55 -2.04 -9.03
N LEU A 306 -50.88 -1.88 -9.09
CA LEU A 306 -51.72 -2.66 -10.00
C LEU A 306 -51.38 -2.41 -11.43
N VAL A 307 -51.15 -1.14 -11.80
CA VAL A 307 -50.75 -0.81 -13.19
C VAL A 307 -49.49 -1.59 -13.61
N LYS A 308 -48.37 -1.27 -12.97
CA LYS A 308 -47.11 -1.97 -13.14
C LYS A 308 -47.25 -3.51 -13.07
N SER A 309 -48.12 -4.01 -12.20
CA SER A 309 -48.55 -5.41 -12.27
C SER A 309 -49.26 -5.74 -13.57
N ILE A 310 -50.07 -4.82 -14.12
CA ILE A 310 -50.75 -5.03 -15.39
C ILE A 310 -49.67 -5.09 -16.48
N GLY A 311 -48.56 -4.38 -16.25
CA GLY A 311 -47.46 -4.33 -17.21
C GLY A 311 -46.57 -5.57 -17.22
N GLN A 312 -46.75 -6.38 -16.17
CA GLN A 312 -46.08 -7.68 -15.99
C GLN A 312 -46.88 -8.80 -16.63
N GLU A 313 -48.20 -8.70 -16.56
CA GLU A 313 -49.06 -9.72 -17.15
C GLU A 313 -48.99 -9.68 -18.67
N THR A 314 -49.12 -8.48 -19.21
CA THR A 314 -49.24 -8.34 -20.67
C THR A 314 -47.88 -8.21 -21.37
N ALA A 315 -46.90 -7.66 -20.67
CA ALA A 315 -45.62 -7.32 -21.27
C ALA A 315 -44.40 -7.89 -20.54
N GLY A 316 -44.61 -8.43 -19.35
CA GLY A 316 -43.49 -8.82 -18.51
C GLY A 316 -42.66 -7.65 -17.98
N ALA A 317 -43.31 -6.48 -17.84
CA ALA A 317 -42.62 -5.26 -17.37
C ALA A 317 -43.36 -4.38 -16.32
N GLY A 318 -42.78 -4.34 -15.11
CA GLY A 318 -43.25 -3.50 -14.01
C GLY A 318 -42.89 -2.06 -14.32
N THR A 319 -43.66 -1.49 -15.22
CA THR A 319 -43.38 -0.17 -15.79
C THR A 319 -44.73 0.52 -16.03
N TRP A 320 -44.74 1.84 -15.84
CA TRP A 320 -45.95 2.60 -16.11
C TRP A 320 -46.27 2.54 -17.61
N ASP A 321 -45.26 2.86 -18.44
CA ASP A 321 -45.42 2.89 -19.90
C ASP A 321 -46.09 1.60 -20.40
N ALA A 322 -45.67 0.49 -19.77
CA ALA A 322 -46.10 -0.87 -20.10
C ALA A 322 -47.53 -1.16 -19.65
N GLY A 323 -47.86 -0.78 -18.43
CA GLY A 323 -49.18 -1.07 -17.88
C GLY A 323 -50.27 -0.15 -18.38
N LEU A 324 -49.93 1.12 -18.61
CA LEU A 324 -50.90 2.12 -19.01
C LEU A 324 -51.50 1.79 -20.36
N VAL A 325 -50.63 1.34 -21.26
CA VAL A 325 -51.06 0.87 -22.56
C VAL A 325 -52.00 -0.32 -22.40
N GLY A 326 -51.51 -1.29 -21.62
CA GLY A 326 -52.30 -2.45 -21.26
C GLY A 326 -53.65 -2.09 -20.65
N VAL A 327 -53.67 -1.05 -19.81
CA VAL A 327 -54.94 -0.59 -19.22
C VAL A 327 -55.89 -0.09 -20.32
N GLU A 328 -55.34 0.78 -21.19
CA GLU A 328 -56.09 1.39 -22.31
C GLU A 328 -56.63 0.30 -23.22
N GLU A 329 -55.73 -0.65 -23.57
CA GLU A 329 -56.08 -1.88 -24.27
C GLU A 329 -57.30 -2.62 -23.70
N ALA A 330 -57.24 -2.99 -22.42
CA ALA A 330 -58.32 -3.74 -21.76
C ALA A 330 -59.70 -3.07 -21.81
N LEU A 331 -59.72 -1.75 -21.62
CA LEU A 331 -60.96 -0.97 -21.62
C LEU A 331 -61.55 -0.94 -23.03
N SER A 332 -60.66 -0.76 -24.00
CA SER A 332 -61.02 -0.92 -25.40
C SER A 332 -61.73 -2.28 -25.59
N GLY A 333 -61.06 -3.33 -25.15
CA GLY A 333 -61.61 -4.66 -25.18
C GLY A 333 -62.85 -4.83 -24.30
N LEU A 334 -63.10 -3.86 -23.43
CA LEU A 334 -64.29 -3.92 -22.56
C LEU A 334 -65.54 -3.31 -23.24
N GLY A 335 -65.33 -2.76 -24.44
CA GLY A 335 -66.36 -2.02 -25.15
C GLY A 335 -66.23 -0.52 -24.97
N VAL A 336 -65.06 -0.03 -24.53
CA VAL A 336 -64.98 1.39 -24.18
C VAL A 336 -64.32 2.22 -25.28
N ASP A 337 -64.92 3.37 -25.59
CA ASP A 337 -64.31 4.31 -26.52
C ASP A 337 -63.18 5.11 -25.81
N THR A 338 -61.93 4.84 -26.17
CA THR A 338 -60.81 5.50 -25.47
C THR A 338 -60.37 6.84 -26.10
N ALA A 339 -61.21 7.34 -27.02
CA ALA A 339 -60.96 8.61 -27.71
C ALA A 339 -60.66 9.72 -26.74
N GLY A 340 -61.47 9.82 -25.68
CA GLY A 340 -61.45 10.93 -24.75
C GLY A 340 -60.29 10.82 -23.78
N LEU A 341 -59.84 9.58 -23.52
CA LEU A 341 -58.88 9.32 -22.45
C LEU A 341 -57.49 9.89 -22.67
N VAL A 342 -56.75 10.09 -21.58
CA VAL A 342 -55.31 10.28 -21.64
C VAL A 342 -54.75 9.81 -20.30
N LEU A 343 -53.92 8.78 -20.34
CA LEU A 343 -53.47 8.12 -19.14
C LEU A 343 -52.02 8.49 -18.84
N ASN A 344 -51.76 9.01 -17.64
CA ASN A 344 -50.37 9.28 -17.25
C ASN A 344 -50.04 8.55 -15.93
N ASP A 345 -51.08 7.89 -15.36
CA ASP A 345 -50.95 7.01 -14.18
C ASP A 345 -52.26 6.26 -13.85
N GLY A 346 -52.16 5.42 -12.81
CA GLY A 346 -53.25 4.56 -12.36
C GLY A 346 -54.16 5.24 -11.35
N SER A 347 -53.57 6.03 -10.44
CA SER A 347 -54.36 6.62 -9.35
C SER A 347 -55.19 7.85 -9.70
N GLY A 348 -54.72 8.63 -10.67
CA GLY A 348 -55.35 9.90 -11.00
C GLY A 348 -54.62 11.00 -10.25
N LEU A 349 -53.46 10.66 -9.66
CA LEU A 349 -52.62 11.65 -8.97
C LEU A 349 -51.98 12.60 -9.97
N SER A 350 -51.56 12.05 -11.11
CA SER A 350 -50.98 12.85 -12.20
C SER A 350 -52.01 13.83 -12.76
N ARG A 351 -51.57 15.08 -12.91
CA ARG A 351 -52.33 16.11 -13.62
C ARG A 351 -52.30 15.89 -15.12
N GLY A 352 -51.51 14.90 -15.52
CA GLY A 352 -51.40 14.45 -16.90
C GLY A 352 -52.58 13.62 -17.36
N ASN A 353 -53.58 13.49 -16.51
CA ASN A 353 -54.75 12.72 -16.86
C ASN A 353 -55.83 13.56 -17.52
N LEU A 354 -56.64 12.93 -18.36
CA LEU A 354 -57.84 13.57 -18.91
C LEU A 354 -58.92 12.55 -19.13
N VAL A 355 -60.16 12.94 -18.81
CA VAL A 355 -61.33 12.12 -19.08
C VAL A 355 -62.43 13.01 -19.62
N THR A 356 -63.45 12.39 -20.20
CA THR A 356 -64.68 13.11 -20.46
C THR A 356 -65.70 12.38 -19.61
N ALA A 357 -66.85 13.01 -19.42
CA ALA A 357 -67.87 12.40 -18.60
C ALA A 357 -68.56 11.30 -19.40
N ASP A 358 -68.81 11.52 -20.70
CA ASP A 358 -69.39 10.45 -21.52
C ASP A 358 -68.55 9.16 -21.42
N THR A 359 -67.23 9.32 -21.34
CA THR A 359 -66.29 8.19 -21.21
C THR A 359 -66.49 7.43 -19.91
N VAL A 360 -66.83 8.15 -18.84
CA VAL A 360 -66.95 7.52 -17.51
C VAL A 360 -68.25 6.72 -17.48
N VAL A 361 -69.32 7.36 -17.91
CA VAL A 361 -70.60 6.72 -18.16
C VAL A 361 -70.50 5.51 -19.09
N ASP A 362 -69.78 5.69 -20.20
CA ASP A 362 -69.36 4.60 -21.07
C ASP A 362 -68.73 3.47 -20.25
N LEU A 363 -67.69 3.78 -19.49
CA LEU A 363 -67.05 2.75 -18.66
C LEU A 363 -68.11 2.07 -17.81
N LEU A 364 -68.83 2.84 -16.99
CA LEU A 364 -69.81 2.29 -16.03
C LEU A 364 -70.84 1.31 -16.62
N GLY A 365 -71.44 1.68 -17.74
CA GLY A 365 -72.34 0.77 -18.45
C GLY A 365 -71.65 -0.57 -18.74
N GLN A 366 -70.53 -0.50 -19.47
CA GLN A 366 -69.72 -1.70 -19.78
C GLN A 366 -69.36 -2.53 -18.54
N ALA A 367 -68.69 -1.93 -17.55
CA ALA A 367 -68.20 -2.68 -16.40
C ALA A 367 -69.35 -3.38 -15.66
N GLY A 368 -70.55 -2.83 -15.84
CA GLY A 368 -71.74 -3.24 -15.10
C GLY A 368 -72.23 -4.59 -15.55
N SER A 369 -72.03 -4.84 -16.85
CA SER A 369 -72.36 -6.13 -17.48
C SER A 369 -71.20 -7.16 -17.48
N ALA A 370 -70.02 -6.74 -16.99
CA ALA A 370 -68.84 -7.61 -16.92
C ALA A 370 -69.00 -8.77 -15.93
N PRO A 371 -68.33 -9.91 -16.20
CA PRO A 371 -68.48 -11.05 -15.31
C PRO A 371 -67.88 -10.78 -13.93
N TRP A 372 -67.25 -9.61 -13.78
CA TRP A 372 -66.72 -9.18 -12.48
C TRP A 372 -67.46 -8.00 -11.86
N ALA A 373 -68.60 -7.67 -12.48
CA ALA A 373 -69.45 -6.53 -12.09
C ALA A 373 -69.65 -6.30 -10.57
N GLN A 374 -70.10 -7.34 -9.88
CA GLN A 374 -70.47 -7.20 -8.47
C GLN A 374 -69.32 -6.92 -7.48
N THR A 375 -68.12 -7.48 -7.67
CA THR A 375 -66.99 -7.13 -6.75
C THR A 375 -66.44 -5.72 -7.02
N TRP A 376 -66.46 -5.32 -8.30
CA TRP A 376 -66.20 -3.94 -8.72
C TRP A 376 -67.24 -2.98 -8.07
N SER A 377 -68.53 -3.26 -8.26
CA SER A 377 -69.62 -2.48 -7.66
C SER A 377 -69.45 -2.36 -6.15
N ALA A 378 -69.16 -3.49 -5.52
CA ALA A 378 -68.97 -3.57 -4.07
C ALA A 378 -67.81 -2.71 -3.59
N SER A 379 -66.71 -2.72 -4.35
CA SER A 379 -65.46 -2.06 -3.90
C SER A 379 -65.64 -0.56 -3.75
N LEU A 380 -66.63 -0.04 -4.51
CA LEU A 380 -66.96 1.37 -4.62
C LEU A 380 -67.47 1.87 -3.28
N PRO A 381 -67.16 3.15 -2.95
CA PRO A 381 -67.71 3.81 -1.76
C PRO A 381 -69.20 4.02 -1.84
N VAL A 382 -69.84 3.80 -0.69
CA VAL A 382 -71.31 3.86 -0.53
C VAL A 382 -71.69 5.08 0.33
N ALA A 383 -72.70 5.83 -0.11
CA ALA A 383 -73.09 7.07 0.52
C ALA A 383 -73.59 6.91 1.96
N GLY A 384 -73.13 7.79 2.83
CA GLY A 384 -73.68 7.96 4.20
C GLY A 384 -73.58 6.82 5.19
N GLU A 385 -72.68 5.88 4.94
CA GLU A 385 -72.51 4.68 5.76
C GLU A 385 -71.38 4.80 6.78
N SER A 386 -71.72 4.72 8.06
CA SER A 386 -70.77 4.96 9.15
C SER A 386 -69.51 4.10 9.04
N ASP A 387 -69.69 2.82 8.71
CA ASP A 387 -68.58 1.87 8.57
C ASP A 387 -67.59 2.37 7.50
N PRO A 388 -66.35 2.67 7.93
CA PRO A 388 -65.31 3.11 6.99
C PRO A 388 -65.18 2.15 5.79
N PHE A 389 -65.20 0.85 6.05
CA PHE A 389 -65.03 -0.15 4.99
C PHE A 389 -66.27 -0.38 4.12
N VAL A 390 -67.26 0.50 4.24
CA VAL A 390 -68.45 0.46 3.45
C VAL A 390 -68.68 1.89 3.01
N GLY A 391 -68.53 2.82 3.95
CA GLY A 391 -68.69 4.23 3.59
C GLY A 391 -67.61 4.69 2.63
N GLY A 392 -66.37 4.29 2.94
CA GLY A 392 -65.18 4.80 2.28
C GLY A 392 -65.11 6.30 2.38
N THR A 393 -64.82 6.96 1.26
CA THR A 393 -64.73 8.41 1.19
C THR A 393 -66.11 9.07 1.21
N LEU A 394 -67.17 8.27 1.12
CA LEU A 394 -68.54 8.80 1.26
C LEU A 394 -69.22 8.54 2.64
N ALA A 395 -68.40 8.22 3.64
CA ALA A 395 -68.89 7.91 4.98
C ALA A 395 -69.64 9.10 5.62
N ASN A 396 -69.00 10.28 5.62
CA ASN A 396 -69.58 11.46 6.21
C ASN A 396 -70.26 12.33 5.16
N ARG A 397 -70.86 11.70 4.16
CA ARG A 397 -71.43 12.44 3.04
C ARG A 397 -72.78 11.91 2.68
N MET A 398 -73.73 12.82 2.45
CA MET A 398 -75.11 12.46 2.12
C MET A 398 -75.89 11.67 3.21
N ARG A 399 -75.48 11.79 4.48
CA ARG A 399 -76.18 11.13 5.60
C ARG A 399 -77.62 11.64 5.82
N GLY A 400 -78.54 10.70 6.07
CA GLY A 400 -79.95 11.04 6.25
C GLY A 400 -80.66 11.47 4.98
N THR A 401 -80.11 11.08 3.83
CA THR A 401 -80.66 11.48 2.51
C THR A 401 -81.11 10.30 1.62
N ALA A 402 -81.92 10.57 0.60
CA ALA A 402 -82.36 9.50 -0.32
C ALA A 402 -81.19 8.70 -0.95
N ALA A 403 -79.97 9.13 -0.68
CA ALA A 403 -78.81 8.55 -1.29
C ALA A 403 -78.08 7.68 -0.27
N GLU A 404 -78.65 7.58 0.92
CA GLU A 404 -77.96 6.86 1.99
C GLU A 404 -78.08 5.33 1.85
N GLY A 405 -76.94 4.65 1.98
CA GLY A 405 -76.85 3.22 1.67
C GLY A 405 -77.34 2.83 0.28
N VAL A 406 -77.52 3.81 -0.62
CA VAL A 406 -78.02 3.63 -2.00
C VAL A 406 -76.97 3.86 -3.11
N VAL A 407 -76.52 5.12 -3.27
CA VAL A 407 -75.60 5.52 -4.34
C VAL A 407 -74.23 4.86 -4.17
N GLU A 408 -73.81 4.16 -5.22
CA GLU A 408 -72.50 3.57 -5.26
C GLU A 408 -71.75 4.43 -6.25
N ALA A 409 -70.96 5.36 -5.73
CA ALA A 409 -70.13 6.14 -6.61
C ALA A 409 -68.74 6.19 -6.05
N LYS A 410 -67.84 6.70 -6.89
CA LYS A 410 -66.45 6.92 -6.54
C LYS A 410 -66.16 8.40 -6.71
N THR A 411 -65.30 8.90 -5.82
CA THR A 411 -64.96 10.30 -5.71
C THR A 411 -63.61 10.59 -6.32
N GLY A 412 -63.43 11.81 -6.79
CA GLY A 412 -62.15 12.24 -7.30
C GLY A 412 -61.89 13.62 -6.77
N THR A 413 -60.71 13.81 -6.20
CA THR A 413 -60.40 15.06 -5.52
C THR A 413 -58.91 15.48 -5.43
N MET A 414 -58.62 16.70 -5.88
CA MET A 414 -57.33 17.36 -5.63
C MET A 414 -57.53 18.83 -5.92
N SER A 415 -56.49 19.64 -5.70
CA SER A 415 -56.56 21.08 -5.96
C SER A 415 -57.31 21.35 -7.23
N GLY A 416 -58.38 22.16 -7.13
CA GLY A 416 -59.18 22.53 -8.30
C GLY A 416 -59.66 21.40 -9.17
N VAL A 417 -59.84 20.23 -8.57
CA VAL A 417 -60.49 19.08 -9.24
C VAL A 417 -61.40 18.29 -8.29
N SER A 418 -62.66 18.16 -8.68
CA SER A 418 -63.60 17.42 -7.88
C SER A 418 -64.48 16.55 -8.76
N ALA A 419 -64.74 15.31 -8.33
CA ALA A 419 -65.51 14.36 -9.15
C ALA A 419 -66.34 13.27 -8.44
N LEU A 420 -67.51 12.99 -9.02
CA LEU A 420 -68.38 11.92 -8.55
C LEU A 420 -69.03 11.17 -9.71
N SER A 421 -68.63 9.90 -9.85
CA SER A 421 -69.26 9.04 -10.87
C SER A 421 -69.61 7.68 -10.30
N GLY A 422 -70.77 7.19 -10.72
CA GLY A 422 -71.16 5.86 -10.32
C GLY A 422 -72.61 5.54 -10.57
N TYR A 423 -73.08 4.62 -9.73
CA TYR A 423 -74.39 4.02 -9.86
C TYR A 423 -75.37 4.48 -8.78
N VAL A 424 -76.56 4.87 -9.25
CA VAL A 424 -77.72 5.06 -8.40
C VAL A 424 -78.76 3.98 -8.79
N PRO A 425 -78.71 2.81 -8.12
CA PRO A 425 -79.58 1.72 -8.47
C PRO A 425 -81.00 1.91 -7.94
N GLY A 426 -81.88 2.46 -8.76
CA GLY A 426 -83.26 2.69 -8.31
C GLY A 426 -84.30 1.81 -8.99
N PRO A 427 -85.45 1.58 -8.32
CA PRO A 427 -86.70 0.96 -8.86
C PRO A 427 -87.10 1.44 -10.23
N GLU A 428 -86.83 2.72 -10.55
CA GLU A 428 -87.03 3.30 -11.90
C GLU A 428 -85.78 3.29 -12.81
N GLY A 429 -84.98 2.23 -12.66
CA GLY A 429 -83.78 2.01 -13.49
C GLY A 429 -82.49 2.27 -12.73
N GLU A 430 -81.54 1.36 -12.86
CA GLU A 430 -80.21 1.56 -12.28
C GLU A 430 -79.54 2.72 -13.02
N LEU A 431 -79.50 3.88 -12.38
CA LEU A 431 -78.77 5.03 -12.92
C LEU A 431 -77.26 4.96 -12.79
N ALA A 432 -76.59 5.33 -13.88
CA ALA A 432 -75.17 5.60 -13.88
C ALA A 432 -75.00 7.07 -14.28
N PHE A 433 -74.08 7.74 -13.58
CA PHE A 433 -73.92 9.20 -13.69
C PHE A 433 -72.46 9.55 -13.50
N SER A 434 -72.05 10.64 -14.14
CA SER A 434 -70.74 11.26 -13.86
C SER A 434 -70.85 12.77 -13.70
N ILE A 435 -70.15 13.25 -12.67
CA ILE A 435 -70.00 14.66 -12.44
C ILE A 435 -68.51 14.97 -12.26
N VAL A 436 -67.98 15.75 -13.20
CA VAL A 436 -66.58 16.15 -13.17
C VAL A 436 -66.44 17.68 -13.16
N ASN A 437 -65.72 18.19 -12.17
CA ASN A 437 -65.56 19.62 -12.00
C ASN A 437 -64.11 20.03 -11.99
N ASN A 438 -63.76 20.91 -12.92
CA ASN A 438 -62.40 21.46 -13.00
C ASN A 438 -62.30 22.94 -12.73
N GLY A 439 -61.19 23.27 -12.05
CA GLY A 439 -60.61 24.61 -11.93
C GLY A 439 -61.47 25.61 -11.19
N HIS A 440 -62.16 25.15 -10.17
CA HIS A 440 -63.02 26.05 -9.40
C HIS A 440 -62.13 26.96 -8.56
N SER A 441 -62.66 28.12 -8.21
CA SER A 441 -61.88 29.14 -7.52
C SER A 441 -61.91 28.95 -6.00
N GLY A 442 -63.12 28.85 -5.41
CA GLY A 442 -63.31 28.79 -3.93
C GLY A 442 -63.36 27.42 -3.24
N PRO A 443 -64.54 27.01 -2.70
CA PRO A 443 -64.68 25.69 -2.05
C PRO A 443 -64.97 24.57 -3.03
N ALA A 444 -64.85 23.32 -2.57
CA ALA A 444 -65.16 22.14 -3.39
C ALA A 444 -66.68 22.04 -3.59
N PRO A 445 -67.11 21.85 -4.85
CA PRO A 445 -68.54 21.79 -5.20
C PRO A 445 -69.14 20.42 -4.81
N LEU A 446 -68.69 19.90 -3.67
CA LEU A 446 -69.20 18.67 -3.12
C LEU A 446 -70.70 18.78 -2.86
N ALA A 447 -71.16 20.00 -2.55
CA ALA A 447 -72.57 20.25 -2.31
C ALA A 447 -73.36 20.10 -3.61
N VAL A 448 -72.74 20.52 -4.71
CA VAL A 448 -73.37 20.40 -6.02
C VAL A 448 -73.37 18.95 -6.53
N GLN A 449 -72.36 18.18 -6.11
CA GLN A 449 -72.30 16.73 -6.41
C GLN A 449 -73.37 15.94 -5.66
N ASP A 450 -73.39 16.06 -4.33
CA ASP A 450 -74.41 15.44 -3.49
C ASP A 450 -75.82 15.85 -3.93
N ALA A 451 -76.03 17.14 -4.17
CA ALA A 451 -77.33 17.62 -4.58
C ALA A 451 -77.80 16.88 -5.82
N ILE A 452 -76.92 16.74 -6.80
CA ILE A 452 -77.28 16.06 -8.02
C ILE A 452 -77.62 14.61 -7.68
N ALA A 453 -76.73 13.98 -6.91
CA ALA A 453 -76.87 12.56 -6.58
C ALA A 453 -78.12 12.25 -5.77
N VAL A 454 -78.41 13.06 -4.76
CA VAL A 454 -79.61 12.89 -3.96
C VAL A 454 -80.87 13.04 -4.83
N ARG A 455 -80.88 14.04 -5.72
CA ARG A 455 -82.02 14.26 -6.60
C ARG A 455 -82.20 13.05 -7.50
N LEU A 456 -81.09 12.47 -7.93
CA LEU A 456 -81.12 11.30 -8.80
C LEU A 456 -81.57 10.09 -8.03
N ALA A 457 -81.25 10.04 -6.74
CA ALA A 457 -81.73 8.98 -5.87
C ALA A 457 -83.23 9.06 -5.75
N GLU A 458 -83.73 10.29 -5.78
CA GLU A 458 -85.16 10.55 -5.67
C GLU A 458 -85.89 10.19 -6.95
N TYR A 459 -85.22 10.44 -8.10
CA TYR A 459 -85.79 10.16 -9.41
C TYR A 459 -85.92 8.65 -9.65
N ALA A 460 -84.94 7.92 -9.13
CA ALA A 460 -84.85 6.47 -9.14
C ALA A 460 -85.94 5.84 -8.29
N GLY A 461 -86.45 6.61 -7.34
CA GLY A 461 -87.64 6.24 -6.58
C GLY A 461 -87.41 6.08 -5.10
N HIS A 462 -86.20 6.40 -4.63
CA HIS A 462 -85.91 6.42 -3.19
C HIS A 462 -86.46 7.65 -2.46
N GLN A 463 -86.33 7.62 -1.13
CA GLN A 463 -86.82 8.65 -0.21
C GLN A 463 -85.91 8.68 1.00
N ALA A 464 -85.70 9.86 1.59
CA ALA A 464 -84.76 10.04 2.71
C ALA A 464 -85.26 9.33 3.98
N PRO A 465 -84.36 8.58 4.67
CA PRO A 465 -84.76 8.01 5.97
C PRO A 465 -85.12 9.09 7.00
N GLU A 466 -86.04 8.74 7.90
CA GLU A 466 -86.44 9.60 9.01
C GLU A 466 -86.28 8.80 10.31
N ARG B 1 21.77 -16.90 -8.84
CA ARG B 1 21.02 -16.02 -7.87
C ARG B 1 19.52 -15.91 -8.22
N LEU B 2 18.85 -14.90 -7.68
CA LEU B 2 17.43 -14.66 -7.93
C LEU B 2 17.12 -14.14 -9.34
N THR B 3 17.58 -12.94 -9.68
CA THR B 3 17.23 -12.35 -11.00
C THR B 3 17.79 -13.16 -12.18
N GLU B 4 18.62 -14.16 -11.88
CA GLU B 4 19.06 -15.12 -12.87
C GLU B 4 18.02 -16.24 -13.07
N LEU B 5 17.27 -16.58 -12.02
CA LEU B 5 16.17 -17.56 -12.13
C LEU B 5 15.01 -17.09 -13.02
N ARG B 6 14.65 -15.81 -12.87
CA ARG B 6 13.63 -15.16 -13.72
C ARG B 6 13.98 -15.22 -15.19
N GLU B 7 15.24 -14.94 -15.53
CA GLU B 7 15.69 -15.02 -16.93
C GLU B 7 15.77 -16.44 -17.48
N ASP B 8 15.94 -17.41 -16.58
CA ASP B 8 15.92 -18.82 -16.94
C ASP B 8 14.51 -19.21 -17.32
N ILE B 9 13.56 -18.89 -16.45
CA ILE B 9 12.17 -19.22 -16.72
C ILE B 9 11.75 -18.51 -18.01
N ASP B 10 11.94 -17.18 -18.04
CA ASP B 10 11.72 -16.35 -19.23
C ASP B 10 12.19 -17.07 -20.46
N ALA B 11 13.25 -17.88 -20.30
CA ALA B 11 13.85 -18.65 -21.38
C ALA B 11 13.10 -19.95 -21.70
N ILE B 12 12.67 -20.68 -20.68
CA ILE B 12 12.01 -21.96 -20.94
C ILE B 12 10.66 -21.72 -21.63
N LEU B 13 10.02 -20.60 -21.30
CA LEU B 13 8.77 -20.21 -21.93
C LEU B 13 8.97 -19.69 -23.37
N GLU B 14 10.21 -19.75 -23.85
CA GLU B 14 10.55 -19.36 -25.22
C GLU B 14 10.29 -20.50 -26.21
N ASP B 15 10.12 -21.71 -25.68
CA ASP B 15 9.77 -22.89 -26.46
C ASP B 15 8.82 -22.55 -27.60
N PRO B 16 9.19 -22.95 -28.83
CA PRO B 16 8.30 -22.91 -30.02
C PRO B 16 6.90 -23.49 -29.79
N ALA B 17 6.80 -24.66 -29.19
CA ALA B 17 5.51 -25.30 -28.90
C ALA B 17 4.52 -24.41 -28.10
N LEU B 18 5.02 -23.31 -27.56
CA LEU B 18 4.23 -22.50 -26.65
C LEU B 18 3.97 -21.11 -27.24
N GLU B 19 4.31 -20.93 -28.52
CA GLU B 19 4.07 -19.69 -29.27
C GLU B 19 2.63 -19.65 -29.76
N GLY B 20 1.93 -18.57 -29.42
CA GLY B 20 0.50 -18.45 -29.69
C GLY B 20 -0.40 -18.81 -28.50
N ALA B 21 0.20 -19.44 -27.50
CA ALA B 21 -0.53 -19.92 -26.34
C ALA B 21 -0.44 -18.93 -25.16
N VAL B 22 -1.19 -19.21 -24.10
CA VAL B 22 -1.18 -18.38 -22.91
C VAL B 22 -0.74 -19.22 -21.75
N SER B 23 0.11 -18.63 -20.91
CA SER B 23 0.61 -19.33 -19.74
C SER B 23 0.62 -18.44 -18.53
N GLY B 24 0.07 -18.97 -17.43
CA GLY B 24 0.21 -18.38 -16.12
C GLY B 24 1.28 -19.15 -15.40
N VAL B 25 2.36 -18.47 -15.04
CA VAL B 25 3.44 -19.12 -14.32
C VAL B 25 3.79 -18.29 -13.11
N VAL B 26 3.57 -18.87 -11.94
CA VAL B 26 3.77 -18.20 -10.67
C VAL B 26 4.51 -19.10 -9.67
N VAL B 27 5.70 -18.66 -9.29
CA VAL B 27 6.50 -19.30 -8.24
C VAL B 27 6.54 -18.39 -7.03
N VAL B 28 6.27 -18.97 -5.87
CA VAL B 28 6.39 -18.28 -4.60
C VAL B 28 7.09 -19.13 -3.54
N ASP B 29 8.02 -18.50 -2.82
CA ASP B 29 8.64 -19.09 -1.63
C ASP B 29 7.76 -18.82 -0.41
N THR B 30 7.33 -19.91 0.24
CA THR B 30 6.43 -19.85 1.39
C THR B 30 7.14 -19.29 2.62
N ALA B 31 8.33 -19.81 2.91
CA ALA B 31 9.14 -19.28 4.00
C ALA B 31 9.21 -17.75 3.92
N THR B 32 9.80 -17.23 2.86
CA THR B 32 10.02 -15.79 2.75
C THR B 32 8.76 -14.96 2.55
N GLY B 33 7.74 -15.53 1.88
CA GLY B 33 6.50 -14.81 1.47
C GLY B 33 6.70 -14.09 0.14
N GLU B 34 7.93 -14.22 -0.39
CA GLU B 34 8.39 -13.50 -1.57
C GLU B 34 7.85 -14.12 -2.87
N GLU B 35 7.56 -13.23 -3.81
CA GLU B 35 7.28 -13.60 -5.19
C GLU B 35 8.61 -13.83 -5.93
N LEU B 36 8.77 -15.03 -6.49
CA LEU B 36 10.01 -15.41 -7.16
C LEU B 36 9.90 -15.23 -8.66
N TYR B 37 8.72 -15.55 -9.20
CA TYR B 37 8.41 -15.36 -10.62
C TYR B 37 6.89 -15.30 -10.81
N SER B 38 6.45 -14.39 -11.67
CA SER B 38 5.03 -14.31 -11.97
C SER B 38 4.78 -13.74 -13.37
N ARG B 39 4.31 -14.59 -14.26
CA ARG B 39 3.88 -14.14 -15.58
C ARG B 39 2.41 -14.46 -15.75
N ASP B 40 1.61 -13.43 -15.98
CA ASP B 40 0.19 -13.59 -16.25
C ASP B 40 -0.49 -14.33 -15.10
N GLY B 41 -0.14 -13.96 -13.87
CA GLY B 41 -0.70 -14.63 -12.69
C GLY B 41 -2.19 -14.43 -12.50
N GLY B 42 -2.70 -13.34 -13.04
CA GLY B 42 -4.09 -12.96 -12.87
C GLY B 42 -4.97 -13.31 -14.07
N GLU B 43 -4.36 -13.94 -15.09
CA GLU B 43 -5.10 -14.29 -16.28
C GLU B 43 -5.86 -15.57 -15.97
N GLN B 44 -7.19 -15.53 -16.16
CA GLN B 44 -8.04 -16.69 -15.90
C GLN B 44 -7.90 -17.68 -17.04
N LEU B 45 -7.77 -18.96 -16.70
CA LEU B 45 -7.51 -20.00 -17.69
C LEU B 45 -8.22 -21.26 -17.24
N LEU B 46 -8.37 -22.22 -18.15
CA LEU B 46 -8.95 -23.51 -17.86
C LEU B 46 -7.95 -24.32 -17.04
N PRO B 47 -8.40 -24.89 -15.90
CA PRO B 47 -7.47 -25.58 -15.02
C PRO B 47 -7.25 -27.03 -15.41
N ALA B 48 -8.24 -27.59 -16.11
CA ALA B 48 -8.38 -29.04 -16.32
C ALA B 48 -8.32 -29.73 -14.98
N SER B 49 -7.57 -30.83 -14.87
CA SER B 49 -7.59 -31.61 -13.64
C SER B 49 -6.98 -30.91 -12.43
N ASN B 50 -6.40 -29.74 -12.61
CA ASN B 50 -5.93 -28.91 -11.49
C ASN B 50 -7.06 -28.29 -10.69
N MET B 51 -8.29 -28.43 -11.20
CA MET B 51 -9.48 -28.06 -10.43
C MET B 51 -9.46 -28.89 -9.14
N LYS B 52 -9.02 -30.15 -9.28
CA LYS B 52 -9.09 -31.16 -8.23
C LYS B 52 -8.32 -30.72 -6.99
N LEU B 53 -7.32 -29.86 -7.18
CA LEU B 53 -6.65 -29.24 -6.05
C LEU B 53 -7.62 -28.49 -5.16
N PHE B 54 -8.56 -27.77 -5.77
CA PHE B 54 -9.53 -27.02 -5.00
C PHE B 54 -10.55 -27.96 -4.40
N THR B 55 -10.90 -29.00 -5.16
CA THR B 55 -11.92 -29.97 -4.74
C THR B 55 -11.50 -30.73 -3.48
N ALA B 56 -10.24 -31.15 -3.44
CA ALA B 56 -9.63 -31.82 -2.27
C ALA B 56 -9.74 -30.96 -1.03
N ALA B 57 -9.16 -29.78 -1.10
CA ALA B 57 -9.19 -28.80 -0.02
C ALA B 57 -10.61 -28.61 0.51
N ALA B 58 -11.55 -28.46 -0.40
CA ALA B 58 -12.92 -28.30 0.01
C ALA B 58 -13.42 -29.60 0.66
N ALA B 59 -13.08 -30.74 0.06
CA ALA B 59 -13.53 -32.02 0.62
C ALA B 59 -12.95 -32.19 2.03
N LEU B 60 -11.64 -31.99 2.16
CA LEU B 60 -10.98 -32.10 3.44
C LEU B 60 -11.58 -31.16 4.49
N GLU B 61 -11.68 -29.88 4.16
CA GLU B 61 -12.22 -28.87 5.08
C GLU B 61 -13.68 -29.08 5.47
N VAL B 62 -14.49 -29.55 4.52
CA VAL B 62 -15.92 -29.77 4.73
C VAL B 62 -16.18 -31.16 5.35
N LEU B 63 -15.64 -32.20 4.74
CA LEU B 63 -15.87 -33.56 5.17
C LEU B 63 -14.88 -34.05 6.23
N GLY B 64 -13.80 -33.31 6.45
CA GLY B 64 -12.78 -33.70 7.41
C GLY B 64 -11.79 -34.75 6.92
N ALA B 65 -10.53 -34.53 7.24
CA ALA B 65 -9.39 -35.42 6.93
C ALA B 65 -9.62 -36.91 7.17
N ASP B 66 -10.53 -37.23 8.07
CA ASP B 66 -10.84 -38.63 8.36
C ASP B 66 -12.32 -38.96 8.24
N HIS B 67 -12.97 -38.44 7.20
CA HIS B 67 -14.37 -38.77 6.90
C HIS B 67 -14.39 -40.12 6.21
N SER B 68 -15.41 -40.92 6.44
CA SER B 68 -15.55 -42.20 5.73
C SER B 68 -16.86 -42.24 4.98
N PHE B 69 -17.08 -43.25 4.15
CA PHE B 69 -18.30 -43.33 3.31
C PHE B 69 -19.07 -44.65 3.45
N GLY B 70 -20.38 -44.58 3.64
CA GLY B 70 -21.15 -45.78 3.88
C GLY B 70 -22.12 -46.20 2.81
N THR B 71 -22.37 -47.50 2.73
CA THR B 71 -23.45 -48.09 1.93
C THR B 71 -24.21 -48.98 2.88
N GLU B 72 -25.50 -49.18 2.63
CA GLU B 72 -26.29 -50.08 3.47
C GLU B 72 -27.48 -50.71 2.76
N VAL B 73 -27.98 -51.81 3.33
CA VAL B 73 -29.07 -52.57 2.74
C VAL B 73 -30.21 -52.63 3.74
N ALA B 74 -31.33 -52.01 3.39
CA ALA B 74 -32.44 -51.83 4.33
C ALA B 74 -33.74 -52.37 3.80
N ALA B 75 -34.57 -52.84 4.73
CA ALA B 75 -35.93 -53.31 4.48
C ALA B 75 -36.88 -52.77 5.55
N GLU B 76 -38.18 -52.92 5.28
CA GLU B 76 -39.24 -52.29 6.07
C GLU B 76 -39.06 -52.60 7.54
N SER B 77 -39.09 -53.90 7.86
CA SER B 77 -38.80 -54.42 9.20
C SER B 77 -37.69 -55.47 9.07
N ALA B 78 -37.32 -56.10 10.18
CA ALA B 78 -36.53 -57.32 10.13
C ALA B 78 -37.29 -58.43 9.36
N PRO B 79 -36.57 -59.47 8.91
CA PRO B 79 -37.17 -60.53 8.11
C PRO B 79 -38.18 -61.34 8.90
N GLY B 80 -39.35 -61.52 8.31
CA GLY B 80 -40.48 -62.20 8.97
C GLY B 80 -40.27 -63.68 9.26
N ARG B 81 -41.33 -64.35 9.69
CA ARG B 81 -41.31 -65.76 10.16
C ARG B 81 -40.55 -66.69 9.20
N ARG B 82 -40.90 -66.55 7.91
CA ARG B 82 -40.39 -67.39 6.84
C ARG B 82 -39.12 -66.80 6.20
N GLY B 83 -38.40 -65.98 6.95
CA GLY B 83 -37.14 -65.37 6.48
C GLY B 83 -37.33 -64.39 5.34
N GLU B 84 -38.57 -63.93 5.16
CA GLU B 84 -38.95 -63.06 4.05
C GLU B 84 -38.98 -61.57 4.43
N VAL B 85 -38.78 -60.71 3.42
CA VAL B 85 -38.99 -59.25 3.49
C VAL B 85 -39.74 -58.86 2.24
N GLN B 86 -40.51 -57.78 2.29
CA GLN B 86 -41.29 -57.36 1.09
C GLN B 86 -40.36 -56.73 0.03
N ASP B 87 -40.10 -55.43 0.16
CA ASP B 87 -39.08 -54.80 -0.68
C ASP B 87 -37.73 -54.74 0.03
N LEU B 88 -36.67 -54.76 -0.76
CA LEU B 88 -35.34 -54.58 -0.24
C LEU B 88 -34.68 -53.41 -0.97
N TYR B 89 -33.81 -52.70 -0.25
CA TYR B 89 -33.22 -51.49 -0.79
C TYR B 89 -31.72 -51.47 -0.64
N LEU B 90 -31.02 -51.31 -1.75
CA LEU B 90 -29.58 -51.09 -1.70
C LEU B 90 -29.33 -49.59 -1.71
N VAL B 91 -28.80 -49.11 -0.59
CA VAL B 91 -28.71 -47.68 -0.33
C VAL B 91 -27.27 -47.23 -0.31
N GLY B 92 -26.91 -46.52 -1.36
CA GLY B 92 -25.60 -45.90 -1.47
C GLY B 92 -25.65 -44.50 -0.92
N ARG B 93 -24.68 -44.18 -0.07
CA ARG B 93 -24.51 -42.82 0.38
C ARG B 93 -23.18 -42.24 -0.09
N GLY B 94 -22.86 -42.47 -1.37
CA GLY B 94 -21.76 -41.79 -2.06
C GLY B 94 -20.34 -42.28 -1.81
N ASP B 95 -20.16 -43.59 -1.79
CA ASP B 95 -18.81 -44.18 -1.68
C ASP B 95 -18.17 -44.35 -3.07
N PRO B 96 -16.99 -43.71 -3.25
CA PRO B 96 -16.21 -43.79 -4.49
C PRO B 96 -15.31 -45.03 -4.55
N THR B 97 -15.33 -45.85 -3.51
CA THR B 97 -14.50 -47.04 -3.45
C THR B 97 -15.33 -48.31 -3.38
N LEU B 98 -16.62 -48.21 -3.61
CA LEU B 98 -17.51 -49.35 -3.41
C LEU B 98 -17.27 -50.41 -4.48
N SER B 99 -16.78 -51.57 -4.05
CA SER B 99 -16.30 -52.64 -4.94
C SER B 99 -17.31 -53.80 -5.05
N ALA B 100 -17.06 -54.75 -5.96
CA ALA B 100 -17.94 -55.91 -6.11
C ALA B 100 -17.80 -56.90 -4.96
N GLU B 101 -16.60 -56.94 -4.38
CA GLU B 101 -16.35 -57.66 -3.12
C GLU B 101 -17.13 -57.05 -1.94
N ASP B 102 -17.17 -55.73 -1.84
CA ASP B 102 -18.05 -55.09 -0.85
C ASP B 102 -19.52 -55.47 -1.10
N LEU B 103 -19.96 -55.40 -2.35
CA LEU B 103 -21.32 -55.82 -2.67
C LEU B 103 -21.56 -57.24 -2.18
N ASP B 104 -20.59 -58.12 -2.40
CA ASP B 104 -20.67 -59.52 -1.99
C ASP B 104 -20.61 -59.71 -0.46
N ALA B 105 -19.71 -58.96 0.18
CA ALA B 105 -19.58 -59.00 1.64
C ALA B 105 -20.91 -58.65 2.33
N MET B 106 -21.60 -57.64 1.80
CA MET B 106 -22.92 -57.25 2.32
C MET B 106 -24.05 -58.19 1.87
N ALA B 107 -23.85 -58.95 0.81
CA ALA B 107 -24.83 -59.97 0.42
C ALA B 107 -24.73 -61.16 1.39
N ALA B 108 -23.55 -61.32 1.99
CA ALA B 108 -23.34 -62.33 3.02
C ALA B 108 -23.91 -61.90 4.36
N GLU B 109 -24.16 -60.59 4.51
CA GLU B 109 -24.72 -60.01 5.75
C GLU B 109 -26.24 -59.90 5.68
N VAL B 110 -26.79 -60.28 4.54
CA VAL B 110 -28.23 -60.29 4.35
C VAL B 110 -28.80 -61.63 4.82
N ALA B 111 -28.20 -62.74 4.38
CA ALA B 111 -28.68 -64.07 4.77
C ALA B 111 -28.27 -64.43 6.20
N ALA B 112 -27.24 -63.73 6.71
CA ALA B 112 -26.88 -63.78 8.13
C ALA B 112 -27.82 -62.91 8.99
N SER B 113 -28.57 -62.02 8.34
CA SER B 113 -29.62 -61.22 9.00
C SER B 113 -30.91 -62.00 9.00
N GLY B 114 -30.85 -63.21 8.47
CA GLY B 114 -32.00 -64.09 8.48
C GLY B 114 -32.90 -63.90 7.28
N VAL B 115 -32.52 -62.99 6.38
CA VAL B 115 -33.24 -62.85 5.12
C VAL B 115 -32.87 -64.05 4.27
N ARG B 116 -33.88 -64.60 3.61
CA ARG B 116 -33.69 -65.75 2.76
C ARG B 116 -34.58 -65.61 1.54
N THR B 117 -35.41 -64.56 1.53
CA THR B 117 -36.27 -64.28 0.36
C THR B 117 -36.70 -62.81 0.29
N VAL B 118 -36.51 -62.20 -0.88
CA VAL B 118 -37.11 -60.89 -1.17
C VAL B 118 -38.39 -61.13 -1.96
N ARG B 119 -39.52 -61.23 -1.25
CA ARG B 119 -40.81 -61.53 -1.92
C ARG B 119 -41.19 -60.51 -3.02
N GLY B 120 -41.04 -59.22 -2.69
CA GLY B 120 -41.29 -58.10 -3.61
C GLY B 120 -40.07 -57.68 -4.44
N ASP B 121 -39.81 -56.37 -4.51
CA ASP B 121 -38.80 -55.85 -5.42
C ASP B 121 -37.43 -55.44 -4.82
N LEU B 122 -36.41 -55.41 -5.68
CA LEU B 122 -35.08 -54.93 -5.29
C LEU B 122 -34.77 -53.61 -5.96
N TYR B 123 -34.39 -52.63 -5.15
CA TYR B 123 -34.39 -51.25 -5.61
C TYR B 123 -33.04 -50.59 -5.34
N ALA B 124 -32.66 -49.68 -6.23
CA ALA B 124 -31.38 -49.02 -6.14
C ALA B 124 -31.56 -47.59 -5.65
N ASP B 125 -31.10 -47.33 -4.42
CA ASP B 125 -31.35 -46.05 -3.76
C ASP B 125 -30.09 -45.20 -3.76
N ASP B 126 -29.95 -44.42 -4.83
CA ASP B 126 -28.89 -43.44 -4.93
C ASP B 126 -29.37 -42.04 -4.59
N THR B 127 -30.57 -41.95 -4.01
CA THR B 127 -31.22 -40.66 -3.77
C THR B 127 -30.42 -39.76 -2.80
N TRP B 128 -29.33 -40.30 -2.24
CA TRP B 128 -28.46 -39.53 -1.38
C TRP B 128 -27.87 -38.43 -2.23
N PHE B 129 -27.86 -38.69 -3.54
CA PHE B 129 -27.53 -37.70 -4.57
C PHE B 129 -28.72 -37.55 -5.56
N ASP B 130 -28.76 -36.47 -6.34
CA ASP B 130 -29.81 -36.32 -7.35
C ASP B 130 -29.51 -37.17 -8.61
N SER B 131 -30.48 -37.27 -9.53
CA SER B 131 -30.27 -38.06 -10.74
C SER B 131 -29.64 -37.27 -11.89
N GLU B 132 -28.95 -36.18 -11.55
CA GLU B 132 -28.24 -35.38 -12.54
C GLU B 132 -26.87 -36.03 -12.80
N ARG B 133 -26.80 -36.82 -13.86
CA ARG B 133 -25.63 -37.64 -14.20
C ARG B 133 -24.39 -36.86 -14.70
N LEU B 134 -24.62 -35.96 -15.65
CA LEU B 134 -23.52 -35.29 -16.32
C LEU B 134 -23.68 -33.81 -16.14
N VAL B 135 -22.56 -33.10 -16.02
CA VAL B 135 -22.54 -31.65 -16.10
C VAL B 135 -22.95 -31.31 -17.55
N ASP B 136 -23.70 -30.24 -17.71
CA ASP B 136 -24.26 -29.86 -19.00
C ASP B 136 -23.29 -29.58 -20.16
N ASP B 137 -22.15 -28.95 -19.88
CA ASP B 137 -21.23 -28.62 -20.98
C ASP B 137 -20.14 -29.67 -21.23
N TRP B 138 -20.25 -30.82 -20.59
CA TRP B 138 -19.46 -31.98 -20.94
C TRP B 138 -19.87 -32.46 -22.33
N TRP B 139 -18.95 -33.11 -23.06
CA TRP B 139 -19.26 -33.57 -24.42
C TRP B 139 -19.89 -34.96 -24.40
N PRO B 140 -21.06 -35.10 -25.07
CA PRO B 140 -21.70 -36.40 -25.20
C PRO B 140 -20.72 -37.42 -25.77
N GLU B 141 -19.72 -36.91 -26.49
CA GLU B 141 -18.76 -37.76 -27.18
C GLU B 141 -17.74 -38.37 -26.21
N ASP B 142 -17.63 -37.80 -25.01
CA ASP B 142 -16.73 -38.33 -24.04
C ASP B 142 -17.40 -39.36 -23.16
N GLU B 143 -18.73 -39.47 -23.30
CA GLU B 143 -19.55 -40.27 -22.38
C GLU B 143 -19.20 -41.77 -22.34
N PRO B 144 -18.76 -42.34 -23.47
CA PRO B 144 -18.49 -43.77 -23.41
C PRO B 144 -17.27 -44.14 -22.56
N TYR B 145 -16.48 -43.13 -22.19
CA TYR B 145 -15.17 -43.33 -21.54
C TYR B 145 -15.25 -43.11 -20.06
N ALA B 146 -14.45 -43.93 -19.38
CA ALA B 146 -14.31 -43.92 -17.92
C ALA B 146 -14.24 -42.52 -17.29
N TYR B 147 -13.47 -41.61 -17.87
CA TYR B 147 -13.32 -40.30 -17.24
C TYR B 147 -14.62 -39.50 -17.23
N SER B 148 -15.64 -40.03 -17.91
CA SER B 148 -16.94 -39.35 -18.05
C SER B 148 -18.14 -40.22 -17.63
N ALA B 149 -17.94 -41.03 -16.60
CA ALA B 149 -18.98 -41.95 -16.17
C ALA B 149 -20.06 -41.10 -15.54
N GLN B 150 -21.29 -41.64 -15.46
CA GLN B 150 -22.44 -40.93 -14.89
C GLN B 150 -22.25 -40.91 -13.37
N ILE B 151 -22.55 -39.75 -12.75
CA ILE B 151 -22.45 -39.59 -11.30
C ILE B 151 -23.72 -39.98 -10.50
N SER B 152 -23.57 -41.05 -9.69
CA SER B 152 -24.63 -41.60 -8.86
C SER B 152 -24.04 -41.86 -7.49
N ALA B 153 -24.83 -41.74 -6.43
CA ALA B 153 -24.39 -42.06 -5.06
C ALA B 153 -24.14 -43.55 -4.88
N LEU B 154 -24.78 -44.35 -5.73
CA LEU B 154 -24.62 -45.78 -5.67
C LEU B 154 -23.90 -46.24 -6.93
N THR B 155 -22.57 -46.39 -6.80
CA THR B 155 -21.72 -46.76 -7.94
C THR B 155 -20.66 -47.83 -7.63
N VAL B 156 -20.60 -48.86 -8.49
CA VAL B 156 -19.59 -49.92 -8.35
C VAL B 156 -18.25 -49.42 -8.85
N ALA B 157 -17.27 -49.34 -7.94
CA ALA B 157 -15.90 -48.89 -8.27
C ALA B 157 -15.08 -50.05 -8.85
N HIS B 158 -14.07 -49.72 -9.67
CA HIS B 158 -13.32 -50.78 -10.38
C HIS B 158 -11.83 -50.75 -10.10
N GLY B 159 -11.29 -51.92 -9.77
CA GLY B 159 -9.86 -52.09 -9.52
C GLY B 159 -9.35 -51.38 -8.28
N GLU B 160 -8.06 -51.47 -8.05
CA GLU B 160 -7.50 -50.77 -6.89
C GLU B 160 -7.36 -49.28 -7.18
N ARG B 161 -7.70 -48.89 -8.40
CA ARG B 161 -7.73 -47.45 -8.75
C ARG B 161 -9.11 -46.81 -8.42
N PHE B 162 -10.14 -47.65 -8.44
CA PHE B 162 -11.51 -47.32 -8.11
C PHE B 162 -12.16 -46.46 -9.20
N ASP B 163 -12.33 -47.05 -10.38
CA ASP B 163 -13.00 -46.35 -11.46
C ASP B 163 -14.44 -46.66 -11.36
N THR B 164 -15.20 -45.63 -11.04
CA THR B 164 -16.62 -45.72 -10.72
C THR B 164 -17.53 -45.78 -11.96
N GLY B 165 -18.52 -46.65 -11.91
CA GLY B 165 -19.57 -46.69 -12.90
C GLY B 165 -19.14 -47.17 -14.27
N VAL B 166 -18.22 -48.14 -14.28
CA VAL B 166 -17.72 -48.73 -15.54
C VAL B 166 -17.81 -50.26 -15.52
N THR B 167 -17.56 -50.88 -16.69
CA THR B 167 -17.46 -52.33 -16.83
C THR B 167 -16.23 -52.66 -17.71
N GLU B 168 -15.52 -53.77 -17.42
CA GLU B 168 -14.41 -54.24 -18.29
C GLU B 168 -14.91 -55.02 -19.47
N VAL B 169 -14.71 -54.47 -20.67
CA VAL B 169 -15.10 -55.16 -21.89
C VAL B 169 -13.86 -55.84 -22.39
N SER B 170 -14.02 -57.08 -22.86
CA SER B 170 -12.91 -57.89 -23.28
C SER B 170 -13.22 -58.47 -24.64
N VAL B 171 -12.34 -58.16 -25.58
CA VAL B 171 -12.53 -58.61 -26.92
C VAL B 171 -11.38 -59.55 -27.28
N THR B 172 -11.75 -60.77 -27.70
CA THR B 172 -10.81 -61.83 -27.98
C THR B 172 -11.12 -62.37 -29.35
N PRO B 173 -10.08 -62.81 -30.09
CA PRO B 173 -10.28 -63.24 -31.46
C PRO B 173 -10.92 -64.63 -31.58
N ALA B 174 -11.62 -64.88 -32.68
CA ALA B 174 -12.12 -66.22 -32.95
C ALA B 174 -11.26 -66.86 -34.05
N ALA B 175 -11.88 -67.45 -35.05
CA ALA B 175 -11.11 -67.80 -36.21
C ALA B 175 -10.95 -66.53 -37.04
N GLU B 176 -9.96 -66.49 -37.92
CA GLU B 176 -9.91 -65.46 -38.90
C GLU B 176 -11.21 -65.55 -39.71
N GLY B 177 -11.93 -64.44 -39.76
CA GLY B 177 -13.04 -64.28 -40.68
C GLY B 177 -14.41 -64.28 -40.01
N GLU B 178 -14.46 -64.83 -38.79
CA GLU B 178 -15.70 -64.87 -38.02
C GLU B 178 -15.66 -63.84 -36.88
N PRO B 179 -16.84 -63.50 -36.29
CA PRO B 179 -17.03 -62.51 -35.23
C PRO B 179 -16.14 -62.69 -33.98
N ALA B 180 -15.55 -61.58 -33.50
CA ALA B 180 -14.79 -61.59 -32.25
C ALA B 180 -15.71 -61.90 -31.04
N ASP B 181 -15.19 -62.66 -30.08
CA ASP B 181 -15.93 -62.94 -28.86
C ASP B 181 -15.77 -61.75 -27.92
N VAL B 182 -16.92 -61.22 -27.50
CA VAL B 182 -16.99 -60.05 -26.64
C VAL B 182 -17.68 -60.44 -25.36
N ASP B 183 -17.08 -60.03 -24.25
CA ASP B 183 -17.66 -60.27 -22.95
C ASP B 183 -17.74 -58.93 -22.22
N LEU B 184 -18.89 -58.64 -21.60
CA LEU B 184 -19.15 -57.30 -21.08
C LEU B 184 -18.79 -57.08 -19.63
N GLY B 185 -18.20 -58.07 -18.98
CA GLY B 185 -17.75 -57.92 -17.60
C GLY B 185 -18.90 -57.82 -16.60
N ALA B 186 -18.77 -56.92 -15.64
CA ALA B 186 -19.81 -56.74 -14.64
C ALA B 186 -21.17 -56.46 -15.25
N ALA B 187 -21.22 -55.70 -16.33
CA ALA B 187 -22.49 -55.33 -16.99
C ALA B 187 -23.15 -56.43 -17.83
N GLU B 188 -22.59 -57.65 -17.83
CA GLU B 188 -23.16 -58.75 -18.59
C GLU B 188 -24.59 -59.01 -18.10
N GLY B 189 -25.50 -59.28 -19.04
CA GLY B 189 -26.92 -59.43 -18.71
C GLY B 189 -27.66 -58.12 -18.43
N TYR B 190 -26.91 -57.12 -17.95
CA TYR B 190 -27.42 -55.77 -17.66
C TYR B 190 -27.37 -54.85 -18.90
N ALA B 191 -26.17 -54.61 -19.42
CA ALA B 191 -26.00 -53.87 -20.67
C ALA B 191 -26.27 -54.76 -21.88
N GLU B 192 -26.73 -54.15 -22.97
CA GLU B 192 -26.97 -54.91 -24.20
C GLU B 192 -25.68 -55.01 -24.98
N LEU B 193 -25.65 -55.88 -25.98
CA LEU B 193 -24.44 -56.09 -26.76
C LEU B 193 -24.69 -55.97 -28.26
N ASP B 194 -24.01 -55.00 -28.88
CA ASP B 194 -24.07 -54.82 -30.31
C ASP B 194 -22.72 -55.18 -30.97
N ASN B 195 -22.52 -56.48 -31.19
CA ASN B 195 -21.22 -56.97 -31.66
C ASN B 195 -21.07 -57.15 -33.17
N ARG B 196 -20.64 -56.09 -33.83
CA ARG B 196 -20.49 -56.07 -35.27
C ARG B 196 -19.02 -56.14 -35.69
N ALA B 197 -18.19 -56.70 -34.81
CA ALA B 197 -16.76 -56.85 -35.10
C ALA B 197 -16.40 -58.20 -35.76
N VAL B 198 -15.20 -58.26 -36.35
CA VAL B 198 -14.66 -59.51 -36.89
C VAL B 198 -13.24 -59.77 -36.44
N THR B 199 -12.85 -61.04 -36.48
CA THR B 199 -11.45 -61.40 -36.35
C THR B 199 -10.79 -61.27 -37.74
N GLY B 200 -9.80 -60.40 -37.84
CA GLY B 200 -9.02 -60.28 -39.06
C GLY B 200 -7.90 -61.31 -39.12
N ALA B 201 -7.20 -61.36 -40.26
CA ALA B 201 -6.00 -62.19 -40.43
C ALA B 201 -4.94 -61.88 -39.39
N ALA B 202 -4.03 -62.83 -39.18
CA ALA B 202 -3.01 -62.67 -38.18
C ALA B 202 -2.00 -61.60 -38.61
N GLY B 203 -1.38 -60.95 -37.65
CA GLY B 203 -0.49 -59.84 -37.96
C GLY B 203 -1.13 -58.60 -38.57
N SER B 204 -2.42 -58.64 -38.86
CA SER B 204 -3.18 -57.48 -39.38
C SER B 204 -3.49 -56.43 -38.31
N ALA B 205 -3.98 -55.28 -38.78
CA ALA B 205 -4.31 -54.08 -37.97
C ALA B 205 -5.41 -54.27 -36.91
N ASN B 206 -5.26 -53.57 -35.78
CA ASN B 206 -6.29 -53.51 -34.73
C ASN B 206 -7.27 -52.34 -34.89
N THR B 207 -8.33 -52.51 -35.69
CA THR B 207 -9.29 -51.43 -35.95
C THR B 207 -10.53 -51.55 -35.08
N LEU B 208 -10.33 -51.98 -33.85
CA LEU B 208 -11.45 -52.31 -33.00
C LEU B 208 -11.91 -51.10 -32.25
N VAL B 209 -13.20 -50.78 -32.38
CA VAL B 209 -13.75 -49.72 -31.53
C VAL B 209 -14.79 -50.26 -30.56
N ILE B 210 -14.71 -49.79 -29.32
CA ILE B 210 -15.68 -50.13 -28.30
C ILE B 210 -16.38 -48.84 -27.81
N ASP B 211 -17.68 -48.74 -28.11
CA ASP B 211 -18.42 -47.49 -27.90
C ASP B 211 -19.80 -47.75 -27.30
N ARG B 212 -20.35 -46.74 -26.60
CA ARG B 212 -21.70 -46.76 -26.06
C ARG B 212 -22.55 -45.64 -26.69
N PRO B 213 -23.26 -45.96 -27.81
CA PRO B 213 -24.01 -44.97 -28.60
C PRO B 213 -24.79 -44.07 -27.71
N VAL B 214 -24.69 -42.77 -27.97
CA VAL B 214 -25.17 -41.74 -27.05
C VAL B 214 -26.61 -42.02 -26.56
N GLY B 215 -26.84 -41.82 -25.26
CA GLY B 215 -28.17 -42.03 -24.64
C GLY B 215 -28.76 -43.44 -24.68
N THR B 216 -27.91 -44.45 -24.91
CA THR B 216 -28.29 -45.88 -24.87
C THR B 216 -27.44 -46.62 -23.84
N ASN B 217 -27.88 -47.82 -23.45
CA ASN B 217 -27.10 -48.71 -22.60
C ASN B 217 -26.67 -49.94 -23.39
N THR B 218 -26.31 -49.67 -24.63
CA THR B 218 -25.88 -50.68 -25.57
C THR B 218 -24.40 -50.48 -25.78
N ILE B 219 -23.63 -51.54 -25.60
CA ILE B 219 -22.22 -51.51 -25.97
C ILE B 219 -22.11 -52.05 -27.39
N ALA B 220 -21.72 -51.18 -28.32
CA ALA B 220 -21.51 -51.55 -29.73
C ALA B 220 -20.03 -51.66 -30.03
N VAL B 221 -19.64 -52.82 -30.58
CA VAL B 221 -18.26 -53.14 -30.86
C VAL B 221 -18.16 -53.41 -32.33
N THR B 222 -17.38 -52.59 -33.03
CA THR B 222 -17.17 -52.68 -34.46
C THR B 222 -15.67 -52.80 -34.71
N GLY B 223 -15.28 -53.25 -35.89
CA GLY B 223 -13.88 -53.23 -36.25
C GLY B 223 -13.30 -54.60 -36.55
N SER B 224 -11.98 -54.69 -36.48
CA SER B 224 -11.27 -55.93 -36.72
C SER B 224 -10.25 -56.12 -35.62
N LEU B 225 -10.10 -57.36 -35.18
CA LEU B 225 -9.08 -57.75 -34.22
C LEU B 225 -8.42 -58.98 -34.78
N PRO B 226 -7.07 -59.00 -34.80
CA PRO B 226 -6.38 -60.09 -35.48
C PRO B 226 -6.33 -61.35 -34.63
N ALA B 227 -6.15 -62.49 -35.30
CA ALA B 227 -6.19 -63.79 -34.65
C ALA B 227 -5.11 -63.87 -33.56
N ASP B 228 -3.91 -63.45 -33.93
CA ASP B 228 -2.74 -63.53 -33.05
C ASP B 228 -2.63 -62.36 -32.06
N ALA B 229 -3.71 -62.09 -31.34
CA ALA B 229 -3.72 -60.93 -30.48
C ALA B 229 -4.18 -61.23 -29.08
N ALA B 230 -3.58 -60.48 -28.15
CA ALA B 230 -3.87 -60.53 -26.74
C ALA B 230 -5.21 -59.88 -26.48
N PRO B 231 -6.08 -60.55 -25.71
CA PRO B 231 -7.42 -59.99 -25.51
C PRO B 231 -7.40 -58.49 -25.24
N VAL B 232 -8.22 -57.73 -25.97
CA VAL B 232 -8.34 -56.32 -25.71
C VAL B 232 -9.24 -56.08 -24.49
N THR B 233 -8.77 -55.23 -23.58
CA THR B 233 -9.45 -54.95 -22.30
C THR B 233 -9.55 -53.44 -22.04
N ALA B 234 -10.79 -52.94 -22.16
CA ALA B 234 -11.08 -51.53 -22.02
C ALA B 234 -12.13 -51.28 -20.94
N LEU B 235 -12.01 -50.14 -20.29
CA LEU B 235 -13.06 -49.68 -19.36
C LEU B 235 -14.10 -48.81 -20.09
N ARG B 236 -15.35 -49.25 -19.99
CA ARG B 236 -16.51 -48.53 -20.56
C ARG B 236 -17.64 -48.26 -19.56
N THR B 237 -18.23 -47.08 -19.65
CA THR B 237 -19.28 -46.65 -18.72
C THR B 237 -20.63 -47.26 -19.08
N VAL B 238 -21.53 -47.28 -18.10
CA VAL B 238 -22.90 -47.75 -18.33
C VAL B 238 -23.89 -46.69 -17.96
N ASP B 239 -25.13 -46.92 -18.34
CA ASP B 239 -26.25 -46.07 -17.99
C ASP B 239 -26.72 -46.50 -16.59
N GLU B 240 -26.75 -45.54 -15.66
CA GLU B 240 -27.20 -45.78 -14.29
C GLU B 240 -26.27 -46.74 -13.56
N PRO B 241 -25.16 -46.23 -13.03
CA PRO B 241 -24.31 -46.97 -12.13
C PRO B 241 -25.12 -47.75 -11.11
N ALA B 242 -26.00 -47.06 -10.40
CA ALA B 242 -26.86 -47.67 -9.41
C ALA B 242 -27.60 -48.94 -9.89
N ALA B 243 -28.18 -48.91 -11.09
CA ALA B 243 -28.97 -50.06 -11.62
C ALA B 243 -28.10 -51.32 -11.87
N LEU B 244 -26.80 -51.08 -12.07
CA LEU B 244 -25.79 -52.12 -12.18
C LEU B 244 -25.35 -52.52 -10.78
N ALA B 245 -25.16 -51.53 -9.90
CA ALA B 245 -24.94 -51.82 -8.49
C ALA B 245 -26.03 -52.77 -7.98
N GLY B 246 -27.26 -52.56 -8.46
CA GLY B 246 -28.39 -53.33 -7.97
C GLY B 246 -28.32 -54.73 -8.52
N HIS B 247 -28.31 -54.79 -9.85
CA HIS B 247 -28.25 -56.04 -10.60
C HIS B 247 -27.05 -56.93 -10.17
N LEU B 248 -25.95 -56.29 -9.77
CA LEU B 248 -24.79 -57.02 -9.22
C LEU B 248 -25.06 -57.61 -7.84
N PHE B 249 -25.50 -56.73 -6.94
CA PHE B 249 -25.96 -57.13 -5.60
C PHE B 249 -27.03 -58.20 -5.61
N GLU B 250 -27.94 -58.13 -6.59
CA GLU B 250 -28.92 -59.17 -6.76
C GLU B 250 -28.20 -60.50 -6.99
N GLU B 251 -27.23 -60.48 -7.90
CA GLU B 251 -26.46 -61.67 -8.19
C GLU B 251 -25.77 -62.13 -6.93
N ALA B 252 -24.95 -61.25 -6.36
CA ALA B 252 -24.28 -61.53 -5.11
C ALA B 252 -25.24 -62.12 -4.07
N LEU B 253 -26.52 -61.75 -4.14
CA LEU B 253 -27.51 -62.34 -3.23
C LEU B 253 -27.86 -63.80 -3.52
N GLU B 254 -28.27 -64.12 -4.75
CA GLU B 254 -28.55 -65.53 -5.12
C GLU B 254 -27.36 -66.45 -4.75
N SER B 255 -26.15 -65.96 -4.97
CA SER B 255 -24.92 -66.66 -4.66
C SER B 255 -24.89 -66.99 -3.18
N ASN B 256 -25.28 -66.02 -2.37
CA ASN B 256 -25.35 -66.22 -0.93
C ASN B 256 -26.71 -66.73 -0.49
N GLY B 257 -27.39 -67.41 -1.41
CA GLY B 257 -28.64 -68.11 -1.14
C GLY B 257 -29.74 -67.21 -0.63
N VAL B 258 -30.06 -66.17 -1.40
CA VAL B 258 -31.19 -65.31 -1.10
C VAL B 258 -31.95 -65.10 -2.40
N THR B 259 -33.25 -65.32 -2.36
CA THR B 259 -34.08 -65.34 -3.56
C THR B 259 -34.73 -63.99 -3.84
N VAL B 260 -35.05 -63.74 -5.10
CA VAL B 260 -35.75 -62.52 -5.51
C VAL B 260 -36.77 -62.85 -6.62
N LYS B 261 -38.06 -62.76 -6.30
CA LYS B 261 -39.11 -63.00 -7.30
C LYS B 261 -39.37 -61.81 -8.23
N GLY B 262 -39.10 -60.59 -7.72
CA GLY B 262 -39.49 -59.36 -8.41
C GLY B 262 -38.46 -58.69 -9.29
N ASP B 263 -38.71 -57.41 -9.57
CA ASP B 263 -37.88 -56.60 -10.44
C ASP B 263 -36.71 -56.01 -9.69
N VAL B 264 -35.62 -55.77 -10.43
CA VAL B 264 -34.53 -54.94 -9.95
C VAL B 264 -34.69 -53.57 -10.61
N GLY B 265 -34.73 -52.53 -9.79
CA GLY B 265 -34.95 -51.19 -10.32
C GLY B 265 -34.35 -50.11 -9.45
N LEU B 266 -34.65 -48.87 -9.80
CA LEU B 266 -34.24 -47.71 -9.02
C LEU B 266 -35.43 -47.22 -8.23
N GLY B 267 -35.20 -46.97 -6.95
CA GLY B 267 -36.23 -46.47 -6.09
C GLY B 267 -35.67 -45.89 -4.82
N GLY B 268 -36.41 -44.93 -4.26
CA GLY B 268 -36.09 -44.37 -2.94
C GLY B 268 -36.80 -45.07 -1.80
N VAL B 269 -36.04 -45.43 -0.76
CA VAL B 269 -36.62 -45.92 0.48
C VAL B 269 -37.65 -44.86 0.85
N PRO B 270 -38.91 -45.25 1.09
CA PRO B 270 -39.94 -44.26 1.43
C PRO B 270 -39.72 -43.61 2.80
N ALA B 271 -40.14 -42.36 2.94
CA ALA B 271 -39.89 -41.57 4.16
C ALA B 271 -40.93 -41.81 5.27
N ASP B 272 -41.98 -42.56 4.95
CA ASP B 272 -42.90 -43.01 5.99
C ASP B 272 -42.34 -44.18 6.82
N TRP B 273 -41.20 -44.74 6.41
CA TRP B 273 -40.51 -45.76 7.19
C TRP B 273 -39.88 -45.12 8.41
N GLN B 274 -40.48 -45.33 9.57
CA GLN B 274 -40.04 -44.71 10.83
C GLN B 274 -38.65 -45.19 11.29
N ASP B 275 -38.49 -46.49 11.55
CA ASP B 275 -37.16 -47.15 11.58
C ASP B 275 -37.07 -48.35 10.62
N ALA B 276 -36.26 -48.18 9.59
CA ALA B 276 -36.04 -49.21 8.60
C ALA B 276 -34.99 -50.16 9.15
N GLU B 277 -35.13 -51.45 8.88
CA GLU B 277 -34.16 -52.39 9.40
C GLU B 277 -32.90 -52.46 8.52
N VAL B 278 -31.79 -52.01 9.10
CA VAL B 278 -30.50 -52.01 8.43
C VAL B 278 -29.83 -53.38 8.63
N LEU B 279 -30.12 -54.28 7.68
CA LEU B 279 -29.60 -55.64 7.68
C LEU B 279 -28.10 -55.67 7.41
N ALA B 280 -27.70 -55.17 6.25
CA ALA B 280 -26.28 -55.16 5.91
C ALA B 280 -25.77 -53.75 5.70
N ASP B 281 -24.50 -53.54 6.02
CA ASP B 281 -23.84 -52.28 5.75
C ASP B 281 -22.37 -52.41 5.33
N HIS B 282 -21.82 -51.34 4.79
CA HIS B 282 -20.38 -51.23 4.55
C HIS B 282 -19.91 -49.81 4.81
N THR B 283 -18.65 -49.69 5.22
CA THR B 283 -18.01 -48.44 5.50
C THR B 283 -16.71 -48.44 4.70
N SER B 284 -16.41 -47.33 4.03
CA SER B 284 -15.22 -47.22 3.22
C SER B 284 -14.06 -46.83 4.11
N ALA B 285 -12.89 -46.70 3.52
CA ALA B 285 -11.75 -46.15 4.23
C ALA B 285 -11.94 -44.63 4.45
N GLU B 286 -11.05 -44.03 5.22
CA GLU B 286 -11.12 -42.60 5.47
C GLU B 286 -10.76 -41.75 4.22
N LEU B 287 -11.09 -40.46 4.29
CA LEU B 287 -10.84 -39.53 3.19
C LEU B 287 -9.39 -39.49 2.73
N SER B 288 -8.48 -39.15 3.63
CA SER B 288 -7.05 -38.99 3.28
C SER B 288 -6.49 -40.22 2.58
N GLU B 289 -7.01 -41.39 2.93
CA GLU B 289 -6.54 -42.61 2.31
C GLU B 289 -7.15 -42.77 0.90
N ILE B 290 -8.36 -42.23 0.71
CA ILE B 290 -8.99 -42.21 -0.62
C ILE B 290 -8.37 -41.14 -1.52
N LEU B 291 -7.87 -40.04 -0.95
CA LEU B 291 -7.20 -39.03 -1.75
C LEU B 291 -6.07 -39.61 -2.62
N VAL B 292 -5.64 -40.84 -2.33
CA VAL B 292 -4.54 -41.43 -3.06
C VAL B 292 -4.97 -41.82 -4.47
N PRO B 293 -5.89 -42.78 -4.60
CA PRO B 293 -6.26 -43.14 -5.98
C PRO B 293 -6.98 -41.99 -6.74
N PHE B 294 -7.24 -40.88 -6.03
CA PHE B 294 -7.98 -39.77 -6.53
C PHE B 294 -7.03 -38.74 -7.09
N MET B 295 -6.20 -38.15 -6.23
CA MET B 295 -5.18 -37.19 -6.66
C MET B 295 -4.06 -37.78 -7.53
N LYS B 296 -3.69 -39.04 -7.26
CA LYS B 296 -2.58 -39.71 -7.95
C LYS B 296 -2.88 -40.04 -9.39
N PHE B 297 -4.12 -40.40 -9.70
CA PHE B 297 -4.49 -40.82 -11.06
C PHE B 297 -5.52 -39.92 -11.75
N SER B 298 -5.86 -38.78 -11.14
CA SER B 298 -7.01 -37.98 -11.57
C SER B 298 -8.27 -38.78 -11.76
N ASN B 299 -9.05 -38.96 -10.71
CA ASN B 299 -10.35 -39.62 -10.88
C ASN B 299 -11.46 -38.60 -10.91
N ASN B 300 -12.04 -38.41 -12.11
CA ASN B 300 -13.11 -37.41 -12.27
C ASN B 300 -14.30 -37.77 -11.43
N GLY B 301 -14.69 -39.03 -11.46
CA GLY B 301 -15.77 -39.57 -10.61
C GLY B 301 -15.56 -39.26 -9.15
N HIS B 302 -14.34 -39.43 -8.63
CA HIS B 302 -14.12 -39.10 -7.22
C HIS B 302 -14.41 -37.63 -6.98
N ALA B 303 -13.90 -36.78 -7.87
CA ALA B 303 -14.05 -35.32 -7.71
C ALA B 303 -15.49 -34.89 -7.74
N GLU B 304 -16.25 -35.42 -8.69
CA GLU B 304 -17.67 -35.08 -8.78
C GLU B 304 -18.47 -35.57 -7.57
N MET B 305 -18.20 -36.81 -7.13
CA MET B 305 -18.83 -37.37 -5.93
C MET B 305 -18.46 -36.56 -4.69
N LEU B 306 -17.18 -36.21 -4.54
CA LEU B 306 -16.81 -35.34 -3.41
C LEU B 306 -17.63 -34.07 -3.38
N VAL B 307 -17.83 -33.45 -4.55
CA VAL B 307 -18.60 -32.20 -4.67
C VAL B 307 -20.04 -32.38 -4.14
N LYS B 308 -20.77 -33.38 -4.64
CA LYS B 308 -22.14 -33.66 -4.17
C LYS B 308 -22.20 -34.00 -2.66
N SER B 309 -21.18 -34.70 -2.17
CA SER B 309 -21.04 -35.01 -0.74
C SER B 309 -20.80 -33.75 0.09
N ILE B 310 -19.89 -32.88 -0.35
CA ILE B 310 -19.81 -31.52 0.18
C ILE B 310 -21.21 -30.88 0.19
N GLY B 311 -21.93 -30.99 -0.93
CA GLY B 311 -23.32 -30.49 -1.05
C GLY B 311 -24.33 -31.15 -0.13
N GLN B 312 -24.15 -32.44 0.14
CA GLN B 312 -24.98 -33.13 1.15
C GLN B 312 -24.72 -32.70 2.58
N GLU B 313 -23.46 -32.41 2.89
CA GLU B 313 -23.06 -31.96 4.22
C GLU B 313 -23.53 -30.52 4.41
N THR B 314 -23.16 -29.62 3.50
CA THR B 314 -23.32 -28.20 3.80
C THR B 314 -24.73 -27.71 3.56
N ALA B 315 -25.52 -28.53 2.86
CA ALA B 315 -26.86 -28.13 2.42
C ALA B 315 -27.89 -29.24 2.49
N GLY B 316 -27.47 -30.49 2.65
CA GLY B 316 -28.43 -31.60 2.69
C GLY B 316 -29.05 -31.84 1.31
N ALA B 317 -28.29 -31.51 0.29
CA ALA B 317 -28.68 -31.79 -1.08
C ALA B 317 -27.42 -32.14 -1.87
N GLY B 318 -27.28 -33.41 -2.25
CA GLY B 318 -26.18 -33.82 -3.12
C GLY B 318 -26.34 -33.38 -4.56
N THR B 319 -26.05 -32.10 -4.80
CA THR B 319 -26.13 -31.46 -6.14
C THR B 319 -24.84 -30.70 -6.43
N TRP B 320 -24.61 -30.48 -7.73
CA TRP B 320 -23.51 -29.62 -8.13
C TRP B 320 -23.71 -28.19 -7.67
N ASP B 321 -24.92 -27.66 -7.85
CA ASP B 321 -25.21 -26.24 -7.58
C ASP B 321 -24.95 -25.92 -6.11
N ALA B 322 -25.31 -26.87 -5.25
CA ALA B 322 -25.06 -26.81 -3.81
C ALA B 322 -23.61 -27.19 -3.45
N GLY B 323 -23.14 -28.32 -4.00
CA GLY B 323 -21.78 -28.76 -3.77
C GLY B 323 -20.76 -27.69 -4.09
N LEU B 324 -20.82 -27.19 -5.33
CA LEU B 324 -20.04 -26.04 -5.79
C LEU B 324 -20.07 -24.81 -4.90
N VAL B 325 -21.25 -24.45 -4.39
CA VAL B 325 -21.39 -23.34 -3.42
C VAL B 325 -20.52 -23.56 -2.17
N GLY B 326 -20.64 -24.76 -1.60
CA GLY B 326 -19.89 -25.14 -0.42
C GLY B 326 -18.40 -25.09 -0.69
N VAL B 327 -18.01 -25.60 -1.86
CA VAL B 327 -16.61 -25.62 -2.27
C VAL B 327 -16.06 -24.22 -2.17
N GLU B 328 -16.80 -23.26 -2.74
CA GLU B 328 -16.38 -21.86 -2.76
C GLU B 328 -16.26 -21.33 -1.31
N GLU B 329 -17.21 -21.74 -0.46
CA GLU B 329 -17.22 -21.35 0.96
C GLU B 329 -16.03 -21.96 1.72
N ALA B 330 -15.88 -23.28 1.62
CA ALA B 330 -14.71 -23.96 2.18
C ALA B 330 -13.42 -23.24 1.77
N LEU B 331 -13.31 -22.96 0.47
CA LEU B 331 -12.09 -22.41 -0.07
C LEU B 331 -11.79 -21.05 0.51
N SER B 332 -12.78 -20.13 0.42
CA SER B 332 -12.64 -18.77 0.96
C SER B 332 -12.47 -18.80 2.48
N GLY B 333 -13.23 -19.68 3.15
CA GLY B 333 -13.03 -19.96 4.58
C GLY B 333 -11.56 -20.21 4.87
N LEU B 334 -10.98 -21.13 4.10
CA LEU B 334 -9.57 -21.51 4.22
C LEU B 334 -8.60 -20.34 4.00
N GLY B 335 -9.13 -19.19 3.58
CA GLY B 335 -8.35 -17.95 3.44
C GLY B 335 -7.90 -17.65 2.03
N VAL B 336 -8.52 -18.34 1.08
CA VAL B 336 -8.21 -18.17 -0.34
C VAL B 336 -9.17 -17.15 -0.95
N ASP B 337 -8.60 -16.15 -1.62
CA ASP B 337 -9.35 -15.18 -2.40
C ASP B 337 -9.90 -15.88 -3.64
N THR B 338 -11.16 -16.29 -3.60
CA THR B 338 -11.76 -16.97 -4.76
C THR B 338 -12.55 -16.05 -5.71
N ALA B 339 -12.09 -14.80 -5.89
CA ALA B 339 -12.73 -13.88 -6.82
C ALA B 339 -12.49 -14.38 -8.23
N GLY B 340 -11.23 -14.64 -8.54
CA GLY B 340 -10.80 -15.13 -9.84
C GLY B 340 -11.29 -16.53 -10.16
N LEU B 341 -11.76 -17.25 -9.15
CA LEU B 341 -12.26 -18.62 -9.38
C LEU B 341 -13.63 -18.63 -9.99
N VAL B 342 -13.87 -19.58 -10.88
CA VAL B 342 -15.19 -19.81 -11.40
C VAL B 342 -15.28 -21.31 -11.57
N LEU B 343 -16.16 -21.91 -10.78
CA LEU B 343 -16.30 -23.35 -10.76
C LEU B 343 -17.43 -23.80 -11.68
N ASN B 344 -17.38 -25.04 -12.13
CA ASN B 344 -18.47 -25.57 -12.87
C ASN B 344 -18.63 -27.07 -12.68
N ASP B 345 -17.57 -27.70 -12.19
CA ASP B 345 -17.62 -29.09 -11.77
C ASP B 345 -16.45 -29.35 -10.84
N GLY B 346 -16.27 -30.60 -10.39
CA GLY B 346 -15.28 -30.93 -9.36
C GLY B 346 -13.92 -31.29 -9.93
N SER B 347 -13.98 -32.09 -11.00
CA SER B 347 -12.82 -32.65 -11.69
C SER B 347 -12.09 -31.66 -12.55
N GLY B 348 -12.81 -30.64 -13.02
CA GLY B 348 -12.28 -29.75 -14.06
C GLY B 348 -12.31 -30.30 -15.47
N LEU B 349 -13.09 -31.35 -15.71
CA LEU B 349 -13.46 -31.78 -17.08
C LEU B 349 -14.23 -30.69 -17.84
N SER B 350 -15.26 -30.12 -17.21
CA SER B 350 -16.08 -29.09 -17.83
C SER B 350 -15.28 -27.88 -18.29
N ARG B 351 -15.66 -27.35 -19.45
CA ARG B 351 -14.87 -26.28 -20.08
C ARG B 351 -15.15 -24.87 -19.51
N GLY B 352 -16.17 -24.75 -18.67
CA GLY B 352 -16.50 -23.48 -18.05
C GLY B 352 -15.74 -23.21 -16.76
N ASN B 353 -14.67 -23.98 -16.54
CA ASN B 353 -13.91 -23.88 -15.33
C ASN B 353 -12.82 -22.83 -15.52
N LEU B 354 -12.65 -21.95 -14.55
CA LEU B 354 -11.61 -20.94 -14.68
C LEU B 354 -10.86 -20.73 -13.36
N VAL B 355 -9.54 -20.53 -13.47
CA VAL B 355 -8.64 -20.21 -12.36
C VAL B 355 -7.64 -19.13 -12.74
N THR B 356 -6.91 -18.59 -11.76
CA THR B 356 -5.64 -17.90 -12.07
C THR B 356 -4.48 -18.64 -11.41
N ALA B 357 -3.27 -18.46 -11.97
CA ALA B 357 -2.06 -19.05 -11.39
C ALA B 357 -1.90 -18.55 -9.97
N ASP B 358 -2.12 -17.25 -9.80
CA ASP B 358 -2.09 -16.61 -8.49
C ASP B 358 -3.08 -17.25 -7.51
N THR B 359 -4.21 -17.76 -8.02
CA THR B 359 -5.19 -18.47 -7.18
C THR B 359 -4.68 -19.83 -6.71
N VAL B 360 -4.10 -20.57 -7.64
CA VAL B 360 -3.62 -21.93 -7.39
C VAL B 360 -2.52 -21.89 -6.32
N VAL B 361 -1.60 -20.95 -6.45
CA VAL B 361 -0.52 -20.79 -5.47
C VAL B 361 -1.06 -20.24 -4.12
N ASP B 362 -2.06 -19.36 -4.18
CA ASP B 362 -2.76 -18.93 -2.96
C ASP B 362 -3.32 -20.14 -2.19
N LEU B 363 -4.02 -21.00 -2.91
CA LEU B 363 -4.53 -22.25 -2.36
C LEU B 363 -3.42 -23.15 -1.80
N LEU B 364 -2.23 -23.06 -2.37
CA LEU B 364 -1.14 -23.93 -1.99
C LEU B 364 -0.46 -23.51 -0.68
N GLY B 365 -0.48 -22.21 -0.39
CA GLY B 365 -0.03 -21.73 0.93
C GLY B 365 -1.07 -22.11 1.98
N GLN B 366 -2.32 -21.75 1.70
CA GLN B 366 -3.41 -22.01 2.61
C GLN B 366 -3.67 -23.50 2.90
N ALA B 367 -3.28 -24.39 2.01
CA ALA B 367 -3.45 -25.81 2.30
C ALA B 367 -2.21 -26.31 2.99
N GLY B 368 -1.14 -25.52 2.88
CA GLY B 368 0.17 -25.91 3.35
C GLY B 368 0.36 -25.68 4.83
N SER B 369 -0.63 -25.08 5.49
CA SER B 369 -0.55 -24.83 6.92
C SER B 369 -1.66 -25.55 7.67
N ALA B 370 -2.77 -25.76 6.95
CA ALA B 370 -3.95 -26.47 7.44
C ALA B 370 -3.61 -27.75 8.25
N PRO B 371 -4.47 -28.15 9.20
CA PRO B 371 -4.15 -29.39 9.90
C PRO B 371 -3.81 -30.56 8.96
N TRP B 372 -4.64 -30.77 7.94
CA TRP B 372 -4.52 -31.95 7.06
C TRP B 372 -3.35 -31.88 6.06
N ALA B 373 -2.67 -30.73 6.05
CA ALA B 373 -1.54 -30.47 5.17
C ALA B 373 -0.78 -31.70 4.76
N GLN B 374 -0.44 -32.54 5.74
CA GLN B 374 0.38 -33.71 5.44
C GLN B 374 -0.23 -34.72 4.45
N THR B 375 -1.44 -35.24 4.66
CA THR B 375 -1.99 -36.19 3.65
C THR B 375 -2.46 -35.52 2.37
N TRP B 376 -2.57 -34.20 2.40
CA TRP B 376 -2.79 -33.37 1.21
C TRP B 376 -1.54 -33.37 0.33
N SER B 377 -0.39 -33.01 0.91
CA SER B 377 0.88 -33.06 0.19
C SER B 377 1.24 -34.47 -0.23
N ALA B 378 0.77 -35.45 0.53
CA ALA B 378 1.13 -36.84 0.32
C ALA B 378 0.34 -37.45 -0.83
N SER B 379 -0.88 -36.98 -1.06
CA SER B 379 -1.69 -37.47 -2.17
C SER B 379 -1.23 -36.96 -3.56
N LEU B 380 -0.55 -35.83 -3.61
CA LEU B 380 -0.12 -35.31 -4.91
C LEU B 380 0.97 -36.18 -5.53
N PRO B 381 0.99 -36.29 -6.87
CA PRO B 381 2.04 -37.05 -7.53
C PRO B 381 3.44 -36.61 -7.16
N VAL B 382 4.32 -37.60 -7.02
CA VAL B 382 5.76 -37.38 -6.82
C VAL B 382 6.48 -37.58 -8.16
N ALA B 383 7.16 -36.52 -8.59
CA ALA B 383 7.76 -36.48 -9.91
C ALA B 383 8.81 -37.58 -10.10
N GLY B 384 8.53 -38.52 -10.99
CA GLY B 384 9.55 -39.48 -11.43
C GLY B 384 9.74 -40.79 -10.67
N GLU B 385 8.93 -41.03 -9.65
CA GLU B 385 8.89 -42.34 -8.97
C GLU B 385 8.03 -43.32 -9.77
N SER B 386 8.58 -44.49 -10.04
CA SER B 386 8.01 -45.43 -11.01
C SER B 386 6.87 -46.24 -10.47
N ASP B 387 6.71 -46.24 -9.13
CA ASP B 387 5.55 -46.84 -8.47
C ASP B 387 4.27 -46.11 -8.91
N PRO B 388 3.33 -46.81 -9.59
CA PRO B 388 2.09 -46.15 -10.01
C PRO B 388 1.43 -45.35 -8.89
N PHE B 389 1.43 -45.91 -7.68
CA PHE B 389 0.76 -45.31 -6.53
C PHE B 389 1.57 -44.17 -5.87
N VAL B 390 2.76 -43.89 -6.39
CA VAL B 390 3.61 -42.83 -5.81
C VAL B 390 3.86 -41.75 -6.87
N GLY B 391 3.93 -42.18 -8.13
CA GLY B 391 4.08 -41.26 -9.25
C GLY B 391 2.74 -41.01 -9.91
N GLY B 392 1.94 -42.07 -10.05
CA GLY B 392 0.64 -41.92 -10.69
C GLY B 392 0.79 -41.41 -12.11
N THR B 393 0.76 -40.07 -12.26
CA THR B 393 0.79 -39.42 -13.58
C THR B 393 2.04 -38.56 -13.72
N LEU B 394 2.89 -38.58 -12.71
CA LEU B 394 4.21 -38.01 -12.85
C LEU B 394 5.26 -39.13 -12.93
N ALA B 395 4.78 -40.38 -12.95
CA ALA B 395 5.65 -41.55 -13.07
C ALA B 395 6.64 -41.46 -14.26
N ASN B 396 6.16 -41.09 -15.43
CA ASN B 396 7.01 -41.07 -16.62
C ASN B 396 7.62 -39.69 -16.87
N ARG B 397 7.50 -38.80 -15.89
CA ARG B 397 8.05 -37.46 -16.08
C ARG B 397 9.24 -37.14 -15.12
N MET B 398 10.19 -36.37 -15.63
CA MET B 398 11.24 -35.74 -14.81
C MET B 398 12.31 -36.70 -14.19
N ARG B 399 12.33 -37.97 -14.60
CA ARG B 399 13.34 -38.92 -14.10
C ARG B 399 14.78 -38.46 -14.41
N GLY B 400 15.69 -38.72 -13.46
CA GLY B 400 17.08 -38.30 -13.58
C GLY B 400 17.25 -36.78 -13.50
N THR B 401 16.35 -36.11 -12.78
CA THR B 401 16.52 -34.66 -12.50
C THR B 401 16.52 -34.36 -10.98
N ALA B 402 16.78 -33.11 -10.62
CA ALA B 402 16.71 -32.70 -9.23
C ALA B 402 15.27 -32.76 -8.76
N ALA B 403 14.34 -32.75 -9.70
CA ALA B 403 12.90 -32.79 -9.42
C ALA B 403 12.42 -34.17 -8.95
N GLU B 404 13.10 -35.23 -9.37
CA GLU B 404 12.70 -36.60 -9.05
C GLU B 404 12.69 -36.85 -7.54
N GLY B 405 11.56 -37.31 -7.01
CA GLY B 405 11.41 -37.58 -5.57
C GLY B 405 11.36 -36.34 -4.69
N VAL B 406 11.34 -35.18 -5.32
CA VAL B 406 11.40 -33.91 -4.63
C VAL B 406 10.10 -33.16 -4.91
N VAL B 407 9.83 -32.90 -6.19
CA VAL B 407 8.58 -32.23 -6.63
C VAL B 407 7.33 -33.02 -6.29
N GLU B 408 6.41 -32.34 -5.61
CA GLU B 408 5.10 -32.90 -5.28
C GLU B 408 4.10 -31.99 -6.00
N ALA B 409 3.34 -32.55 -6.97
CA ALA B 409 2.49 -31.72 -7.84
C ALA B 409 1.34 -32.43 -8.58
N LYS B 410 0.33 -31.65 -8.97
CA LYS B 410 -0.86 -32.19 -9.61
C LYS B 410 -0.87 -31.85 -11.10
N THR B 411 -1.16 -32.85 -11.92
CA THR B 411 -1.21 -32.68 -13.36
C THR B 411 -2.63 -32.43 -13.78
N GLY B 412 -2.77 -31.64 -14.84
CA GLY B 412 -4.06 -31.39 -15.48
C GLY B 412 -3.87 -31.33 -16.97
N THR B 413 -4.55 -32.21 -17.69
CA THR B 413 -4.37 -32.38 -19.12
C THR B 413 -5.65 -32.78 -19.83
N MET B 414 -5.92 -32.11 -20.94
CA MET B 414 -6.93 -32.49 -21.95
C MET B 414 -6.63 -31.63 -23.16
N SER B 415 -7.37 -31.80 -24.26
CA SER B 415 -7.05 -31.08 -25.50
C SER B 415 -6.90 -29.56 -25.27
N GLY B 416 -5.71 -29.05 -25.60
CA GLY B 416 -5.43 -27.64 -25.50
C GLY B 416 -5.36 -27.11 -24.09
N VAL B 417 -5.25 -27.99 -23.11
CA VAL B 417 -4.99 -27.59 -21.73
C VAL B 417 -3.95 -28.48 -21.05
N SER B 418 -2.93 -27.84 -20.47
CA SER B 418 -1.90 -28.55 -19.70
C SER B 418 -1.46 -27.71 -18.50
N ALA B 419 -1.20 -28.38 -17.38
CA ALA B 419 -0.90 -27.70 -16.14
C ALA B 419 -0.11 -28.56 -15.17
N LEU B 420 0.69 -27.87 -14.36
CA LEU B 420 1.39 -28.48 -13.26
C LEU B 420 1.54 -27.49 -12.10
N SER B 421 1.05 -27.92 -10.95
CA SER B 421 1.12 -27.10 -9.76
C SER B 421 1.38 -27.96 -8.55
N GLY B 422 2.23 -27.45 -7.66
CA GLY B 422 2.51 -28.15 -6.44
C GLY B 422 3.61 -27.51 -5.64
N TYR B 423 4.39 -28.36 -4.99
CA TYR B 423 5.39 -27.89 -4.06
C TYR B 423 6.75 -28.43 -4.42
N VAL B 424 7.73 -27.55 -4.33
CA VAL B 424 9.13 -27.92 -4.25
C VAL B 424 9.53 -27.76 -2.78
N PRO B 425 9.69 -28.89 -2.07
CA PRO B 425 10.21 -28.86 -0.71
C PRO B 425 11.72 -28.60 -0.69
N GLY B 426 12.12 -27.49 -0.08
CA GLY B 426 13.54 -27.13 0.03
C GLY B 426 14.07 -27.23 1.45
N PRO B 427 15.39 -26.93 1.64
CA PRO B 427 16.04 -27.03 2.96
C PRO B 427 15.80 -25.81 3.86
N GLU B 428 15.83 -24.60 3.28
CA GLU B 428 15.50 -23.35 3.97
C GLU B 428 13.98 -23.03 3.97
N GLY B 429 13.31 -23.37 2.85
CA GLY B 429 11.85 -23.20 2.69
C GLY B 429 11.15 -23.93 1.53
N GLU B 430 9.84 -24.14 1.68
CA GLU B 430 9.01 -24.75 0.63
C GLU B 430 8.62 -23.74 -0.43
N LEU B 431 8.78 -24.14 -1.70
CA LEU B 431 8.34 -23.36 -2.86
C LEU B 431 7.00 -23.87 -3.32
N ALA B 432 6.09 -22.95 -3.61
CA ALA B 432 4.87 -23.30 -4.31
C ALA B 432 4.92 -22.76 -5.74
N PHE B 433 4.52 -23.60 -6.70
CA PHE B 433 4.44 -23.16 -8.09
C PHE B 433 3.10 -23.51 -8.74
N SER B 434 2.72 -22.68 -9.72
CA SER B 434 1.67 -23.02 -10.68
C SER B 434 2.09 -22.72 -12.12
N ILE B 435 1.92 -23.69 -13.00
CA ILE B 435 2.04 -23.45 -14.43
C ILE B 435 0.75 -23.92 -15.10
N VAL B 436 0.05 -22.98 -15.71
CA VAL B 436 -1.19 -23.30 -16.41
C VAL B 436 -1.07 -22.89 -17.88
N ASN B 437 -1.24 -23.87 -18.76
CA ASN B 437 -1.14 -23.65 -20.20
C ASN B 437 -2.45 -23.90 -20.89
N ASN B 438 -3.01 -22.83 -21.44
CA ASN B 438 -4.20 -22.89 -22.27
C ASN B 438 -3.92 -22.51 -23.69
N GLY B 439 -4.89 -22.82 -24.56
CA GLY B 439 -4.97 -22.29 -25.93
C GLY B 439 -3.80 -22.67 -26.83
N HIS B 440 -3.09 -23.72 -26.44
CA HIS B 440 -2.04 -24.26 -27.28
C HIS B 440 -2.64 -25.25 -28.26
N SER B 441 -2.16 -25.16 -29.48
CA SER B 441 -2.67 -25.95 -30.59
C SER B 441 -2.14 -27.39 -30.48
N GLY B 442 -0.83 -27.52 -30.37
CA GLY B 442 -0.14 -28.78 -30.66
C GLY B 442 -0.13 -29.84 -29.57
N PRO B 443 0.87 -30.75 -29.63
CA PRO B 443 1.05 -31.71 -28.56
C PRO B 443 1.43 -30.97 -27.30
N ALA B 444 1.34 -31.68 -26.17
CA ALA B 444 1.53 -31.05 -24.87
C ALA B 444 2.95 -30.51 -24.59
N PRO B 445 3.02 -29.26 -24.07
CA PRO B 445 4.22 -28.67 -23.50
C PRO B 445 4.42 -29.24 -22.11
N LEU B 446 4.46 -30.56 -22.02
CA LEU B 446 4.72 -31.23 -20.76
C LEU B 446 6.18 -31.06 -20.39
N ALA B 447 7.00 -30.78 -21.42
CA ALA B 447 8.43 -30.60 -21.25
C ALA B 447 8.73 -29.25 -20.63
N VAL B 448 8.06 -28.20 -21.10
CA VAL B 448 8.20 -26.87 -20.51
C VAL B 448 7.93 -26.96 -19.01
N GLN B 449 6.83 -27.61 -18.64
CA GLN B 449 6.49 -27.84 -17.25
C GLN B 449 7.61 -28.62 -16.54
N ASP B 450 8.10 -29.68 -17.17
CA ASP B 450 9.21 -30.47 -16.64
C ASP B 450 10.44 -29.58 -16.39
N ALA B 451 10.69 -28.65 -17.30
CA ALA B 451 11.90 -27.84 -17.23
C ALA B 451 11.84 -26.83 -16.08
N ILE B 452 10.74 -26.07 -16.01
CA ILE B 452 10.56 -25.11 -14.93
C ILE B 452 10.73 -25.77 -13.54
N ALA B 453 10.08 -26.92 -13.35
CA ALA B 453 10.06 -27.58 -12.05
C ALA B 453 11.48 -27.97 -11.64
N VAL B 454 12.28 -28.35 -12.62
CA VAL B 454 13.63 -28.86 -12.43
C VAL B 454 14.58 -27.76 -11.98
N ARG B 455 14.54 -26.64 -12.70
CA ARG B 455 15.28 -25.42 -12.35
C ARG B 455 14.80 -24.82 -11.02
N LEU B 456 13.54 -25.04 -10.70
CA LEU B 456 13.04 -24.74 -9.37
C LEU B 456 13.61 -25.71 -8.36
N ALA B 457 13.60 -26.99 -8.69
CA ALA B 457 14.13 -28.03 -7.80
C ALA B 457 15.59 -27.70 -7.52
N GLU B 458 16.24 -27.09 -8.50
CA GLU B 458 17.63 -26.74 -8.36
C GLU B 458 17.87 -25.38 -7.67
N TYR B 459 16.82 -24.56 -7.57
CA TYR B 459 16.93 -23.28 -6.86
C TYR B 459 16.87 -23.54 -5.36
N ALA B 460 16.10 -24.57 -4.99
CA ALA B 460 15.92 -24.98 -3.60
C ALA B 460 16.89 -26.09 -3.19
N GLY B 461 18.06 -26.11 -3.82
CA GLY B 461 19.17 -26.92 -3.36
C GLY B 461 18.96 -28.41 -3.49
N HIS B 462 18.75 -28.84 -4.72
CA HIS B 462 18.70 -30.27 -5.04
C HIS B 462 19.61 -30.53 -6.24
N GLN B 463 20.01 -31.79 -6.40
CA GLN B 463 20.72 -32.25 -7.60
C GLN B 463 20.17 -33.63 -8.01
N ALA B 464 20.70 -34.19 -9.11
CA ALA B 464 20.35 -35.55 -9.52
C ALA B 464 20.71 -36.63 -8.46
N PRO B 465 20.07 -37.83 -8.51
CA PRO B 465 20.37 -38.90 -7.53
C PRO B 465 21.83 -39.38 -7.58
N GLU B 466 22.44 -39.69 -6.55
N ARG C 1 57.98 53.36 6.47
CA ARG C 1 57.84 51.90 6.70
C ARG C 1 56.80 51.24 5.74
N LEU C 2 55.63 51.85 5.65
CA LEU C 2 54.63 51.46 4.68
C LEU C 2 54.57 52.45 3.51
N THR C 3 55.69 53.12 3.25
CA THR C 3 55.85 53.89 2.01
C THR C 3 56.32 52.91 0.92
N GLU C 4 57.12 51.93 1.34
CA GLU C 4 57.47 50.78 0.50
C GLU C 4 56.23 49.96 0.09
N LEU C 5 55.29 49.81 1.02
CA LEU C 5 54.02 49.09 0.74
C LEU C 5 53.06 49.87 -0.17
N ARG C 6 52.99 51.19 -0.03
CA ARG C 6 52.17 52.01 -0.93
C ARG C 6 52.77 52.10 -2.32
N GLU C 7 54.09 52.10 -2.41
CA GLU C 7 54.76 52.10 -3.70
C GLU C 7 54.40 50.82 -4.42
N ASP C 8 54.64 49.70 -3.75
CA ASP C 8 54.50 48.37 -4.33
C ASP C 8 53.10 48.16 -4.93
N ILE C 9 52.06 48.54 -4.18
CA ILE C 9 50.66 48.48 -4.64
C ILE C 9 50.34 49.47 -5.77
N ASP C 10 50.67 50.75 -5.59
CA ASP C 10 50.51 51.76 -6.67
C ASP C 10 50.94 51.25 -8.04
N ALA C 11 51.98 50.42 -8.03
CA ALA C 11 52.58 49.81 -9.23
C ALA C 11 51.66 48.74 -9.79
N ILE C 12 51.43 47.70 -8.98
CA ILE C 12 50.45 46.64 -9.23
C ILE C 12 49.20 47.21 -9.89
N LEU C 13 48.77 48.38 -9.43
CA LEU C 13 47.55 48.97 -9.93
C LEU C 13 47.69 49.56 -11.32
N GLU C 14 48.93 49.84 -11.74
CA GLU C 14 49.17 50.31 -13.11
C GLU C 14 49.37 49.14 -14.10
N ASP C 15 48.51 48.14 -13.98
CA ASP C 15 48.39 47.10 -14.98
C ASP C 15 47.67 47.67 -16.21
N PRO C 16 48.09 47.25 -17.42
CA PRO C 16 47.35 47.53 -18.65
C PRO C 16 45.90 47.05 -18.59
N ALA C 17 45.66 45.94 -17.88
CA ALA C 17 44.33 45.32 -17.79
C ALA C 17 43.36 46.19 -16.99
N LEU C 18 43.93 47.05 -16.17
CA LEU C 18 43.13 48.00 -15.42
C LEU C 18 43.41 49.41 -15.92
N GLU C 19 43.74 49.50 -17.20
CA GLU C 19 43.84 50.80 -17.85
C GLU C 19 42.41 51.24 -18.20
N GLY C 20 41.98 52.35 -17.59
CA GLY C 20 40.69 52.95 -17.91
C GLY C 20 39.49 52.30 -17.24
N ALA C 21 39.67 51.90 -15.99
CA ALA C 21 38.62 51.32 -15.19
C ALA C 21 38.84 51.72 -13.73
N VAL C 22 37.77 51.79 -12.95
CA VAL C 22 37.87 52.23 -11.55
C VAL C 22 38.28 51.09 -10.62
N SER C 23 39.16 51.42 -9.66
CA SER C 23 39.63 50.51 -8.62
C SER C 23 39.52 51.14 -7.26
N GLY C 24 38.51 50.78 -6.49
CA GLY C 24 38.43 51.18 -5.11
C GLY C 24 39.29 50.20 -4.32
N VAL C 25 40.41 50.68 -3.77
CA VAL C 25 41.29 49.86 -2.92
C VAL C 25 41.57 50.53 -1.57
N VAL C 26 41.20 49.85 -0.49
CA VAL C 26 41.40 50.34 0.86
C VAL C 26 41.94 49.22 1.76
N VAL C 27 43.09 49.46 2.37
CA VAL C 27 43.66 48.50 3.32
C VAL C 27 43.75 49.12 4.73
N VAL C 28 43.49 48.31 5.75
CA VAL C 28 43.30 48.83 7.10
C VAL C 28 43.75 47.82 8.16
N ASP C 29 44.57 48.29 9.12
CA ASP C 29 45.00 47.45 10.24
C ASP C 29 43.86 47.46 11.27
N THR C 30 43.32 46.29 11.63
CA THR C 30 42.14 46.25 12.54
C THR C 30 42.47 46.51 13.99
N ALA C 31 43.70 46.19 14.40
CA ALA C 31 44.16 46.42 15.77
C ALA C 31 44.39 47.91 16.02
N THR C 32 45.37 48.47 15.31
CA THR C 32 45.78 49.88 15.49
C THR C 32 44.76 50.89 14.94
N GLY C 33 44.03 50.49 13.90
CA GLY C 33 43.08 51.36 13.21
C GLY C 33 43.71 52.17 12.11
N GLU C 34 45.01 52.03 11.94
CA GLU C 34 45.77 52.74 10.92
C GLU C 34 45.29 52.39 9.50
N GLU C 35 45.33 53.37 8.61
CA GLU C 35 44.99 53.17 7.21
C GLU C 35 46.24 52.97 6.34
N LEU C 36 46.67 51.72 6.19
CA LEU C 36 47.84 51.36 5.35
C LEU C 36 47.78 51.88 3.91
N TYR C 37 46.61 51.86 3.27
CA TYR C 37 46.46 52.30 1.87
C TYR C 37 45.01 52.73 1.54
N SER C 38 44.85 53.78 0.75
CA SER C 38 43.52 54.19 0.34
C SER C 38 43.56 54.88 -1.01
N ARG C 39 42.64 54.48 -1.88
CA ARG C 39 42.53 55.01 -3.23
C ARG C 39 41.10 54.79 -3.70
N ASP C 40 40.42 55.88 -4.05
CA ASP C 40 39.04 55.85 -4.49
C ASP C 40 38.15 55.13 -3.47
N GLY C 41 38.54 55.16 -2.20
CA GLY C 41 37.79 54.54 -1.11
C GLY C 41 36.34 55.00 -0.94
N GLY C 42 36.00 56.10 -1.62
CA GLY C 42 34.67 56.69 -1.54
C GLY C 42 33.87 56.50 -2.81
N GLU C 43 34.50 55.96 -3.85
CA GLU C 43 33.85 55.85 -5.17
C GLU C 43 32.78 54.74 -5.17
N GLN C 44 31.53 55.10 -5.50
CA GLN C 44 30.41 54.11 -5.55
C GLN C 44 30.53 53.14 -6.70
N LEU C 45 30.67 51.88 -6.35
CA LEU C 45 31.01 50.85 -7.29
C LEU C 45 30.06 49.67 -7.13
N LEU C 46 29.93 48.87 -8.19
CA LEU C 46 29.18 47.65 -8.13
C LEU C 46 30.00 46.65 -7.34
N PRO C 47 29.38 45.95 -6.38
CA PRO C 47 30.06 44.93 -5.59
C PRO C 47 30.03 43.49 -6.11
N ALA C 48 29.15 43.21 -7.08
CA ALA C 48 28.74 41.83 -7.41
C ALA C 48 28.49 41.03 -6.15
N SER C 49 29.18 39.91 -6.00
CA SER C 49 29.02 39.00 -4.86
C SER C 49 29.54 39.53 -3.50
N ASN C 50 30.31 40.61 -3.50
CA ASN C 50 30.70 41.25 -2.22
C ASN C 50 29.49 41.73 -1.38
N MET C 51 28.31 41.82 -2.00
CA MET C 51 27.09 42.15 -1.30
C MET C 51 26.79 41.05 -0.31
N LYS C 52 27.25 39.84 -0.60
CA LYS C 52 27.01 38.71 0.29
C LYS C 52 27.64 38.94 1.67
N LEU C 53 28.72 39.74 1.68
CA LEU C 53 29.33 40.21 2.91
C LEU C 53 28.31 40.92 3.84
N PHE C 54 27.65 41.95 3.29
CA PHE C 54 26.59 42.65 4.01
C PHE C 54 25.42 41.78 4.44
N THR C 55 24.85 41.01 3.52
CA THR C 55 23.75 40.11 3.87
C THR C 55 24.16 39.18 5.02
N ALA C 56 25.26 38.45 4.83
CA ALA C 56 25.81 37.54 5.86
C ALA C 56 25.90 38.20 7.23
N ALA C 57 26.49 39.39 7.26
CA ALA C 57 26.56 40.18 8.48
C ALA C 57 25.17 40.49 9.02
N ALA C 58 24.29 41.06 8.20
CA ALA C 58 22.93 41.37 8.67
C ALA C 58 22.21 40.11 9.12
N ALA C 59 22.36 39.02 8.34
CA ALA C 59 21.75 37.73 8.70
C ALA C 59 22.20 37.26 10.07
N LEU C 60 23.50 37.42 10.34
CA LEU C 60 24.03 37.12 11.67
C LEU C 60 23.48 38.08 12.72
N GLU C 61 23.56 39.37 12.42
CA GLU C 61 23.03 40.38 13.30
C GLU C 61 21.56 40.17 13.64
N VAL C 62 20.74 39.82 12.65
CA VAL C 62 19.27 39.82 12.82
C VAL C 62 18.69 38.43 13.12
N LEU C 63 19.23 37.39 12.52
CA LEU C 63 18.77 36.03 12.82
C LEU C 63 19.65 35.37 13.86
N GLY C 64 20.93 35.68 13.86
CA GLY C 64 21.82 35.10 14.84
C GLY C 64 22.39 33.76 14.41
N ALA C 65 23.65 33.54 14.81
CA ALA C 65 24.42 32.39 14.42
C ALA C 65 23.72 31.05 14.57
N ASP C 66 22.90 30.92 15.61
CA ASP C 66 22.23 29.66 15.94
C ASP C 66 20.81 29.51 15.29
N HIS C 67 20.42 30.47 14.47
CA HIS C 67 19.07 30.44 13.90
C HIS C 67 18.94 29.30 12.92
N SER C 68 17.82 28.59 12.98
CA SER C 68 17.56 27.53 12.02
C SER C 68 16.19 27.65 11.34
N PHE C 69 16.03 27.00 10.19
CA PHE C 69 14.83 27.16 9.37
C PHE C 69 14.00 25.88 9.31
N GLY C 70 12.69 26.06 9.41
CA GLY C 70 11.81 24.91 9.51
C GLY C 70 10.95 24.69 8.29
N THR C 71 10.44 23.48 8.14
CA THR C 71 9.56 23.13 7.03
C THR C 71 8.64 22.06 7.62
N GLU C 72 7.36 22.10 7.22
CA GLU C 72 6.30 21.36 7.92
C GLU C 72 5.31 20.75 6.96
N VAL C 73 4.75 19.61 7.35
CA VAL C 73 3.58 19.04 6.68
C VAL C 73 2.31 19.12 7.57
N ALA C 74 1.24 19.68 6.99
CA ALA C 74 0.03 20.01 7.75
C ALA C 74 -1.26 19.35 7.24
N ALA C 75 -2.05 18.89 8.22
CA ALA C 75 -3.39 18.39 8.01
C ALA C 75 -4.35 19.04 9.02
N GLU C 76 -5.60 19.24 8.61
CA GLU C 76 -6.62 19.95 9.44
C GLU C 76 -6.87 19.31 10.79
N SER C 77 -6.71 17.98 10.84
CA SER C 77 -6.83 17.17 12.04
C SER C 77 -5.96 15.91 11.85
N ALA C 78 -5.84 15.10 12.89
CA ALA C 78 -5.04 13.86 12.81
C ALA C 78 -5.71 12.84 11.88
N PRO C 79 -4.96 11.81 11.48
CA PRO C 79 -5.60 10.86 10.54
C PRO C 79 -6.47 9.84 11.25
N GLY C 80 -7.62 9.54 10.65
CA GLY C 80 -8.56 8.58 11.21
C GLY C 80 -8.03 7.16 11.28
N ARG C 81 -8.89 6.25 11.75
CA ARG C 81 -8.59 4.83 11.82
C ARG C 81 -8.45 4.17 10.43
N ARG C 82 -9.05 4.77 9.39
CA ARG C 82 -8.83 4.36 7.99
C ARG C 82 -7.67 5.15 7.30
N GLY C 83 -6.84 5.80 8.11
CA GLY C 83 -5.73 6.63 7.63
C GLY C 83 -6.18 7.68 6.61
N GLU C 84 -7.22 8.43 6.94
CA GLU C 84 -7.78 9.42 6.02
C GLU C 84 -7.40 10.83 6.45
N VAL C 85 -7.02 11.62 5.44
CA VAL C 85 -6.73 13.04 5.58
C VAL C 85 -7.24 13.64 4.27
N GLN C 86 -7.77 14.85 4.35
CA GLN C 86 -8.36 15.49 3.20
C GLN C 86 -7.25 16.17 2.40
N ASP C 87 -6.94 17.40 2.77
CA ASP C 87 -5.90 18.17 2.09
C ASP C 87 -4.64 18.12 2.90
N LEU C 88 -3.52 17.87 2.22
CA LEU C 88 -2.22 17.91 2.86
C LEU C 88 -1.45 19.15 2.39
N TYR C 89 -0.69 19.75 3.31
CA TYR C 89 0.05 20.95 2.99
C TYR C 89 1.56 20.84 3.25
N LEU C 90 2.35 20.93 2.17
CA LEU C 90 3.78 21.14 2.28
C LEU C 90 4.10 22.60 2.52
N VAL C 91 4.49 22.89 3.76
CA VAL C 91 4.64 24.27 4.22
C VAL C 91 6.09 24.57 4.47
N GLY C 92 6.68 25.38 3.59
CA GLY C 92 8.10 25.74 3.71
C GLY C 92 8.28 27.10 4.32
N ARG C 93 9.30 27.27 5.15
CA ARG C 93 9.46 28.56 5.79
C ARG C 93 10.79 29.20 5.59
N GLY C 94 11.43 28.91 4.46
CA GLY C 94 12.64 29.62 4.05
C GLY C 94 13.93 28.88 4.31
N ASP C 95 13.89 27.57 4.15
CA ASP C 95 15.06 26.72 4.32
C ASP C 95 15.80 26.66 3.01
N PRO C 96 17.01 27.26 2.97
CA PRO C 96 17.81 27.22 1.76
C PRO C 96 18.56 25.90 1.58
N THR C 97 18.46 24.98 2.54
CA THR C 97 19.19 23.71 2.47
C THR C 97 18.27 22.46 2.35
N LEU C 98 17.02 22.66 1.96
CA LEU C 98 16.06 21.55 1.86
C LEU C 98 16.26 20.52 0.72
N SER C 99 16.58 19.28 1.09
CA SER C 99 16.98 18.22 0.14
C SER C 99 15.86 17.30 -0.22
N ALA C 100 16.05 16.52 -1.28
CA ALA C 100 15.08 15.50 -1.65
C ALA C 100 15.03 14.40 -0.60
N GLU C 101 16.20 14.11 -0.02
CA GLU C 101 16.34 13.26 1.16
C GLU C 101 15.42 13.74 2.30
N ASP C 102 15.44 15.06 2.55
CA ASP C 102 14.54 15.71 3.52
C ASP C 102 13.06 15.45 3.21
N LEU C 103 12.70 15.59 1.95
CA LEU C 103 11.31 15.38 1.55
C LEU C 103 10.94 13.92 1.76
N ASP C 104 11.85 13.03 1.44
CA ASP C 104 11.59 11.63 1.61
C ASP C 104 11.41 11.28 3.10
N ALA C 105 12.28 11.86 3.94
CA ALA C 105 12.18 11.71 5.40
C ALA C 105 10.83 12.21 5.93
N MET C 106 10.38 13.36 5.42
CA MET C 106 9.07 13.92 5.79
C MET C 106 7.92 13.08 5.32
N ALA C 107 7.94 12.67 4.05
CA ALA C 107 6.97 11.70 3.52
C ALA C 107 6.91 10.43 4.41
N ALA C 108 8.08 9.96 4.88
CA ALA C 108 8.16 8.86 5.86
C ALA C 108 7.58 9.18 7.25
N GLU C 109 7.68 10.42 7.70
CA GLU C 109 7.03 10.84 8.96
C GLU C 109 5.52 10.88 8.82
N VAL C 110 5.08 11.29 7.63
CA VAL C 110 3.66 11.39 7.33
C VAL C 110 3.01 10.02 7.33
N ALA C 111 3.70 9.04 6.74
CA ALA C 111 3.24 7.67 6.81
C ALA C 111 3.41 7.13 8.23
N ALA C 112 4.54 7.39 8.87
CA ALA C 112 4.76 6.92 10.25
C ALA C 112 3.74 7.47 11.27
N SER C 113 3.13 8.61 10.95
CA SER C 113 2.04 9.14 11.73
C SER C 113 0.73 8.37 11.48
N GLY C 114 0.67 7.60 10.40
CA GLY C 114 -0.48 6.75 10.06
C GLY C 114 -1.43 7.21 8.95
N VAL C 115 -0.88 7.60 7.80
CA VAL C 115 -1.67 8.15 6.69
C VAL C 115 -1.66 7.19 5.51
N ARG C 116 -2.77 6.50 5.28
CA ARG C 116 -2.80 5.55 4.17
C ARG C 116 -3.07 6.27 2.86
N THR C 117 -3.94 7.28 2.95
CA THR C 117 -4.45 8.00 1.79
C THR C 117 -4.61 9.48 2.08
N VAL C 118 -4.12 10.32 1.17
CA VAL C 118 -4.50 11.73 1.13
C VAL C 118 -5.63 11.89 0.11
N ARG C 119 -6.82 12.16 0.63
CA ARG C 119 -8.09 12.11 -0.12
C ARG C 119 -8.30 13.32 -1.06
N GLY C 120 -7.71 14.47 -0.71
CA GLY C 120 -7.85 15.68 -1.51
C GLY C 120 -6.56 16.11 -2.19
N ASP C 121 -6.52 17.36 -2.67
CA ASP C 121 -5.33 17.94 -3.30
C ASP C 121 -4.16 18.04 -2.30
N LEU C 122 -2.93 17.91 -2.78
CA LEU C 122 -1.75 18.26 -1.99
C LEU C 122 -1.27 19.65 -2.38
N TYR C 123 -1.10 20.52 -1.39
CA TYR C 123 -0.72 21.93 -1.64
C TYR C 123 0.68 22.33 -1.21
N ALA C 124 1.29 23.22 -2.00
CA ALA C 124 2.60 23.75 -1.73
C ALA C 124 2.49 25.15 -1.18
N ASP C 125 2.81 25.27 0.10
CA ASP C 125 2.77 26.55 0.81
C ASP C 125 4.13 27.19 0.90
N ASP C 126 4.29 28.30 0.19
CA ASP C 126 5.45 29.17 0.32
C ASP C 126 5.02 30.61 0.61
N THR C 127 3.91 30.76 1.32
CA THR C 127 3.40 32.09 1.64
C THR C 127 4.25 32.79 2.69
N TRP C 128 5.24 32.09 3.27
CA TRP C 128 6.11 32.66 4.27
C TRP C 128 6.86 33.83 3.64
N PHE C 129 7.18 33.70 2.36
CA PHE C 129 7.66 34.83 1.57
C PHE C 129 6.59 35.23 0.54
N ASP C 130 6.82 36.35 -0.16
CA ASP C 130 5.89 36.79 -1.20
C ASP C 130 6.17 36.07 -2.50
N SER C 131 5.31 36.25 -3.52
CA SER C 131 5.44 35.49 -4.77
C SER C 131 6.28 36.19 -5.83
N GLU C 132 7.14 37.09 -5.37
CA GLU C 132 7.99 37.87 -6.25
C GLU C 132 9.28 37.11 -6.45
N ARG C 133 9.31 36.33 -7.52
CA ARG C 133 10.38 35.38 -7.79
C ARG C 133 11.72 35.99 -8.17
N LEU C 134 11.66 37.12 -8.87
CA LEU C 134 12.88 37.80 -9.33
C LEU C 134 12.84 39.29 -9.06
N VAL C 135 14.02 39.91 -9.04
CA VAL C 135 14.16 41.36 -8.99
C VAL C 135 13.90 41.96 -10.38
N ASP C 136 13.29 43.14 -10.43
CA ASP C 136 13.06 43.82 -11.72
C ASP C 136 14.27 43.99 -12.66
N ASP C 137 15.47 44.30 -12.14
CA ASP C 137 16.59 44.59 -13.02
C ASP C 137 17.52 43.38 -13.29
N TRP C 138 17.05 42.21 -12.89
CA TRP C 138 17.70 40.95 -13.25
C TRP C 138 17.41 40.60 -14.69
N TRP C 139 18.41 40.11 -15.40
CA TRP C 139 18.31 39.84 -16.85
C TRP C 139 17.56 38.55 -17.18
N PRO C 140 16.38 38.65 -17.83
CA PRO C 140 15.61 37.41 -18.18
C PRO C 140 16.44 36.35 -18.96
N GLU C 141 17.49 36.81 -19.62
CA GLU C 141 18.45 35.94 -20.29
C GLU C 141 19.21 35.06 -19.28
N ASP C 142 19.28 35.53 -18.04
CA ASP C 142 19.95 34.78 -16.98
C ASP C 142 19.01 33.73 -16.36
N GLU C 143 17.72 33.86 -16.66
CA GLU C 143 16.70 33.08 -15.98
C GLU C 143 16.91 31.55 -15.94
N PRO C 144 17.43 30.93 -17.02
CA PRO C 144 17.56 29.46 -16.88
C PRO C 144 18.71 28.98 -15.98
N TYR C 145 19.63 29.87 -15.61
CA TYR C 145 20.88 29.48 -14.92
C TYR C 145 20.81 29.46 -13.41
N ALA C 146 21.42 28.43 -12.85
CA ALA C 146 21.47 28.24 -11.41
C ALA C 146 21.58 29.55 -10.63
N TYR C 147 22.55 30.38 -10.97
CA TYR C 147 22.77 31.64 -10.26
C TYR C 147 21.60 32.63 -10.27
N SER C 148 20.57 32.32 -11.06
CA SER C 148 19.42 33.19 -11.23
C SER C 148 18.11 32.47 -10.94
N ALA C 149 18.21 31.43 -10.12
CA ALA C 149 17.05 30.68 -9.65
C ALA C 149 15.96 31.60 -9.07
N GLN C 150 14.69 31.23 -9.24
CA GLN C 150 13.57 31.95 -8.65
C GLN C 150 13.53 31.79 -7.13
N ILE C 151 13.12 32.86 -6.45
CA ILE C 151 13.12 32.94 -5.00
C ILE C 151 11.78 32.56 -4.37
N SER C 152 11.85 31.64 -3.40
CA SER C 152 10.68 31.04 -2.79
C SER C 152 10.94 30.47 -1.40
N ALA C 153 10.03 30.72 -0.47
CA ALA C 153 10.13 30.17 0.86
C ALA C 153 10.10 28.65 0.86
N LEU C 154 9.63 28.04 -0.23
CA LEU C 154 9.71 26.58 -0.36
C LEU C 154 10.49 26.19 -1.58
N THR C 155 11.74 25.78 -1.40
CA THR C 155 12.53 25.40 -2.53
C THR C 155 13.49 24.23 -2.22
N VAL C 156 13.76 23.40 -3.22
CA VAL C 156 14.51 22.18 -3.01
C VAL C 156 15.96 22.45 -3.38
N ALA C 157 16.89 22.23 -2.44
CA ALA C 157 18.31 22.53 -2.72
C ALA C 157 19.00 21.30 -3.30
N HIS C 158 19.77 21.50 -4.37
CA HIS C 158 20.55 20.42 -5.02
C HIS C 158 21.92 20.35 -4.37
N GLY C 159 22.33 19.13 -4.01
CA GLY C 159 23.70 18.80 -3.65
C GLY C 159 24.29 19.43 -2.38
N GLU C 160 25.54 19.13 -2.09
CA GLU C 160 26.16 19.64 -0.87
C GLU C 160 26.42 21.14 -0.98
N ARG C 161 26.33 21.68 -2.19
CA ARG C 161 26.45 23.13 -2.37
C ARG C 161 25.11 23.84 -2.14
N PHE C 162 24.07 23.02 -2.03
CA PHE C 162 22.71 23.51 -1.81
C PHE C 162 22.31 24.62 -2.80
N ASP C 163 22.43 24.33 -4.09
CA ASP C 163 21.83 25.18 -5.13
C ASP C 163 20.33 24.94 -5.22
N THR C 164 19.55 26.00 -5.03
CA THR C 164 18.09 25.88 -4.94
C THR C 164 17.35 26.16 -6.25
N GLY C 165 16.16 25.59 -6.35
CA GLY C 165 15.22 25.89 -7.42
C GLY C 165 15.69 25.48 -8.80
N VAL C 166 16.54 24.46 -8.86
CA VAL C 166 17.08 23.89 -10.10
C VAL C 166 16.80 22.39 -10.20
N THR C 167 17.28 21.75 -11.26
CA THR C 167 17.11 20.32 -11.54
C THR C 167 18.32 19.88 -12.37
N GLU C 168 18.74 18.62 -12.24
CA GLU C 168 19.99 18.17 -12.92
C GLU C 168 19.50 17.63 -14.24
N VAL C 169 19.76 18.34 -15.31
CA VAL C 169 19.49 17.83 -16.63
C VAL C 169 20.72 17.07 -17.07
N SER C 170 20.58 15.77 -17.33
CA SER C 170 21.69 15.02 -17.93
C SER C 170 21.33 14.58 -19.32
N VAL C 171 22.19 14.93 -20.26
CA VAL C 171 22.08 14.50 -21.63
C VAL C 171 23.17 13.48 -21.90
N THR C 172 22.75 12.29 -22.34
CA THR C 172 23.67 11.21 -22.72
C THR C 172 23.48 10.84 -24.18
N PRO C 173 24.55 10.37 -24.85
CA PRO C 173 24.51 9.98 -26.26
C PRO C 173 23.86 8.63 -26.55
N ALA C 174 23.27 8.50 -27.74
CA ALA C 174 22.75 7.25 -28.23
C ALA C 174 23.70 6.76 -29.33
N ALA C 175 23.20 6.10 -30.37
CA ALA C 175 24.07 5.79 -31.49
C ALA C 175 24.21 7.04 -32.37
N GLU C 176 25.36 7.21 -33.02
CA GLU C 176 25.58 8.32 -33.92
C GLU C 176 24.40 8.53 -34.85
N GLY C 177 23.96 9.78 -34.98
CA GLY C 177 22.88 10.13 -35.91
C GLY C 177 21.48 10.07 -35.31
N GLU C 178 21.28 9.21 -34.29
CA GLU C 178 20.04 9.05 -33.55
C GLU C 178 19.99 10.17 -32.52
N PRO C 179 18.80 10.50 -32.00
CA PRO C 179 18.75 11.61 -31.05
C PRO C 179 19.36 11.22 -29.67
N ALA C 180 19.93 12.20 -28.95
CA ALA C 180 20.50 11.93 -27.63
C ALA C 180 19.39 11.71 -26.60
N ASP C 181 19.73 11.06 -25.47
CA ASP C 181 18.72 10.84 -24.43
C ASP C 181 18.82 11.94 -23.39
N VAL C 182 17.70 12.44 -22.89
CA VAL C 182 17.74 13.62 -22.04
C VAL C 182 16.92 13.33 -20.81
N ASP C 183 17.57 13.20 -19.66
CA ASP C 183 16.90 13.05 -18.37
C ASP C 183 16.82 14.42 -17.67
N LEU C 184 15.65 14.73 -17.12
CA LEU C 184 15.41 16.06 -16.57
C LEU C 184 15.66 16.16 -15.06
N GLY C 185 16.05 15.05 -14.43
CA GLY C 185 16.34 15.00 -13.01
C GLY C 185 15.05 15.12 -12.21
N ALA C 186 15.07 15.89 -11.11
CA ALA C 186 13.89 16.05 -10.26
C ALA C 186 12.62 16.50 -11.04
N ALA C 187 12.83 17.24 -12.13
CA ALA C 187 11.74 17.86 -12.83
C ALA C 187 11.06 16.97 -13.89
N GLU C 188 11.50 15.72 -14.02
CA GLU C 188 10.77 14.73 -14.85
C GLU C 188 9.34 14.68 -14.36
N GLY C 189 8.38 14.81 -15.28
CA GLY C 189 6.95 14.73 -14.97
C GLY C 189 6.45 16.04 -14.40
N TYR C 190 7.18 17.11 -14.65
CA TYR C 190 6.82 18.42 -14.14
C TYR C 190 7.18 19.49 -15.16
N ALA C 191 8.45 19.49 -15.56
CA ALA C 191 8.90 20.37 -16.64
C ALA C 191 8.73 19.63 -17.95
N GLU C 192 8.25 20.33 -18.97
CA GLU C 192 8.08 19.74 -20.28
C GLU C 192 9.40 19.69 -21.02
N LEU C 193 9.64 18.57 -21.71
CA LEU C 193 10.87 18.38 -22.46
C LEU C 193 10.71 18.65 -23.95
N ASP C 194 11.36 19.70 -24.45
CA ASP C 194 11.55 19.92 -25.87
C ASP C 194 12.94 19.46 -26.35
N ASN C 195 13.09 18.16 -26.61
CA ASN C 195 14.43 17.62 -26.99
C ASN C 195 14.66 17.56 -28.49
N ARG C 196 15.67 18.27 -28.99
CA ARG C 196 15.96 18.26 -30.40
C ARG C 196 17.43 18.03 -30.67
N ALA C 197 18.11 17.45 -29.67
CA ALA C 197 19.56 17.24 -29.73
C ALA C 197 19.84 15.92 -30.39
N VAL C 198 20.92 15.88 -31.16
CA VAL C 198 21.36 14.68 -31.85
C VAL C 198 22.73 14.16 -31.39
N THR C 199 22.98 12.88 -31.66
CA THR C 199 24.23 12.21 -31.35
C THR C 199 25.17 12.38 -32.53
N GLY C 200 26.26 13.08 -32.32
CA GLY C 200 27.23 13.33 -33.38
C GLY C 200 28.19 12.16 -33.47
N ALA C 201 29.18 12.28 -34.37
CA ALA C 201 30.19 11.24 -34.55
C ALA C 201 31.19 11.26 -33.39
N ALA C 202 31.60 10.09 -32.93
CA ALA C 202 32.64 10.02 -31.89
C ALA C 202 33.76 10.99 -32.21
N GLY C 203 34.12 11.83 -31.25
CA GLY C 203 35.21 12.80 -31.48
C GLY C 203 34.79 14.05 -32.23
N SER C 204 33.52 14.38 -32.21
CA SER C 204 33.04 15.60 -32.89
C SER C 204 32.65 16.61 -31.82
N ALA C 205 32.41 17.84 -32.23
CA ALA C 205 32.24 18.93 -31.28
C ALA C 205 31.01 18.71 -30.46
N ASN C 206 31.04 19.22 -29.24
CA ASN C 206 29.83 19.30 -28.44
C ASN C 206 29.20 20.68 -28.62
N THR C 207 28.12 20.75 -29.40
CA THR C 207 27.41 21.99 -29.63
C THR C 207 26.13 21.99 -28.81
N LEU C 208 26.08 21.11 -27.83
CA LEU C 208 24.88 20.93 -27.02
C LEU C 208 24.43 22.16 -26.24
N VAL C 209 23.20 22.59 -26.45
CA VAL C 209 22.60 23.71 -25.72
C VAL C 209 21.47 23.22 -24.81
N ILE C 210 21.43 23.69 -23.56
CA ILE C 210 20.35 23.31 -22.64
C ILE C 210 19.76 24.59 -22.08
N ASP C 211 18.58 24.97 -22.56
CA ASP C 211 18.06 26.28 -22.29
C ASP C 211 16.67 26.11 -21.72
N ARG C 212 16.15 27.18 -21.12
CA ARG C 212 14.75 27.18 -20.71
C ARG C 212 14.18 28.53 -21.16
N PRO C 213 13.38 28.51 -22.26
CA PRO C 213 12.77 29.68 -22.86
C PRO C 213 12.03 30.48 -21.81
N VAL C 214 12.13 31.80 -21.89
CA VAL C 214 11.54 32.66 -20.85
C VAL C 214 10.02 32.47 -20.73
N GLY C 215 9.53 32.35 -19.50
CA GLY C 215 8.11 32.30 -19.28
C GLY C 215 7.74 30.85 -19.12
N THR C 216 8.48 30.00 -19.81
CA THR C 216 8.11 28.61 -19.89
C THR C 216 8.70 27.80 -18.78
N ASN C 217 8.00 26.72 -18.47
CA ASN C 217 8.51 25.63 -17.65
C ASN C 217 9.01 24.49 -18.55
N THR C 218 9.63 24.86 -19.66
CA THR C 218 10.14 23.90 -20.59
C THR C 218 11.64 23.93 -20.61
N ILE C 219 12.22 22.73 -20.66
CA ILE C 219 13.63 22.59 -20.93
C ILE C 219 13.82 22.22 -22.40
N ALA C 220 14.52 23.05 -23.17
CA ALA C 220 14.73 22.80 -24.59
C ALA C 220 16.20 22.55 -24.87
N VAL C 221 16.48 21.39 -25.48
CA VAL C 221 17.84 20.92 -25.67
C VAL C 221 18.10 20.81 -27.14
N THR C 222 19.17 21.46 -27.62
CA THR C 222 19.50 21.44 -29.04
C THR C 222 20.99 21.28 -29.16
N GLY C 223 21.47 21.14 -30.40
CA GLY C 223 22.88 20.88 -30.64
C GLY C 223 23.20 19.40 -30.83
N SER C 224 24.49 19.08 -30.66
CA SER C 224 25.00 17.76 -30.94
C SER C 224 26.06 17.34 -29.91
N LEU C 225 25.86 16.13 -29.40
CA LEU C 225 26.71 15.52 -28.38
C LEU C 225 27.40 14.34 -29.06
N PRO C 226 28.73 14.22 -28.93
CA PRO C 226 29.50 13.17 -29.61
C PRO C 226 29.18 11.80 -29.06
N ALA C 227 29.24 10.78 -29.91
CA ALA C 227 28.77 9.44 -29.57
C ALA C 227 29.60 8.81 -28.47
N ASP C 228 30.81 9.34 -28.28
CA ASP C 228 31.80 8.82 -27.32
C ASP C 228 31.96 9.66 -26.05
N ALA C 229 31.18 10.75 -25.96
CA ALA C 229 31.20 11.66 -24.80
C ALA C 229 30.64 11.01 -23.55
N ALA C 230 31.15 11.45 -22.39
CA ALA C 230 30.51 11.12 -21.14
C ALA C 230 29.24 11.98 -21.00
N PRO C 231 28.22 11.46 -20.27
CA PRO C 231 27.04 12.27 -20.02
C PRO C 231 27.38 13.73 -19.70
N VAL C 232 26.73 14.65 -20.42
CA VAL C 232 26.76 16.08 -20.09
C VAL C 232 25.68 16.38 -19.07
N THR C 233 26.07 17.06 -17.98
CA THR C 233 25.20 17.24 -16.82
C THR C 233 25.22 18.69 -16.40
N ALA C 234 24.06 19.32 -16.39
CA ALA C 234 23.96 20.75 -16.23
C ALA C 234 22.77 21.11 -15.34
N LEU C 235 22.98 22.06 -14.41
CA LEU C 235 21.92 22.47 -13.49
C LEU C 235 21.07 23.54 -14.15
N ARG C 236 19.74 23.38 -14.09
CA ARG C 236 18.87 24.30 -14.77
C ARG C 236 17.66 24.59 -13.94
N THR C 237 17.27 25.87 -13.91
CA THR C 237 16.17 26.26 -13.05
C THR C 237 14.82 25.80 -13.59
N VAL C 238 13.83 25.80 -12.70
CA VAL C 238 12.43 25.53 -13.04
C VAL C 238 11.57 26.70 -12.60
N ASP C 239 10.38 26.79 -13.20
CA ASP C 239 9.38 27.79 -12.84
C ASP C 239 8.66 27.31 -11.58
N GLU C 240 8.60 28.19 -10.59
CA GLU C 240 7.94 27.90 -9.31
C GLU C 240 8.59 26.75 -8.57
N PRO C 241 9.73 27.01 -7.93
CA PRO C 241 10.42 26.01 -7.14
C PRO C 241 9.48 25.25 -6.19
N ALA C 242 8.51 25.95 -5.60
CA ALA C 242 7.64 25.37 -4.61
C ALA C 242 6.74 24.30 -5.22
N ALA C 243 6.40 24.45 -6.49
CA ALA C 243 5.55 23.47 -7.18
C ALA C 243 6.39 22.21 -7.48
N LEU C 244 7.67 22.41 -7.80
CA LEU C 244 8.57 21.30 -7.94
C LEU C 244 8.70 20.59 -6.60
N ALA C 245 8.87 21.38 -5.55
CA ALA C 245 8.87 20.86 -4.20
C ALA C 245 7.69 19.89 -4.03
N GLY C 246 6.50 20.35 -4.38
CA GLY C 246 5.30 19.61 -4.05
C GLY C 246 5.27 18.31 -4.81
N HIS C 247 5.58 18.44 -6.10
CA HIS C 247 5.66 17.33 -6.99
C HIS C 247 6.58 16.27 -6.40
N LEU C 248 7.77 16.68 -6.00
CA LEU C 248 8.76 15.74 -5.48
C LEU C 248 8.16 15.00 -4.31
N PHE C 249 7.44 15.76 -3.50
CA PHE C 249 6.94 15.31 -2.25
C PHE C 249 5.82 14.32 -2.48
N GLU C 250 4.98 14.58 -3.48
CA GLU C 250 3.97 13.60 -3.82
C GLU C 250 4.64 12.29 -4.19
N GLU C 251 5.66 12.40 -5.04
CA GLU C 251 6.46 11.25 -5.46
C GLU C 251 7.18 10.59 -4.28
N ALA C 252 7.50 11.35 -3.24
CA ALA C 252 8.06 10.79 -2.02
C ALA C 252 6.97 10.17 -1.14
N LEU C 253 5.77 10.73 -1.18
CA LEU C 253 4.62 10.18 -0.46
C LEU C 253 4.24 8.83 -1.07
N GLU C 254 3.99 8.81 -2.38
CA GLU C 254 3.53 7.59 -3.03
C GLU C 254 4.64 6.54 -2.95
N SER C 255 5.87 7.03 -2.91
CA SER C 255 7.03 6.18 -2.67
C SER C 255 6.93 5.55 -1.29
N ASN C 256 6.51 6.33 -0.30
CA ASN C 256 6.40 5.85 1.07
C ASN C 256 5.04 5.25 1.39
N GLY C 257 4.36 4.81 0.33
CA GLY C 257 3.06 4.13 0.42
C GLY C 257 1.96 5.03 0.93
N VAL C 258 1.87 6.23 0.37
CA VAL C 258 0.79 7.16 0.69
C VAL C 258 0.16 7.61 -0.63
N THR C 259 -1.08 7.20 -0.86
CA THR C 259 -1.77 7.56 -2.08
C THR C 259 -2.31 9.00 -1.99
N VAL C 260 -2.11 9.77 -3.06
CA VAL C 260 -2.71 11.11 -3.26
C VAL C 260 -3.84 10.98 -4.30
N LYS C 261 -4.96 11.65 -4.06
CA LYS C 261 -6.06 11.63 -5.05
C LYS C 261 -6.20 12.90 -5.89
N GLY C 262 -6.30 14.07 -5.24
CA GLY C 262 -6.38 15.36 -5.95
C GLY C 262 -5.12 15.76 -6.70
N ASP C 263 -5.08 17.02 -7.14
CA ASP C 263 -3.93 17.63 -7.81
C ASP C 263 -2.80 17.99 -6.83
N VAL C 264 -1.62 18.27 -7.36
CA VAL C 264 -0.62 19.07 -6.64
C VAL C 264 -0.79 20.52 -7.08
N GLY C 265 -0.45 21.47 -6.21
CA GLY C 265 -0.46 22.90 -6.56
C GLY C 265 0.07 23.85 -5.51
N LEU C 266 0.20 25.12 -5.88
CA LEU C 266 0.56 26.19 -4.96
C LEU C 266 -0.63 26.51 -4.09
N GLY C 267 -0.38 26.89 -2.84
CA GLY C 267 -1.46 27.23 -1.92
C GLY C 267 -1.03 27.28 -0.47
N GLY C 268 -1.65 28.17 0.30
CA GLY C 268 -1.36 28.32 1.72
C GLY C 268 -2.41 27.63 2.58
N VAL C 269 -2.02 27.27 3.80
CA VAL C 269 -2.92 26.72 4.81
C VAL C 269 -4.04 27.72 5.04
N PRO C 270 -5.32 27.27 4.97
CA PRO C 270 -6.45 28.17 5.21
C PRO C 270 -6.53 28.59 6.67
N ALA C 271 -6.93 29.84 6.89
CA ALA C 271 -7.14 30.36 8.25
C ALA C 271 -8.13 29.53 9.07
N ASP C 272 -9.07 28.88 8.35
CA ASP C 272 -10.21 28.09 8.88
C ASP C 272 -9.87 26.79 9.64
N TRP C 273 -8.58 26.46 9.69
CA TRP C 273 -8.08 25.30 10.42
C TRP C 273 -7.87 25.64 11.88
N GLN C 274 -8.69 25.03 12.73
CA GLN C 274 -8.73 25.43 14.12
C GLN C 274 -7.37 25.20 14.79
N ASP C 275 -6.97 23.93 14.87
CA ASP C 275 -5.73 23.52 15.49
C ASP C 275 -5.07 22.60 14.47
N ALA C 276 -4.05 23.11 13.76
CA ALA C 276 -3.41 22.37 12.68
C ALA C 276 -2.64 21.17 13.24
N GLU C 277 -2.82 20.02 12.61
CA GLU C 277 -2.11 18.81 12.99
C GLU C 277 -0.85 18.65 12.12
N VAL C 278 0.30 18.74 12.77
CA VAL C 278 1.58 18.66 12.10
C VAL C 278 1.89 17.19 11.94
N LEU C 279 2.01 16.76 10.69
CA LEU C 279 2.26 15.35 10.41
C LEU C 279 3.74 15.07 10.18
N ALA C 280 4.48 16.10 9.76
CA ALA C 280 5.92 15.99 9.53
C ALA C 280 6.55 17.36 9.61
N ASP C 281 7.73 17.42 10.24
CA ASP C 281 8.52 18.64 10.22
C ASP C 281 10.00 18.37 9.98
N HIS C 282 10.74 19.41 9.65
CA HIS C 282 12.17 19.30 9.46
C HIS C 282 12.83 20.61 9.85
N THR C 283 13.96 20.53 10.52
CA THR C 283 14.70 21.70 11.01
C THR C 283 16.06 21.67 10.33
N SER C 284 16.51 22.81 9.82
CA SER C 284 17.80 22.83 9.13
C SER C 284 18.99 22.88 10.10
N ALA C 285 20.19 22.87 9.54
CA ALA C 285 21.38 23.28 10.25
C ALA C 285 21.27 24.75 10.67
N GLU C 286 22.11 25.15 11.62
CA GLU C 286 22.11 26.53 12.09
C GLU C 286 22.75 27.47 11.05
N LEU C 287 22.48 28.76 11.21
CA LEU C 287 22.96 29.77 10.29
C LEU C 287 24.46 29.80 10.11
N SER C 288 25.19 29.42 11.16
CA SER C 288 26.66 29.36 11.14
C SER C 288 27.15 28.35 10.13
N GLU C 289 26.50 27.20 10.08
CA GLU C 289 26.88 26.14 9.19
C GLU C 289 26.37 26.39 7.77
N ILE C 290 25.25 27.11 7.62
CA ILE C 290 24.78 27.45 6.26
C ILE C 290 25.70 28.45 5.58
N LEU C 291 26.32 29.32 6.36
CA LEU C 291 27.20 30.34 5.80
C LEU C 291 28.31 29.82 4.92
N VAL C 292 28.73 28.57 5.17
CA VAL C 292 29.87 27.95 4.48
C VAL C 292 29.57 27.65 2.99
N PRO C 293 28.59 26.78 2.69
CA PRO C 293 28.20 26.65 1.27
C PRO C 293 27.75 27.94 0.62
N PHE C 294 27.30 28.89 1.43
CA PHE C 294 26.83 30.19 0.98
C PHE C 294 27.97 31.08 0.59
N MET C 295 28.89 31.34 1.52
CA MET C 295 29.92 32.35 1.24
C MET C 295 31.11 31.79 0.49
N LYS C 296 31.38 30.50 0.67
CA LYS C 296 32.50 29.84 -0.01
C LYS C 296 32.23 29.76 -1.49
N PHE C 297 31.00 29.39 -1.84
CA PHE C 297 30.68 29.08 -3.22
C PHE C 297 29.83 30.16 -3.85
N SER C 298 29.48 31.18 -3.06
CA SER C 298 28.78 32.37 -3.53
C SER C 298 27.38 32.02 -4.06
N ASN C 299 26.43 31.74 -3.17
CA ASN C 299 25.09 31.23 -3.54
C ASN C 299 24.03 32.30 -3.51
N ASN C 300 23.66 32.77 -4.71
CA ASN C 300 22.71 33.87 -4.90
C ASN C 300 21.37 33.58 -4.26
N GLY C 301 20.84 32.38 -4.49
CA GLY C 301 19.57 31.97 -3.88
C GLY C 301 19.56 32.09 -2.37
N HIS C 302 20.59 31.53 -1.72
CA HIS C 302 20.77 31.65 -0.27
C HIS C 302 20.64 33.10 0.11
N ALA C 303 21.42 33.96 -0.56
CA ALA C 303 21.56 35.38 -0.17
C ALA C 303 20.24 36.15 -0.20
N GLU C 304 19.43 35.92 -1.24
CA GLU C 304 18.09 36.52 -1.37
C GLU C 304 17.13 35.93 -0.34
N MET C 305 17.19 34.59 -0.19
CA MET C 305 16.37 33.91 0.82
C MET C 305 16.66 34.45 2.22
N LEU C 306 17.92 34.76 2.54
CA LEU C 306 18.21 35.35 3.86
C LEU C 306 17.62 36.74 4.02
N VAL C 307 17.57 37.48 2.92
CA VAL C 307 16.94 38.80 2.93
C VAL C 307 15.43 38.73 3.25
N LYS C 308 14.70 37.90 2.53
CA LYS C 308 13.28 37.78 2.84
C LYS C 308 13.03 37.22 4.24
N SER C 309 13.98 36.45 4.74
CA SER C 309 13.95 35.98 6.12
C SER C 309 14.17 37.15 7.10
N ILE C 310 15.01 38.10 6.72
CA ILE C 310 15.29 39.26 7.57
C ILE C 310 14.03 40.11 7.51
N GLY C 311 13.40 40.15 6.35
CA GLY C 311 12.09 40.78 6.22
C GLY C 311 11.10 40.30 7.25
N GLN C 312 10.96 38.98 7.36
CA GLN C 312 10.09 38.39 8.38
C GLN C 312 10.48 38.74 9.82
N GLU C 313 11.76 38.57 10.19
CA GLU C 313 12.24 38.84 11.55
C GLU C 313 12.16 40.30 11.94
N THR C 314 12.34 41.17 10.96
CA THR C 314 12.29 42.60 11.18
C THR C 314 10.90 43.22 11.10
N ALA C 315 10.09 42.86 10.10
CA ALA C 315 8.78 43.47 9.89
C ALA C 315 7.62 42.50 9.65
N GLY C 316 7.94 41.22 9.56
CA GLY C 316 6.89 40.22 9.45
C GLY C 316 6.44 40.12 8.02
N ALA C 317 7.38 40.31 7.11
CA ALA C 317 7.06 40.27 5.70
C ALA C 317 8.23 39.75 4.88
N GLY C 318 8.05 38.60 4.22
CA GLY C 318 9.08 38.02 3.38
C GLY C 318 9.07 38.65 2.00
N THR C 319 9.67 39.83 1.93
CA THR C 319 9.69 40.64 0.73
C THR C 319 11.04 41.31 0.71
N TRP C 320 11.39 41.80 -0.48
CA TRP C 320 12.68 42.42 -0.69
C TRP C 320 12.71 43.80 -0.05
N ASP C 321 11.59 44.53 -0.10
CA ASP C 321 11.49 45.88 0.47
C ASP C 321 11.70 45.87 1.97
N ALA C 322 11.12 44.90 2.64
CA ALA C 322 11.21 44.85 4.09
C ALA C 322 12.59 44.36 4.54
N GLY C 323 13.10 43.33 3.85
CA GLY C 323 14.39 42.73 4.15
C GLY C 323 15.57 43.64 3.88
N LEU C 324 15.57 44.31 2.74
CA LEU C 324 16.66 45.23 2.45
C LEU C 324 16.71 46.36 3.50
N VAL C 325 15.53 46.88 3.87
CA VAL C 325 15.45 47.87 4.93
C VAL C 325 16.06 47.23 6.18
N GLY C 326 15.57 46.03 6.50
CA GLY C 326 16.09 45.21 7.59
C GLY C 326 17.60 45.09 7.56
N VAL C 327 18.13 44.81 6.36
CA VAL C 327 19.59 44.69 6.17
C VAL C 327 20.25 45.99 6.59
N GLU C 328 19.81 47.10 6.02
CA GLU C 328 20.37 48.42 6.29
C GLU C 328 20.43 48.71 7.78
N GLU C 329 19.30 48.49 8.46
CA GLU C 329 19.24 48.70 9.91
C GLU C 329 20.29 47.89 10.65
N ALA C 330 20.38 46.60 10.35
CA ALA C 330 21.38 45.76 10.99
C ALA C 330 22.82 46.28 10.79
N LEU C 331 23.09 46.88 9.64
CA LEU C 331 24.41 47.41 9.33
C LEU C 331 24.68 48.75 10.00
N SER C 332 23.63 49.51 10.27
CA SER C 332 23.78 50.68 11.12
C SER C 332 24.11 50.23 12.53
N GLY C 333 23.23 49.40 13.09
CA GLY C 333 23.31 48.94 14.47
C GLY C 333 24.54 48.13 14.79
N LEU C 334 25.28 47.74 13.76
CA LEU C 334 26.55 47.09 13.94
C LEU C 334 27.67 48.16 14.08
N GLY C 335 27.38 49.37 13.59
CA GLY C 335 28.31 50.50 13.65
C GLY C 335 28.92 50.90 12.30
N VAL C 336 28.12 50.80 11.24
CA VAL C 336 28.64 50.96 9.88
C VAL C 336 27.95 52.17 9.20
N ASP C 337 28.75 53.04 8.58
CA ASP C 337 28.19 54.16 7.84
C ASP C 337 27.65 53.65 6.52
N THR C 338 26.34 53.68 6.36
CA THR C 338 25.70 53.22 5.11
C THR C 338 25.45 54.37 4.12
N ALA C 339 26.12 55.50 4.36
CA ALA C 339 26.04 56.68 3.49
C ALA C 339 26.12 56.40 1.98
N GLY C 340 26.92 55.40 1.61
CA GLY C 340 27.16 55.09 0.18
C GLY C 340 26.56 53.78 -0.32
N LEU C 341 25.93 53.03 0.58
CA LEU C 341 25.35 51.76 0.22
C LEU C 341 24.04 52.01 -0.49
N VAL C 342 23.79 51.27 -1.56
CA VAL C 342 22.48 51.29 -2.20
C VAL C 342 22.09 49.83 -2.45
N LEU C 343 21.23 49.33 -1.57
CA LEU C 343 20.86 47.92 -1.54
C LEU C 343 19.65 47.62 -2.39
N ASN C 344 19.84 46.76 -3.39
CA ASN C 344 18.77 46.45 -4.31
C ASN C 344 18.48 44.96 -4.40
N ASP C 345 19.43 44.15 -3.91
CA ASP C 345 19.24 42.71 -3.66
C ASP C 345 20.29 42.22 -2.66
N GLY C 346 20.16 40.96 -2.24
CA GLY C 346 21.07 40.34 -1.28
C GLY C 346 22.32 39.69 -1.85
N SER C 347 22.22 39.16 -3.06
CA SER C 347 23.33 38.46 -3.70
C SER C 347 24.31 39.42 -4.37
N GLY C 348 23.78 40.52 -4.87
CA GLY C 348 24.59 41.46 -5.63
C GLY C 348 24.61 41.21 -7.12
N LEU C 349 23.75 40.29 -7.57
CA LEU C 349 23.53 40.05 -9.00
C LEU C 349 22.87 41.25 -9.67
N SER C 350 22.07 42.00 -8.92
CA SER C 350 21.50 43.23 -9.43
C SER C 350 22.62 44.24 -9.67
N ARG C 351 22.43 45.10 -10.66
CA ARG C 351 23.46 46.03 -11.02
C ARG C 351 23.11 47.38 -10.41
N GLY C 352 21.93 47.41 -9.78
CA GLY C 352 21.44 48.59 -9.10
C GLY C 352 22.05 48.67 -7.73
N ASN C 353 22.94 47.74 -7.44
CA ASN C 353 23.67 47.71 -6.17
C ASN C 353 24.89 48.60 -6.21
N LEU C 354 25.09 49.36 -5.13
CA LEU C 354 26.33 50.15 -4.99
C LEU C 354 26.99 49.94 -3.63
N VAL C 355 28.32 49.81 -3.61
CA VAL C 355 29.11 49.89 -2.37
C VAL C 355 30.28 50.84 -2.59
N THR C 356 31.05 51.15 -1.56
CA THR C 356 32.32 51.85 -1.77
C THR C 356 33.39 51.08 -0.99
N ALA C 357 34.66 51.18 -1.41
CA ALA C 357 35.73 50.44 -0.69
C ALA C 357 35.80 50.70 0.85
N ASP C 358 35.68 51.98 1.26
CA ASP C 358 35.65 52.33 2.70
C ASP C 358 34.50 51.68 3.45
N THR C 359 33.35 51.53 2.77
CA THR C 359 32.16 50.87 3.32
C THR C 359 32.32 49.35 3.54
N VAL C 360 33.17 48.72 2.73
CA VAL C 360 33.40 47.30 2.88
C VAL C 360 34.44 47.11 3.99
N VAL C 361 35.47 47.98 3.96
CA VAL C 361 36.50 47.96 5.01
C VAL C 361 35.91 48.35 6.38
N ASP C 362 34.98 49.31 6.35
CA ASP C 362 34.24 49.69 7.55
C ASP C 362 33.58 48.46 8.14
N LEU C 363 32.76 47.81 7.31
CA LEU C 363 32.00 46.64 7.69
C LEU C 363 32.92 45.55 8.17
N LEU C 364 34.04 45.39 7.46
CA LEU C 364 35.00 44.35 7.81
C LEU C 364 35.64 44.61 9.16
N GLY C 365 35.72 45.89 9.54
CA GLY C 365 36.32 46.30 10.81
C GLY C 365 35.39 46.13 12.01
N GLN C 366 34.08 46.03 11.71
CA GLN C 366 33.06 45.95 12.76
C GLN C 366 32.64 44.54 13.05
N ALA C 367 32.57 43.74 12.00
CA ALA C 367 32.19 42.35 12.07
C ALA C 367 33.25 41.52 12.78
N GLY C 368 34.49 42.01 12.79
CA GLY C 368 35.60 41.37 13.49
C GLY C 368 35.40 41.50 15.00
N SER C 369 35.01 42.71 15.41
CA SER C 369 34.78 43.02 16.84
C SER C 369 33.34 42.72 17.21
N ALA C 370 32.95 41.45 17.03
CA ALA C 370 31.53 41.05 17.08
C ALA C 370 31.31 39.62 17.61
N PRO C 371 30.20 39.40 18.34
CA PRO C 371 29.94 38.07 18.88
C PRO C 371 30.17 36.97 17.85
N TRP C 372 29.63 37.15 16.65
CA TRP C 372 29.65 36.10 15.63
C TRP C 372 30.85 36.17 14.69
N ALA C 373 31.93 36.83 15.13
CA ALA C 373 33.14 37.00 14.30
C ALA C 373 33.80 35.69 13.85
N GLN C 374 33.91 34.71 14.74
CA GLN C 374 34.48 33.41 14.37
C GLN C 374 33.70 32.71 13.25
N THR C 375 32.40 32.50 13.44
CA THR C 375 31.59 31.83 12.40
C THR C 375 31.50 32.61 11.09
N TRP C 376 31.62 33.94 11.17
CA TRP C 376 31.69 34.79 10.00
C TRP C 376 33.02 34.64 9.24
N SER C 377 34.12 34.54 9.97
CA SER C 377 35.42 34.44 9.31
C SER C 377 35.54 33.11 8.57
N ALA C 378 35.32 32.01 9.29
CA ALA C 378 35.39 30.65 8.72
C ALA C 378 34.55 30.43 7.47
N SER C 379 33.53 31.26 7.26
CA SER C 379 32.68 31.16 6.07
C SER C 379 33.38 31.79 4.88
N LEU C 380 34.25 32.74 5.14
CA LEU C 380 34.97 33.40 4.07
C LEU C 380 35.93 32.40 3.44
N PRO C 381 36.12 32.49 2.10
CA PRO C 381 37.08 31.62 1.40
C PRO C 381 38.55 31.77 1.82
N VAL C 382 39.27 30.65 1.87
CA VAL C 382 40.70 30.60 2.21
C VAL C 382 41.56 30.48 0.94
N ALA C 383 42.32 31.53 0.66
CA ALA C 383 43.11 31.69 -0.55
C ALA C 383 44.00 30.51 -0.85
N GLY C 384 43.85 29.96 -2.05
CA GLY C 384 44.69 28.87 -2.51
C GLY C 384 44.52 27.51 -1.85
N GLU C 385 43.33 27.21 -1.32
CA GLU C 385 43.08 25.86 -0.78
C GLU C 385 42.44 24.92 -1.82
N SER C 386 42.97 23.70 -1.93
CA SER C 386 42.47 22.77 -2.93
C SER C 386 41.07 22.24 -2.56
N ASP C 387 40.80 22.03 -1.26
CA ASP C 387 39.44 21.62 -0.84
C ASP C 387 38.39 22.71 -1.10
N PRO C 388 37.42 22.41 -1.98
CA PRO C 388 36.39 23.34 -2.45
C PRO C 388 35.62 24.02 -1.31
N PHE C 389 35.40 23.27 -0.22
CA PHE C 389 34.69 23.77 0.96
C PHE C 389 35.58 24.60 1.88
N VAL C 390 36.89 24.59 1.61
CA VAL C 390 37.79 25.42 2.37
C VAL C 390 38.22 26.54 1.46
N GLY C 391 38.51 26.17 0.21
CA GLY C 391 39.03 27.12 -0.79
C GLY C 391 37.96 28.03 -1.37
N GLY C 392 36.77 27.46 -1.57
CA GLY C 392 35.64 28.23 -2.07
C GLY C 392 35.94 28.71 -3.45
N THR C 393 35.60 29.97 -3.73
CA THR C 393 35.92 30.58 -5.03
C THR C 393 37.33 31.13 -5.13
N LEU C 394 38.21 30.59 -4.30
CA LEU C 394 39.61 31.01 -4.24
C LEU C 394 40.55 29.82 -4.34
N ALA C 395 39.96 28.64 -4.47
CA ALA C 395 40.68 27.37 -4.52
C ALA C 395 41.79 27.28 -5.57
N ASN C 396 41.72 28.05 -6.64
CA ASN C 396 42.72 27.97 -7.72
C ASN C 396 43.62 29.22 -7.79
N ARG C 397 43.46 30.12 -6.83
CA ARG C 397 44.11 31.42 -6.91
C ARG C 397 45.21 31.54 -5.88
N MET C 398 46.25 32.33 -6.18
CA MET C 398 47.33 32.60 -5.21
C MET C 398 48.08 31.37 -4.67
N ARG C 399 47.88 30.19 -5.23
CA ARG C 399 48.53 28.99 -4.64
C ARG C 399 50.06 29.12 -4.57
N GLY C 400 50.64 28.59 -3.49
CA GLY C 400 52.08 28.66 -3.25
C GLY C 400 52.66 30.03 -2.94
N THR C 401 51.80 31.00 -2.66
CA THR C 401 52.28 32.30 -2.18
C THR C 401 52.28 32.37 -0.64
N ALA C 402 52.55 33.58 -0.14
CA ALA C 402 52.41 33.93 1.27
C ALA C 402 50.94 34.00 1.69
N ALA C 403 50.05 34.12 0.69
CA ALA C 403 48.61 34.13 0.93
C ALA C 403 48.00 32.73 1.15
N GLU C 404 48.44 31.73 0.39
CA GLU C 404 47.87 30.39 0.53
C GLU C 404 47.69 30.01 2.00
N GLY C 405 46.45 29.67 2.36
CA GLY C 405 46.11 29.23 3.72
C GLY C 405 45.91 30.37 4.68
N VAL C 406 46.13 31.61 4.23
CA VAL C 406 46.22 32.79 5.09
C VAL C 406 45.13 33.76 4.77
N VAL C 407 45.14 34.26 3.55
CA VAL C 407 44.22 35.32 3.18
C VAL C 407 42.79 34.79 3.19
N GLU C 408 41.90 35.53 3.87
CA GLU C 408 40.48 35.18 3.99
C GLU C 408 39.58 36.23 3.29
N ALA C 409 39.27 36.05 2.00
CA ALA C 409 38.50 37.08 1.32
C ALA C 409 37.30 36.54 0.57
N LYS C 410 36.35 37.42 0.28
CA LYS C 410 35.17 37.10 -0.52
C LYS C 410 35.27 37.72 -1.91
N THR C 411 34.89 36.93 -2.91
CA THR C 411 35.00 37.30 -4.33
C THR C 411 33.74 37.97 -4.85
N GLY C 412 33.77 38.37 -6.12
CA GLY C 412 32.60 38.99 -6.79
C GLY C 412 32.90 39.10 -8.27
N THR C 413 32.11 38.41 -9.10
CA THR C 413 32.39 38.30 -10.53
C THR C 413 31.11 38.35 -11.36
N MET C 414 31.13 39.16 -12.41
CA MET C 414 30.13 39.16 -13.48
C MET C 414 30.62 40.22 -14.45
N SER C 415 29.97 40.37 -15.61
CA SER C 415 30.61 41.11 -16.70
C SER C 415 31.04 42.51 -16.25
N GLY C 416 32.34 42.79 -16.41
CA GLY C 416 32.92 44.06 -16.01
C GLY C 416 32.82 44.43 -14.54
N VAL C 417 32.85 43.42 -13.68
CA VAL C 417 32.81 43.65 -12.26
C VAL C 417 33.60 42.57 -11.57
N SER C 418 34.60 42.97 -10.80
CA SER C 418 35.40 42.02 -10.07
C SER C 418 35.73 42.60 -8.70
N ALA C 419 35.79 41.76 -7.67
CA ALA C 419 36.00 42.23 -6.31
C ALA C 419 36.74 41.21 -5.45
N LEU C 420 37.61 41.68 -4.55
CA LEU C 420 38.23 40.81 -3.55
C LEU C 420 38.36 41.61 -2.26
N SER C 421 37.63 41.16 -1.23
CA SER C 421 37.62 41.84 0.07
C SER C 421 37.63 40.87 1.25
N GLY C 422 38.47 41.17 2.23
CA GLY C 422 38.62 40.30 3.38
C GLY C 422 39.76 40.65 4.31
N TYR C 423 40.24 39.62 5.00
CA TYR C 423 41.14 39.75 6.11
C TYR C 423 42.50 39.26 5.73
N VAL C 424 43.53 39.97 6.23
CA VAL C 424 44.87 39.40 6.26
C VAL C 424 45.27 39.20 7.73
N PRO C 425 45.19 37.94 8.22
CA PRO C 425 45.54 37.58 9.59
C PRO C 425 47.06 37.62 9.84
N GLY C 426 47.46 37.29 11.08
CA GLY C 426 48.87 37.29 11.46
C GLY C 426 49.26 38.16 12.66
N PRO C 427 50.54 38.07 13.05
CA PRO C 427 51.12 38.72 14.25
C PRO C 427 51.05 40.26 14.24
N GLU C 428 51.34 40.87 13.09
CA GLU C 428 51.32 42.34 12.92
C GLU C 428 49.93 42.94 13.20
N GLY C 429 49.02 42.10 13.71
CA GLY C 429 47.59 42.41 13.75
C GLY C 429 46.91 42.07 12.40
N GLU C 430 45.68 41.58 12.52
CA GLU C 430 44.86 41.16 11.38
C GLU C 430 44.49 42.34 10.46
N LEU C 431 44.89 42.30 9.20
CA LEU C 431 44.57 43.36 8.24
C LEU C 431 43.19 43.21 7.55
N ALA C 432 42.65 44.32 7.07
CA ALA C 432 41.36 44.31 6.41
C ALA C 432 41.42 45.17 5.18
N PHE C 433 41.12 44.56 4.05
CA PHE C 433 41.31 45.21 2.75
C PHE C 433 40.07 45.02 1.92
N SER C 434 39.93 45.85 0.90
CA SER C 434 38.80 45.72 0.02
C SER C 434 39.18 46.23 -1.35
N ILE C 435 39.06 45.36 -2.34
CA ILE C 435 39.39 45.72 -3.72
C ILE C 435 38.15 45.51 -4.57
N VAL C 436 37.69 46.58 -5.21
CA VAL C 436 36.50 46.52 -6.08
C VAL C 436 36.77 47.14 -7.46
N ASN C 437 36.76 46.29 -8.49
CA ASN C 437 37.02 46.68 -9.89
C ASN C 437 35.76 46.76 -10.71
N ASN C 438 35.56 47.91 -11.36
CA ASN C 438 34.38 48.11 -12.19
C ASN C 438 34.73 48.52 -13.60
N GLY C 439 33.73 48.40 -14.46
CA GLY C 439 33.73 48.93 -15.83
C GLY C 439 34.95 48.58 -16.65
N HIS C 440 35.35 47.31 -16.64
CA HIS C 440 36.45 46.85 -17.51
C HIS C 440 35.95 46.12 -18.77
N SER C 441 36.91 45.69 -19.58
CA SER C 441 36.60 45.10 -20.88
C SER C 441 36.92 43.62 -20.85
N GLY C 442 38.21 43.30 -20.91
CA GLY C 442 38.66 41.92 -21.04
C GLY C 442 38.46 41.08 -19.79
N PRO C 443 39.47 40.22 -19.47
CA PRO C 443 39.27 39.33 -18.34
C PRO C 443 39.21 40.20 -17.10
N ALA C 444 38.60 39.66 -16.05
CA ALA C 444 38.68 40.27 -14.73
C ALA C 444 40.14 40.30 -14.20
N PRO C 445 40.54 41.41 -13.54
CA PRO C 445 41.83 41.65 -12.88
C PRO C 445 42.02 40.79 -11.66
N LEU C 446 41.91 39.48 -11.85
CA LEU C 446 42.02 38.52 -10.78
C LEU C 446 43.45 38.47 -10.23
N ALA C 447 44.40 38.71 -11.11
CA ALA C 447 45.81 38.56 -10.81
C ALA C 447 46.36 39.82 -10.15
N VAL C 448 45.75 40.97 -10.48
CA VAL C 448 45.97 42.20 -9.76
C VAL C 448 45.61 42.03 -8.27
N GLN C 449 44.40 41.53 -8.05
CA GLN C 449 43.87 41.32 -6.71
C GLN C 449 44.78 40.39 -5.98
N ASP C 450 45.10 39.26 -6.62
CA ASP C 450 46.07 38.27 -6.16
C ASP C 450 47.39 38.93 -5.74
N ALA C 451 47.81 39.96 -6.45
CA ALA C 451 49.09 40.61 -6.14
C ALA C 451 49.00 41.60 -4.98
N ILE C 452 47.86 42.24 -4.82
CA ILE C 452 47.66 43.09 -3.65
C ILE C 452 47.52 42.24 -2.38
N ALA C 453 46.76 41.15 -2.48
CA ALA C 453 46.56 40.23 -1.38
C ALA C 453 47.87 39.61 -0.92
N VAL C 454 48.73 39.26 -1.88
CA VAL C 454 49.98 38.56 -1.54
C VAL C 454 50.99 39.54 -0.97
N ARG C 455 50.97 40.79 -1.45
CA ARG C 455 51.83 41.82 -0.89
C ARG C 455 51.46 42.11 0.56
N LEU C 456 50.17 42.09 0.83
CA LEU C 456 49.65 42.29 2.17
C LEU C 456 50.04 41.15 3.07
N ALA C 457 50.00 39.93 2.55
CA ALA C 457 50.41 38.75 3.32
C ALA C 457 51.84 38.94 3.80
N GLU C 458 52.70 39.46 2.92
CA GLU C 458 54.12 39.69 3.23
C GLU C 458 54.27 40.74 4.32
N TYR C 459 53.65 41.89 4.11
CA TYR C 459 53.65 42.97 5.10
C TYR C 459 53.20 42.47 6.48
N ALA C 460 52.17 41.62 6.49
CA ALA C 460 51.68 41.02 7.72
C ALA C 460 52.53 39.83 8.22
N GLY C 461 53.85 39.84 7.93
CA GLY C 461 54.75 38.80 8.43
C GLY C 461 54.38 37.38 8.04
N HIS C 462 54.33 37.11 6.73
CA HIS C 462 54.10 35.77 6.16
C HIS C 462 55.05 35.44 5.00
N GLN C 463 55.28 34.14 4.79
CA GLN C 463 56.09 33.64 3.68
C GLN C 463 55.40 32.49 2.92
N ALA C 464 55.77 32.31 1.66
CA ALA C 464 55.34 31.14 0.90
C ALA C 464 55.78 29.86 1.63
N PRO C 465 54.80 28.99 1.98
CA PRO C 465 55.05 27.85 2.91
C PRO C 465 55.85 26.68 2.32
N GLU C 466 56.18 25.72 3.03
N ARG D 1 23.74 -22.11 -9.63
CA ARG D 1 24.63 -21.40 -8.67
C ARG D 1 24.05 -21.42 -7.25
N LEU D 2 24.77 -20.78 -6.33
CA LEU D 2 24.36 -20.66 -4.91
C LEU D 2 24.72 -21.88 -4.04
N THR D 3 24.27 -23.09 -4.40
CA THR D 3 24.74 -24.26 -3.66
C THR D 3 26.17 -24.65 -4.07
N GLU D 4 26.58 -24.26 -5.27
CA GLU D 4 27.99 -24.42 -5.67
C GLU D 4 28.91 -23.44 -4.90
N LEU D 5 28.39 -22.25 -4.60
CA LEU D 5 29.09 -21.27 -3.74
C LEU D 5 29.15 -21.75 -2.30
N ARG D 6 28.02 -22.29 -1.83
CA ARG D 6 27.96 -22.89 -0.51
C ARG D 6 29.03 -23.95 -0.29
N GLU D 7 29.13 -24.88 -1.24
CA GLU D 7 30.11 -25.97 -1.23
C GLU D 7 31.54 -25.45 -1.05
N ASP D 8 31.84 -24.39 -1.81
CA ASP D 8 33.16 -23.78 -1.84
C ASP D 8 33.55 -23.22 -0.47
N ILE D 9 32.62 -22.53 0.17
CA ILE D 9 32.86 -21.97 1.48
C ILE D 9 33.07 -23.06 2.54
N ASP D 10 32.18 -24.04 2.56
CA ASP D 10 32.30 -25.21 3.45
C ASP D 10 33.68 -25.81 3.32
N ALA D 11 34.11 -25.97 2.06
CA ALA D 11 35.40 -26.55 1.75
C ALA D 11 36.48 -25.71 2.37
N ILE D 12 36.44 -24.39 2.16
CA ILE D 12 37.46 -23.51 2.74
C ILE D 12 37.46 -23.64 4.24
N LEU D 13 36.30 -23.49 4.87
CA LEU D 13 36.23 -23.61 6.31
C LEU D 13 36.56 -25.03 6.79
N GLU D 14 37.41 -25.75 6.05
CA GLU D 14 37.86 -27.07 6.48
C GLU D 14 39.42 -27.13 6.61
N ASP D 15 40.06 -25.97 6.50
CA ASP D 15 41.52 -25.82 6.59
C ASP D 15 42.07 -26.14 7.99
N PRO D 16 43.23 -26.84 8.07
CA PRO D 16 43.84 -27.15 9.37
C PRO D 16 44.22 -25.91 10.20
N ALA D 17 44.44 -24.77 9.56
CA ALA D 17 44.58 -23.54 10.32
C ALA D 17 43.41 -23.34 11.32
N LEU D 18 42.29 -24.04 11.08
CA LEU D 18 41.10 -23.88 11.94
C LEU D 18 40.90 -25.00 12.96
N GLU D 19 41.98 -25.75 13.23
CA GLU D 19 42.00 -26.79 14.28
C GLU D 19 41.41 -26.28 15.58
N GLY D 20 40.29 -26.87 15.99
CA GLY D 20 39.61 -26.48 17.22
C GLY D 20 39.17 -25.03 17.39
N ALA D 21 38.97 -24.31 16.29
CA ALA D 21 38.58 -22.89 16.32
C ALA D 21 37.11 -22.68 15.97
N VAL D 22 36.54 -21.57 16.39
CA VAL D 22 35.16 -21.30 16.05
C VAL D 22 35.05 -20.19 15.02
N SER D 23 34.35 -20.44 13.92
CA SER D 23 34.16 -19.41 12.90
C SER D 23 32.71 -19.04 12.77
N GLY D 24 32.41 -17.75 12.87
CA GLY D 24 31.09 -17.24 12.55
C GLY D 24 31.17 -16.64 11.17
N VAL D 25 30.42 -17.21 10.22
CA VAL D 25 30.42 -16.79 8.80
C VAL D 25 29.02 -16.56 8.20
N VAL D 26 28.72 -15.32 7.86
CA VAL D 26 27.40 -14.97 7.36
C VAL D 26 27.49 -14.13 6.09
N VAL D 27 26.70 -14.52 5.09
CA VAL D 27 26.65 -13.81 3.81
C VAL D 27 25.21 -13.52 3.45
N VAL D 28 24.96 -12.27 3.09
CA VAL D 28 23.63 -11.82 2.84
C VAL D 28 23.70 -10.94 1.62
N ASP D 29 22.68 -11.08 0.78
CA ASP D 29 22.50 -10.28 -0.40
C ASP D 29 21.87 -8.99 0.06
N THR D 30 22.54 -7.86 -0.24
CA THR D 30 22.09 -6.51 0.10
C THR D 30 20.70 -6.15 -0.48
N ALA D 31 20.52 -6.36 -1.79
CA ALA D 31 19.22 -6.13 -2.45
C ALA D 31 18.08 -6.98 -1.85
N THR D 32 18.03 -8.26 -2.20
CA THR D 32 16.89 -9.11 -1.84
C THR D 32 16.72 -9.34 -0.34
N GLY D 33 17.82 -9.28 0.40
CA GLY D 33 17.82 -9.59 1.83
C GLY D 33 18.24 -11.03 2.03
N GLU D 34 17.88 -11.89 1.08
CA GLU D 34 18.30 -13.30 1.05
C GLU D 34 19.63 -13.52 1.83
N GLU D 35 19.59 -14.45 2.78
CA GLU D 35 20.80 -14.97 3.43
C GLU D 35 21.38 -16.13 2.64
N LEU D 36 22.57 -15.91 2.06
CA LEU D 36 23.27 -16.87 1.19
C LEU D 36 24.19 -17.88 1.90
N TYR D 37 24.68 -17.53 3.08
CA TYR D 37 25.54 -18.43 3.86
C TYR D 37 25.43 -18.10 5.31
N SER D 38 25.33 -19.13 6.16
CA SER D 38 25.33 -18.91 7.58
C SER D 38 25.88 -20.09 8.32
N ARG D 39 26.95 -19.87 9.10
CA ARG D 39 27.40 -20.85 10.07
C ARG D 39 27.80 -20.18 11.38
N ASP D 40 27.27 -20.70 12.49
CA ASP D 40 27.58 -20.14 13.82
C ASP D 40 27.38 -18.62 13.89
N GLY D 41 26.40 -18.13 13.13
CA GLY D 41 26.13 -16.70 12.95
C GLY D 41 25.69 -16.01 14.22
N GLY D 42 25.29 -16.83 15.18
CA GLY D 42 24.84 -16.31 16.47
C GLY D 42 25.69 -16.71 17.67
N GLU D 43 26.86 -17.30 17.39
CA GLU D 43 27.83 -17.63 18.44
C GLU D 43 28.57 -16.33 18.86
N GLN D 44 28.56 -16.00 20.13
CA GLN D 44 29.26 -14.79 20.60
C GLN D 44 30.78 -14.92 20.58
N LEU D 45 31.39 -14.12 19.70
CA LEU D 45 32.85 -14.16 19.48
C LEU D 45 33.50 -12.82 19.79
N LEU D 46 34.75 -12.87 20.24
CA LEU D 46 35.63 -11.69 20.31
C LEU D 46 35.76 -10.97 18.95
N PRO D 47 35.23 -9.73 18.83
CA PRO D 47 35.32 -8.99 17.56
C PRO D 47 36.70 -8.49 17.16
N ALA D 48 37.56 -8.27 18.16
CA ALA D 48 38.73 -7.44 17.98
C ALA D 48 38.26 -6.15 17.36
N SER D 49 38.95 -5.67 16.35
CA SER D 49 38.72 -4.34 15.89
C SER D 49 37.42 -4.18 15.11
N ASN D 50 36.84 -5.27 14.61
CA ASN D 50 35.48 -5.24 14.01
C ASN D 50 34.47 -4.52 14.91
N MET D 51 34.77 -4.39 16.19
CA MET D 51 33.93 -3.56 17.05
C MET D 51 33.91 -2.09 16.61
N LYS D 52 34.94 -1.66 15.86
CA LYS D 52 35.00 -0.28 15.40
C LYS D 52 33.86 0.01 14.46
N LEU D 53 33.32 -1.04 13.86
CA LEU D 53 32.17 -0.92 12.97
C LEU D 53 31.01 -0.34 13.77
N PHE D 54 30.75 -0.91 14.95
CA PHE D 54 29.71 -0.43 15.86
C PHE D 54 30.01 1.00 16.39
N THR D 55 31.27 1.21 16.81
CA THR D 55 31.68 2.51 17.29
C THR D 55 31.42 3.61 16.23
N ALA D 56 31.77 3.31 14.97
CA ALA D 56 31.73 4.29 13.88
C ALA D 56 30.32 4.65 13.44
N ALA D 57 29.45 3.63 13.37
CA ALA D 57 28.04 3.81 13.06
C ALA D 57 27.33 4.59 14.18
N ALA D 58 27.51 4.16 15.42
CA ALA D 58 26.99 4.94 16.53
C ALA D 58 27.44 6.42 16.43
N ALA D 59 28.72 6.65 16.13
CA ALA D 59 29.18 8.04 16.08
C ALA D 59 28.53 8.76 14.89
N LEU D 60 28.15 8.02 13.86
CA LEU D 60 27.49 8.64 12.73
C LEU D 60 26.04 9.03 13.06
N GLU D 61 25.36 8.28 13.94
CA GLU D 61 24.03 8.67 14.41
C GLU D 61 24.10 9.80 15.44
N VAL D 62 24.87 9.58 16.50
CA VAL D 62 24.95 10.51 17.64
C VAL D 62 25.58 11.87 17.28
N LEU D 63 26.64 11.86 16.48
CA LEU D 63 27.41 13.08 16.20
C LEU D 63 27.12 13.71 14.80
N GLY D 64 26.89 12.86 13.79
CA GLY D 64 26.59 13.31 12.45
C GLY D 64 27.83 13.34 11.58
N ALA D 65 27.64 13.14 10.29
CA ALA D 65 28.78 13.02 9.38
C ALA D 65 29.59 14.31 9.39
N ASP D 66 28.94 15.43 9.65
CA ASP D 66 29.61 16.74 9.59
C ASP D 66 29.80 17.34 10.96
N HIS D 67 29.87 16.48 11.96
CA HIS D 67 30.30 16.92 13.27
C HIS D 67 31.81 17.22 13.26
N SER D 68 32.21 18.40 13.75
CA SER D 68 33.63 18.68 13.89
C SER D 68 34.05 18.86 15.35
N PHE D 69 35.34 18.72 15.66
CA PHE D 69 35.82 18.80 17.04
C PHE D 69 36.74 20.00 17.27
N GLY D 70 36.64 20.63 18.43
CA GLY D 70 37.30 21.91 18.60
C GLY D 70 38.29 21.99 19.74
N THR D 71 39.13 22.99 19.69
CA THR D 71 40.11 23.22 20.74
C THR D 71 40.25 24.71 20.86
N GLU D 72 40.36 25.22 22.07
CA GLU D 72 40.48 26.64 22.22
C GLU D 72 41.49 27.05 23.29
N VAL D 73 41.79 28.35 23.29
CA VAL D 73 42.69 28.97 24.26
C VAL D 73 41.99 30.07 25.05
N ALA D 74 41.79 29.82 26.34
CA ALA D 74 41.05 30.74 27.22
C ALA D 74 41.92 31.55 28.19
N ALA D 75 41.68 32.87 28.18
CA ALA D 75 42.17 33.80 29.24
C ALA D 75 41.01 34.39 30.10
N GLU D 76 41.35 34.83 31.34
CA GLU D 76 40.33 35.35 32.27
C GLU D 76 39.64 36.57 31.72
N SER D 77 40.36 37.27 30.83
CA SER D 77 39.86 38.43 30.08
C SER D 77 40.90 38.82 29.03
N ALA D 78 40.48 39.59 28.03
CA ALA D 78 41.36 40.16 27.01
C ALA D 78 42.70 40.69 27.62
N PRO D 79 43.81 40.62 26.85
CA PRO D 79 45.07 41.15 27.38
C PRO D 79 45.09 42.69 27.31
N GLY D 80 45.81 43.32 28.25
CA GLY D 80 45.81 44.78 28.38
C GLY D 80 46.73 45.51 27.41
N ARG D 81 46.85 46.83 27.57
CA ARG D 81 47.72 47.64 26.69
C ARG D 81 49.15 47.05 26.68
N ARG D 82 49.63 46.66 27.86
CA ARG D 82 50.86 45.92 28.06
C ARG D 82 50.90 44.70 27.12
N GLY D 83 49.82 43.92 27.15
CA GLY D 83 49.76 42.66 26.43
C GLY D 83 49.96 41.49 27.36
N GLU D 84 49.63 41.66 28.65
CA GLU D 84 49.80 40.63 29.69
C GLU D 84 48.50 39.90 29.92
N VAL D 85 48.62 38.65 30.40
CA VAL D 85 47.51 37.87 30.96
C VAL D 85 48.07 37.04 32.12
N GLN D 86 47.19 36.60 33.01
CA GLN D 86 47.62 35.80 34.15
C GLN D 86 47.85 34.33 33.77
N ASP D 87 46.79 33.53 33.80
CA ASP D 87 46.93 32.14 33.45
C ASP D 87 46.38 31.91 32.09
N LEU D 88 46.90 30.89 31.41
CA LEU D 88 46.40 30.48 30.11
C LEU D 88 45.95 29.03 30.12
N TYR D 89 44.92 28.77 29.32
CA TYR D 89 44.34 27.43 29.24
C TYR D 89 44.29 26.95 27.82
N LEU D 90 44.90 25.79 27.60
CA LEU D 90 44.72 25.06 26.37
C LEU D 90 43.59 24.07 26.61
N VAL D 91 42.47 24.28 25.92
CA VAL D 91 41.28 23.46 26.20
C VAL D 91 40.92 22.50 25.07
N GLY D 92 41.08 21.21 25.35
CA GLY D 92 40.77 20.21 24.36
C GLY D 92 39.40 19.63 24.59
N ARG D 93 38.62 19.52 23.51
CA ARG D 93 37.28 18.94 23.59
C ARG D 93 37.13 17.78 22.59
N GLY D 94 38.11 16.86 22.64
CA GLY D 94 38.02 15.54 22.01
C GLY D 94 38.47 15.49 20.58
N ASP D 95 39.36 16.38 20.20
CA ASP D 95 39.82 16.44 18.83
C ASP D 95 40.87 15.37 18.59
N PRO D 96 40.52 14.35 17.78
CA PRO D 96 41.42 13.21 17.59
C PRO D 96 42.44 13.46 16.51
N THR D 97 42.36 14.62 15.86
CA THR D 97 43.21 14.95 14.72
C THR D 97 43.98 16.25 14.94
N LEU D 98 44.13 16.66 16.18
CA LEU D 98 44.85 17.88 16.56
C LEU D 98 46.42 17.76 16.45
N SER D 99 47.02 18.63 15.66
CA SER D 99 48.45 18.48 15.36
C SER D 99 49.34 19.52 16.01
N ALA D 100 50.64 19.26 15.97
CA ALA D 100 51.58 20.28 16.39
C ALA D 100 51.48 21.52 15.49
N GLU D 101 51.11 21.32 14.24
CA GLU D 101 50.95 22.43 13.32
C GLU D 101 49.73 23.19 13.75
N ASP D 102 48.75 22.47 14.28
CA ASP D 102 47.51 23.10 14.68
C ASP D 102 47.74 23.94 15.90
N LEU D 103 48.49 23.39 16.85
CA LEU D 103 48.90 24.11 18.06
C LEU D 103 49.68 25.36 17.67
N ASP D 104 50.64 25.20 16.77
CA ASP D 104 51.43 26.34 16.29
C ASP D 104 50.56 27.45 15.74
N ALA D 105 49.54 27.05 14.96
CA ALA D 105 48.60 27.99 14.39
C ALA D 105 47.81 28.72 15.49
N MET D 106 47.38 27.99 16.51
CA MET D 106 46.67 28.59 17.64
C MET D 106 47.53 29.58 18.46
N ALA D 107 48.82 29.27 18.64
CA ALA D 107 49.75 30.15 19.34
C ALA D 107 50.01 31.42 18.51
N ALA D 108 50.01 31.28 17.20
CA ALA D 108 49.99 32.44 16.31
C ALA D 108 48.79 33.34 16.60
N GLU D 109 47.67 32.77 17.02
CA GLU D 109 46.49 33.58 17.23
C GLU D 109 46.62 34.31 18.54
N VAL D 110 47.14 33.62 19.54
CA VAL D 110 47.33 34.18 20.86
C VAL D 110 48.18 35.47 20.79
N ALA D 111 49.21 35.44 19.94
CA ALA D 111 50.02 36.60 19.60
C ALA D 111 49.16 37.64 18.93
N ALA D 112 48.40 37.20 17.92
CA ALA D 112 47.49 38.06 17.19
C ALA D 112 46.46 38.78 18.10
N SER D 113 45.98 38.08 19.13
CA SER D 113 45.03 38.67 20.09
C SER D 113 45.75 39.58 21.08
N GLY D 114 47.02 39.83 20.77
CA GLY D 114 47.78 40.89 21.42
C GLY D 114 48.55 40.50 22.65
N VAL D 115 48.60 39.19 22.93
CA VAL D 115 49.37 38.65 24.07
C VAL D 115 50.86 38.58 23.75
N ARG D 116 51.68 39.07 24.69
CA ARG D 116 53.13 38.98 24.55
C ARG D 116 53.80 38.35 25.77
N THR D 117 53.10 38.36 26.91
CA THR D 117 53.58 37.72 28.13
C THR D 117 52.43 37.08 28.86
N VAL D 118 52.72 35.96 29.54
CA VAL D 118 51.81 35.24 30.40
C VAL D 118 52.53 35.24 31.76
N ARG D 119 52.04 36.00 32.73
CA ARG D 119 52.76 36.13 33.99
C ARG D 119 52.54 34.92 34.86
N GLY D 120 51.48 34.18 34.54
CA GLY D 120 51.14 32.98 35.32
C GLY D 120 51.52 31.70 34.63
N ASP D 121 50.85 30.63 35.05
CA ASP D 121 50.98 29.31 34.44
C ASP D 121 50.20 29.10 33.13
N LEU D 122 50.61 28.08 32.41
CA LEU D 122 49.84 27.55 31.31
C LEU D 122 49.29 26.23 31.81
N TYR D 123 47.97 26.06 31.63
CA TYR D 123 47.28 24.83 32.06
C TYR D 123 46.68 24.09 30.87
N ALA D 124 46.74 22.76 30.93
CA ALA D 124 46.14 21.94 29.90
C ALA D 124 44.86 21.32 30.43
N ASP D 125 43.75 21.73 29.83
CA ASP D 125 42.43 21.37 30.33
C ASP D 125 41.87 20.30 29.40
N ASP D 126 41.85 19.06 29.89
CA ASP D 126 41.27 17.93 29.17
C ASP D 126 40.01 17.38 29.88
N THR D 127 39.32 18.27 30.59
CA THR D 127 38.26 17.87 31.48
C THR D 127 36.94 17.55 30.77
N TRP D 128 36.87 17.83 29.47
CA TRP D 128 35.73 17.46 28.63
C TRP D 128 35.45 15.95 28.71
N PHE D 129 36.50 15.16 28.81
CA PHE D 129 36.41 13.74 29.13
C PHE D 129 36.93 13.54 30.55
N ASP D 130 36.56 12.43 31.18
CA ASP D 130 37.16 12.06 32.46
C ASP D 130 38.62 11.79 32.22
N SER D 131 39.30 11.39 33.29
CA SER D 131 40.73 11.17 33.29
C SER D 131 41.05 9.68 33.37
N GLU D 132 40.07 8.84 33.07
CA GLU D 132 40.37 7.42 33.02
C GLU D 132 41.06 7.13 31.69
N ARG D 133 42.39 7.03 31.79
CA ARG D 133 43.30 6.91 30.64
C ARG D 133 43.23 5.57 29.93
N LEU D 134 42.75 4.52 30.60
CA LEU D 134 42.79 3.17 30.03
C LEU D 134 41.63 2.30 30.48
N VAL D 135 41.15 1.44 29.61
CA VAL D 135 40.16 0.44 29.98
C VAL D 135 40.71 -0.58 30.97
N ASP D 136 39.98 -0.81 32.05
CA ASP D 136 40.40 -1.71 33.10
C ASP D 136 40.98 -2.99 32.56
N ASP D 137 40.36 -3.63 31.60
CA ASP D 137 40.83 -4.95 31.21
C ASP D 137 41.90 -4.96 30.14
N TRP D 138 42.41 -3.78 29.77
CA TRP D 138 43.54 -3.74 28.84
C TRP D 138 44.75 -4.34 29.57
N TRP D 139 45.77 -4.67 28.79
CA TRP D 139 46.98 -5.30 29.26
C TRP D 139 48.10 -4.27 29.38
N PRO D 140 48.75 -4.23 30.55
CA PRO D 140 49.81 -3.23 30.79
C PRO D 140 50.96 -3.46 29.85
N GLU D 141 51.10 -4.71 29.42
CA GLU D 141 52.17 -5.02 28.49
C GLU D 141 52.05 -4.15 27.22
N ASP D 142 50.82 -3.76 26.88
CA ASP D 142 50.52 -3.03 25.63
C ASP D 142 50.78 -1.51 25.71
N GLU D 143 50.85 -0.98 26.93
CA GLU D 143 50.89 0.46 27.14
C GLU D 143 52.04 1.27 26.51
N PRO D 144 53.18 0.64 26.18
CA PRO D 144 54.15 1.46 25.48
C PRO D 144 53.80 1.81 24.05
N TYR D 145 52.96 0.99 23.43
CA TYR D 145 52.79 1.06 21.97
C TYR D 145 51.57 1.84 21.57
N ALA D 146 51.60 2.37 20.34
CA ALA D 146 50.62 3.35 19.82
C ALA D 146 49.17 2.92 20.02
N TYR D 147 48.93 1.62 19.84
CA TYR D 147 47.63 1.05 19.96
C TYR D 147 47.03 1.00 21.37
N SER D 148 47.85 1.32 22.36
CA SER D 148 47.34 1.42 23.75
C SER D 148 47.41 2.83 24.31
N ALA D 149 47.47 3.81 23.40
CA ALA D 149 47.70 5.20 23.75
C ALA D 149 46.69 5.58 24.79
N GLN D 150 47.16 6.29 25.83
CA GLN D 150 46.25 6.80 26.88
C GLN D 150 45.18 7.70 26.31
N ILE D 151 44.00 7.72 26.94
CA ILE D 151 42.85 8.47 26.39
C ILE D 151 42.65 9.82 27.08
N SER D 152 42.55 10.89 26.29
CA SER D 152 42.46 12.22 26.85
C SER D 152 41.72 13.13 25.88
N ALA D 153 40.90 14.03 26.39
CA ALA D 153 40.17 14.96 25.55
C ALA D 153 41.06 15.94 24.80
N LEU D 154 42.30 16.10 25.30
CA LEU D 154 43.27 16.98 24.70
C LEU D 154 44.53 16.17 24.63
N THR D 155 44.99 15.95 23.38
CA THR D 155 46.01 14.96 23.05
C THR D 155 46.53 15.28 21.66
N VAL D 156 47.84 15.13 21.49
CA VAL D 156 48.46 15.48 20.21
C VAL D 156 48.59 14.29 19.24
N ALA D 157 48.00 14.45 18.07
CA ALA D 157 47.95 13.41 17.08
C ALA D 157 49.20 13.52 16.21
N HIS D 158 49.64 12.39 15.64
CA HIS D 158 50.90 12.37 14.90
C HIS D 158 50.71 11.89 13.50
N GLY D 159 51.52 12.45 12.60
CA GLY D 159 51.52 12.13 11.19
C GLY D 159 50.21 12.38 10.47
N GLU D 160 50.14 11.94 9.21
CA GLU D 160 48.90 12.07 8.41
C GLU D 160 47.86 11.04 8.86
N ARG D 161 48.24 10.09 9.72
CA ARG D 161 47.30 9.06 10.19
C ARG D 161 46.64 9.37 11.52
N PHE D 162 47.15 10.40 12.19
CA PHE D 162 46.63 10.95 13.46
C PHE D 162 46.70 9.98 14.63
N ASP D 163 47.86 9.37 14.75
CA ASP D 163 48.14 8.57 15.90
C ASP D 163 48.26 9.45 17.10
N THR D 164 47.30 9.36 17.99
CA THR D 164 47.19 10.17 19.21
C THR D 164 48.07 9.74 20.39
N GLY D 165 48.44 10.72 21.21
CA GLY D 165 49.08 10.48 22.54
C GLY D 165 50.42 9.78 22.41
N VAL D 166 51.07 9.93 21.26
CA VAL D 166 52.38 9.37 21.05
C VAL D 166 53.48 10.39 20.74
N THR D 167 54.70 9.89 20.75
CA THR D 167 55.84 10.67 20.28
C THR D 167 56.63 9.75 19.40
N GLU D 168 57.32 10.31 18.42
CA GLU D 168 58.12 9.50 17.50
C GLU D 168 59.58 9.48 17.94
N VAL D 169 60.07 8.30 18.34
CA VAL D 169 61.45 8.12 18.73
C VAL D 169 62.34 7.88 17.51
N SER D 170 63.44 8.64 17.35
CA SER D 170 64.46 8.35 16.31
C SER D 170 65.67 7.66 16.92
N VAL D 171 66.08 6.55 16.28
CA VAL D 171 67.31 5.91 16.63
C VAL D 171 68.27 5.91 15.45
N THR D 172 69.33 6.69 15.58
CA THR D 172 70.33 6.77 14.54
C THR D 172 71.54 6.01 14.99
N PRO D 173 71.90 4.93 14.26
CA PRO D 173 73.10 4.18 14.61
C PRO D 173 74.32 5.07 14.47
N ALA D 174 75.30 4.88 15.34
CA ALA D 174 76.56 5.57 15.17
C ALA D 174 77.45 4.65 14.33
N ALA D 175 78.56 4.19 14.89
CA ALA D 175 79.45 3.26 14.22
C ALA D 175 79.72 2.20 15.23
N GLU D 176 80.31 1.10 14.80
CA GLU D 176 80.46 -0.10 15.64
C GLU D 176 81.09 0.25 16.97
N GLY D 177 80.48 -0.23 18.05
CA GLY D 177 80.99 -0.09 19.40
C GLY D 177 80.39 1.09 20.09
N GLU D 178 80.04 2.10 19.32
CA GLU D 178 79.61 3.39 19.89
C GLU D 178 78.12 3.41 20.24
N PRO D 179 77.71 4.30 21.16
CA PRO D 179 76.29 4.45 21.50
C PRO D 179 75.44 4.89 20.31
N ALA D 180 74.14 4.64 20.37
CA ALA D 180 73.24 5.06 19.31
C ALA D 180 72.62 6.40 19.68
N ASP D 181 72.32 7.23 18.69
CA ASP D 181 71.59 8.47 18.94
C ASP D 181 70.08 8.28 19.00
N VAL D 182 69.52 8.57 20.18
CA VAL D 182 68.08 8.53 20.36
C VAL D 182 67.55 9.94 20.50
N ASP D 183 66.70 10.30 19.53
CA ASP D 183 65.83 11.48 19.60
C ASP D 183 64.45 11.06 20.12
N LEU D 184 63.81 11.92 20.91
CA LEU D 184 62.53 11.58 21.53
C LEU D 184 61.30 12.06 20.76
N GLY D 185 61.52 12.85 19.70
CA GLY D 185 60.43 13.52 19.02
C GLY D 185 59.76 14.64 19.81
N ALA D 186 58.44 14.71 19.68
CA ALA D 186 57.67 15.75 20.37
C ALA D 186 57.91 15.74 21.87
N ALA D 187 58.14 14.55 22.44
CA ALA D 187 58.33 14.39 23.89
C ALA D 187 59.64 14.90 24.50
N GLU D 188 60.61 15.27 23.69
CA GLU D 188 61.81 15.89 24.21
C GLU D 188 61.47 17.09 25.12
N GLY D 189 62.05 17.06 26.33
CA GLY D 189 61.86 18.10 27.34
C GLY D 189 60.71 17.80 28.29
N TYR D 190 60.00 16.72 27.98
CA TYR D 190 58.81 16.32 28.69
C TYR D 190 59.09 14.93 29.22
N ALA D 191 59.37 14.00 28.31
CA ALA D 191 59.67 12.63 28.68
C ALA D 191 61.15 12.45 29.01
N GLU D 192 61.43 11.65 30.03
CA GLU D 192 62.82 11.29 30.33
C GLU D 192 63.36 10.21 29.32
N LEU D 193 64.60 10.37 28.87
CA LEU D 193 65.25 9.35 28.06
C LEU D 193 66.18 8.48 28.89
N ASP D 194 66.08 7.16 28.72
CA ASP D 194 67.08 6.26 29.24
C ASP D 194 67.66 5.45 28.09
N ASN D 195 68.64 6.03 27.41
CA ASN D 195 69.31 5.34 26.31
C ASN D 195 70.47 4.49 26.80
N ARG D 196 70.35 3.18 26.65
CA ARG D 196 71.44 2.23 26.83
C ARG D 196 71.81 1.49 25.55
N ALA D 197 71.25 1.91 24.40
CA ALA D 197 71.47 1.20 23.15
C ALA D 197 72.80 1.51 22.48
N VAL D 198 73.47 0.45 22.02
CA VAL D 198 74.68 0.58 21.22
C VAL D 198 74.50 0.39 19.69
N THR D 199 75.49 0.86 18.94
CA THR D 199 75.59 0.50 17.54
C THR D 199 76.42 -0.78 17.46
N GLY D 200 75.93 -1.75 16.69
CA GLY D 200 76.66 -2.99 16.44
C GLY D 200 77.35 -2.99 15.08
N ALA D 201 77.98 -4.11 14.75
CA ALA D 201 78.73 -4.20 13.50
C ALA D 201 77.77 -4.25 12.31
N ALA D 202 78.19 -3.72 11.15
CA ALA D 202 77.30 -3.74 9.97
C ALA D 202 76.87 -5.18 9.80
N GLY D 203 75.60 -5.38 9.45
CA GLY D 203 75.13 -6.74 9.22
C GLY D 203 74.91 -7.58 10.48
N SER D 204 75.20 -7.02 11.65
CA SER D 204 74.90 -7.71 12.92
C SER D 204 73.39 -7.82 13.21
N ALA D 205 73.06 -8.66 14.19
CA ALA D 205 71.71 -8.80 14.68
C ALA D 205 71.15 -7.46 15.19
N ASN D 206 69.96 -7.11 14.68
CA ASN D 206 69.16 -5.97 15.15
C ASN D 206 68.39 -6.33 16.39
N THR D 207 68.99 -6.07 17.56
CA THR D 207 68.33 -6.33 18.84
C THR D 207 67.74 -5.09 19.52
N LEU D 208 67.60 -4.00 18.79
CA LEU D 208 66.99 -2.80 19.36
C LEU D 208 65.54 -2.95 19.92
N VAL D 209 65.32 -2.43 21.11
CA VAL D 209 64.02 -2.43 21.76
C VAL D 209 63.80 -1.01 22.31
N ILE D 210 62.60 -0.50 22.07
CA ILE D 210 62.22 0.81 22.57
C ILE D 210 61.03 0.60 23.49
N ASP D 211 61.22 0.89 24.76
CA ASP D 211 60.22 0.59 25.78
C ASP D 211 59.87 1.85 26.56
N ARG D 212 58.74 1.77 27.25
CA ARG D 212 58.36 2.69 28.30
C ARG D 212 57.81 1.84 29.46
N PRO D 213 58.61 1.66 30.52
CA PRO D 213 58.25 0.80 31.62
C PRO D 213 56.99 1.25 32.33
N VAL D 214 56.19 0.27 32.80
CA VAL D 214 54.95 0.52 33.51
C VAL D 214 55.04 1.70 34.46
N GLY D 215 54.09 2.62 34.36
CA GLY D 215 53.92 3.65 35.34
C GLY D 215 54.92 4.76 35.26
N THR D 216 55.83 4.71 34.29
CA THR D 216 56.79 5.80 34.11
C THR D 216 56.47 6.68 32.91
N ASN D 217 56.97 7.92 32.88
CA ASN D 217 56.99 8.71 31.66
C ASN D 217 58.38 8.66 31.04
N THR D 218 58.89 7.43 30.84
CA THR D 218 60.30 7.24 30.46
C THR D 218 60.56 6.32 29.28
N ILE D 219 61.17 6.87 28.23
CA ILE D 219 61.58 6.11 27.07
C ILE D 219 62.91 5.37 27.31
N ALA D 220 62.79 4.04 27.44
CA ALA D 220 63.91 3.16 27.77
C ALA D 220 64.34 2.42 26.53
N VAL D 221 65.54 2.75 26.05
CA VAL D 221 66.06 2.17 24.81
C VAL D 221 67.20 1.22 25.19
N THR D 222 67.14 -0.03 24.74
CA THR D 222 68.22 -1.00 24.98
C THR D 222 68.46 -1.84 23.75
N GLY D 223 69.51 -2.67 23.77
CA GLY D 223 69.81 -3.52 22.62
C GLY D 223 70.77 -2.92 21.60
N SER D 224 70.81 -3.47 20.39
CA SER D 224 71.85 -3.12 19.42
C SER D 224 71.25 -2.93 18.03
N LEU D 225 71.68 -1.87 17.35
CA LEU D 225 71.27 -1.57 15.99
C LEU D 225 72.48 -1.70 15.05
N PRO D 226 72.28 -2.35 13.91
CA PRO D 226 73.40 -2.46 12.99
C PRO D 226 73.80 -1.11 12.41
N ALA D 227 75.11 -0.82 12.46
CA ALA D 227 75.69 0.37 11.84
C ALA D 227 75.19 0.71 10.41
N ASP D 228 74.80 -0.29 9.62
CA ASP D 228 74.38 -0.06 8.25
C ASP D 228 72.86 -0.01 8.13
N ALA D 229 72.16 -0.45 9.16
CA ALA D 229 70.71 -0.37 9.19
C ALA D 229 70.30 1.09 9.07
N ALA D 230 69.20 1.37 8.35
CA ALA D 230 68.73 2.76 8.24
C ALA D 230 68.25 3.20 9.61
N PRO D 231 68.28 4.52 9.87
CA PRO D 231 67.74 5.08 11.12
C PRO D 231 66.30 4.60 11.41
N VAL D 232 66.04 4.25 12.65
CA VAL D 232 64.74 3.72 13.05
C VAL D 232 63.83 4.79 13.65
N THR D 233 62.63 4.94 13.08
CA THR D 233 61.52 5.62 13.74
C THR D 233 60.58 4.57 14.29
N ALA D 234 59.86 4.92 15.35
CA ALA D 234 58.95 4.03 16.07
C ALA D 234 58.10 4.94 16.93
N LEU D 235 56.81 4.66 17.00
CA LEU D 235 55.92 5.48 17.80
C LEU D 235 55.79 4.92 19.23
N ARG D 236 55.94 5.81 20.21
CA ARG D 236 55.76 5.40 21.58
C ARG D 236 54.84 6.37 22.29
N THR D 237 54.20 5.87 23.34
CA THR D 237 53.24 6.62 24.15
C THR D 237 53.91 7.30 25.35
N VAL D 238 53.25 8.33 25.86
CA VAL D 238 53.72 9.14 26.94
C VAL D 238 52.66 9.09 28.03
N ASP D 239 52.88 9.79 29.13
CA ASP D 239 51.96 9.77 30.24
C ASP D 239 51.32 11.11 30.25
N GLU D 240 49.99 11.10 30.09
CA GLU D 240 49.19 12.32 30.12
C GLU D 240 49.37 13.11 28.85
N PRO D 241 48.79 12.59 27.75
CA PRO D 241 48.79 13.33 26.48
C PRO D 241 48.36 14.79 26.70
N ALA D 242 47.48 15.08 27.63
CA ALA D 242 47.22 16.50 27.96
C ALA D 242 48.49 17.33 28.34
N ALA D 243 49.33 16.72 29.20
CA ALA D 243 50.55 17.36 29.73
C ALA D 243 51.54 17.58 28.63
N LEU D 244 51.80 16.55 27.81
CA LEU D 244 52.56 16.76 26.57
C LEU D 244 51.93 17.83 25.65
N ALA D 245 50.65 17.67 25.35
CA ALA D 245 49.97 18.66 24.49
C ALA D 245 50.17 20.07 25.04
N GLY D 246 50.25 20.17 26.38
CA GLY D 246 50.52 21.44 27.05
C GLY D 246 51.92 21.95 26.74
N HIS D 247 52.90 21.07 26.88
CA HIS D 247 54.33 21.38 26.64
C HIS D 247 54.58 21.86 25.21
N LEU D 248 53.90 21.24 24.25
CA LEU D 248 54.07 21.61 22.83
C LEU D 248 53.55 23.01 22.63
N PHE D 249 52.50 23.32 23.38
CA PHE D 249 51.84 24.60 23.25
C PHE D 249 52.67 25.66 23.90
N GLU D 250 53.36 25.32 24.97
CA GLU D 250 54.31 26.24 25.53
C GLU D 250 55.33 26.61 24.47
N GLU D 251 55.88 25.60 23.80
CA GLU D 251 56.98 25.81 22.84
C GLU D 251 56.50 26.65 21.68
N ALA D 252 55.31 26.34 21.16
CA ALA D 252 54.74 27.08 20.06
C ALA D 252 54.50 28.55 20.40
N LEU D 253 54.07 28.81 21.62
CA LEU D 253 53.90 30.19 22.09
C LEU D 253 55.23 30.90 22.06
N GLU D 254 56.25 30.30 22.68
CA GLU D 254 57.56 30.91 22.75
C GLU D 254 58.10 31.13 21.32
N SER D 255 57.76 30.22 20.43
CA SER D 255 58.16 30.32 19.04
C SER D 255 57.46 31.46 18.34
N ASN D 256 56.25 31.82 18.79
CA ASN D 256 55.50 32.93 18.17
C ASN D 256 55.60 34.17 19.03
N GLY D 257 56.59 34.17 19.93
CA GLY D 257 56.96 35.35 20.69
C GLY D 257 56.11 35.67 21.89
N VAL D 258 55.50 34.65 22.50
CA VAL D 258 54.76 34.85 23.74
C VAL D 258 55.53 34.17 24.87
N THR D 259 55.76 34.91 25.96
CA THR D 259 56.62 34.43 27.04
C THR D 259 55.79 33.83 28.14
N VAL D 260 56.21 32.67 28.61
CA VAL D 260 55.51 32.00 29.67
C VAL D 260 56.42 32.08 30.89
N LYS D 261 56.01 32.84 31.90
CA LYS D 261 56.79 32.93 33.15
C LYS D 261 56.55 31.72 34.06
N GLY D 262 55.32 31.22 34.09
CA GLY D 262 54.91 30.15 35.01
C GLY D 262 55.29 28.75 34.56
N ASP D 263 54.68 27.75 35.18
CA ASP D 263 54.93 26.35 34.80
C ASP D 263 53.80 25.85 33.92
N VAL D 264 53.96 24.63 33.44
CA VAL D 264 52.94 23.98 32.63
C VAL D 264 52.59 22.70 33.34
N GLY D 265 51.29 22.40 33.38
CA GLY D 265 50.82 21.16 33.94
C GLY D 265 49.31 21.16 33.83
N LEU D 266 48.71 20.09 34.35
CA LEU D 266 47.29 19.82 34.19
C LEU D 266 46.47 20.74 35.07
N GLY D 267 45.23 20.99 34.66
CA GLY D 267 44.30 21.86 35.37
C GLY D 267 43.14 22.34 34.51
N GLY D 268 41.91 22.18 35.03
CA GLY D 268 40.72 22.60 34.30
C GLY D 268 40.51 24.10 34.46
N VAL D 269 39.88 24.75 33.47
CA VAL D 269 39.39 26.12 33.68
C VAL D 269 38.59 26.15 34.98
N PRO D 270 38.87 27.15 35.85
CA PRO D 270 38.12 27.19 37.11
C PRO D 270 36.66 27.69 36.94
N ALA D 271 35.76 27.15 37.77
CA ALA D 271 34.33 27.42 37.63
C ALA D 271 34.07 28.93 37.74
N ASP D 272 34.90 29.61 38.54
CA ASP D 272 34.68 31.02 38.85
C ASP D 272 34.78 32.05 37.69
N TRP D 273 35.43 31.68 36.58
CA TRP D 273 35.60 32.60 35.43
C TRP D 273 34.27 32.85 34.72
N GLN D 274 33.81 34.11 34.74
CA GLN D 274 32.43 34.47 34.33
C GLN D 274 32.28 34.60 32.81
N ASP D 275 32.91 35.65 32.29
CA ASP D 275 33.04 35.91 30.86
C ASP D 275 34.50 35.61 30.52
N ALA D 276 34.72 34.45 29.90
CA ALA D 276 36.09 34.03 29.61
C ALA D 276 36.47 34.45 28.20
N GLU D 277 37.71 34.94 28.05
CA GLU D 277 38.17 35.43 26.78
C GLU D 277 38.86 34.35 25.99
N VAL D 278 38.30 34.06 24.83
CA VAL D 278 38.81 33.04 23.93
C VAL D 278 39.77 33.70 22.93
N LEU D 279 41.05 33.38 23.06
CA LEU D 279 42.11 34.03 22.31
C LEU D 279 42.36 33.30 21.01
N ALA D 280 42.26 31.97 21.08
CA ALA D 280 42.45 31.14 19.88
C ALA D 280 41.51 29.96 19.92
N ASP D 281 41.30 29.40 18.74
CA ASP D 281 40.29 28.42 18.47
C ASP D 281 40.73 27.57 17.27
N HIS D 282 40.59 26.26 17.38
CA HIS D 282 40.76 25.39 16.25
C HIS D 282 39.61 24.42 16.11
N THR D 283 39.20 24.15 14.87
CA THR D 283 38.11 23.25 14.55
C THR D 283 38.59 22.19 13.57
N SER D 284 38.34 20.94 13.90
CA SER D 284 38.84 19.84 13.12
C SER D 284 38.03 19.61 11.87
N ALA D 285 38.51 18.71 11.03
CA ALA D 285 37.71 18.26 9.90
C ALA D 285 36.46 17.59 10.46
N GLU D 286 35.43 17.55 9.63
CA GLU D 286 34.19 16.89 9.97
C GLU D 286 34.42 15.41 10.21
N LEU D 287 33.54 14.80 10.98
CA LEU D 287 33.66 13.38 11.30
C LEU D 287 33.88 12.47 10.07
N SER D 288 33.22 12.81 8.98
CA SER D 288 33.31 12.01 7.77
C SER D 288 34.73 11.91 7.29
N GLU D 289 35.47 13.00 7.35
CA GLU D 289 36.89 12.99 6.98
C GLU D 289 37.74 12.22 8.05
N ILE D 290 37.43 12.41 9.33
CA ILE D 290 38.10 11.63 10.40
C ILE D 290 37.86 10.10 10.27
N LEU D 291 36.67 9.70 9.80
CA LEU D 291 36.36 8.29 9.65
C LEU D 291 37.42 7.53 8.86
N VAL D 292 37.96 8.17 7.84
CA VAL D 292 38.99 7.56 6.98
C VAL D 292 40.20 7.02 7.77
N PRO D 293 41.08 7.93 8.31
CA PRO D 293 42.29 7.41 8.98
C PRO D 293 41.85 6.41 10.03
N PHE D 294 40.85 6.77 10.81
CA PHE D 294 40.29 5.89 11.84
C PHE D 294 40.10 4.46 11.37
N MET D 295 39.19 4.27 10.42
CA MET D 295 38.77 2.91 10.02
C MET D 295 39.76 2.22 9.05
N LYS D 296 40.42 3.00 8.22
CA LYS D 296 41.48 2.43 7.36
C LYS D 296 42.59 1.71 8.16
N PHE D 297 43.08 2.35 9.21
CA PHE D 297 44.31 1.89 9.83
C PHE D 297 44.03 1.34 11.21
N SER D 298 42.74 1.20 11.55
CA SER D 298 42.32 0.65 12.84
C SER D 298 42.98 1.43 14.03
N ASN D 299 42.58 2.69 14.16
CA ASN D 299 43.08 3.55 15.24
C ASN D 299 42.28 3.41 16.51
N ASN D 300 42.85 2.73 17.52
CA ASN D 300 42.12 2.46 18.79
C ASN D 300 41.82 3.72 19.60
N GLY D 301 42.71 4.72 19.53
CA GLY D 301 42.51 5.99 20.27
C GLY D 301 41.31 6.72 19.76
N HIS D 302 41.23 6.88 18.44
CA HIS D 302 40.08 7.43 17.72
C HIS D 302 38.77 6.86 18.25
N ALA D 303 38.70 5.51 18.30
CA ALA D 303 37.47 4.82 18.69
C ALA D 303 37.09 5.22 20.08
N GLU D 304 38.10 5.20 20.96
CA GLU D 304 37.88 5.42 22.39
C GLU D 304 37.47 6.86 22.64
N MET D 305 38.14 7.79 21.97
CA MET D 305 37.77 9.21 22.04
C MET D 305 36.35 9.38 21.53
N LEU D 306 36.02 8.75 20.39
CA LEU D 306 34.63 8.91 19.89
C LEU D 306 33.60 8.45 20.89
N VAL D 307 33.87 7.30 21.51
CA VAL D 307 32.98 6.76 22.54
C VAL D 307 32.76 7.87 23.54
N LYS D 308 33.86 8.37 24.12
CA LYS D 308 33.76 9.44 25.12
C LYS D 308 33.04 10.65 24.56
N SER D 309 33.35 11.05 23.35
CA SER D 309 32.58 12.12 22.72
C SER D 309 31.09 11.81 22.61
N ILE D 310 30.73 10.56 22.35
CA ILE D 310 29.31 10.13 22.30
C ILE D 310 28.73 10.23 23.68
N GLY D 311 29.52 9.96 24.70
CA GLY D 311 29.06 10.13 26.08
C GLY D 311 28.62 11.55 26.36
N GLN D 312 29.43 12.53 25.94
CA GLN D 312 29.17 13.96 26.16
C GLN D 312 27.94 14.49 25.45
N GLU D 313 27.71 13.96 24.26
CA GLU D 313 26.54 14.35 23.50
C GLU D 313 25.23 13.66 23.99
N THR D 314 25.30 12.54 24.72
CA THR D 314 24.07 11.81 25.13
C THR D 314 23.67 11.89 26.62
N ALA D 315 24.63 12.23 27.46
CA ALA D 315 24.48 12.09 28.88
C ALA D 315 25.45 13.08 29.52
N GLY D 316 25.95 14.02 28.72
CA GLY D 316 26.86 15.07 29.16
C GLY D 316 28.08 14.66 30.00
N ALA D 317 28.71 13.55 29.63
CA ALA D 317 29.85 13.06 30.39
C ALA D 317 30.74 12.27 29.48
N GLY D 318 32.02 12.65 29.41
CA GLY D 318 32.95 11.98 28.51
C GLY D 318 33.56 10.76 29.17
N THR D 319 32.73 9.74 29.37
CA THR D 319 33.18 8.50 30.02
C THR D 319 32.85 7.25 29.21
N TRP D 320 33.50 6.13 29.52
CA TRP D 320 33.23 4.85 28.91
C TRP D 320 31.84 4.29 29.25
N ASP D 321 31.37 4.51 30.49
CA ASP D 321 30.06 4.01 30.87
C ASP D 321 28.99 4.75 30.08
N ALA D 322 29.14 6.06 29.95
CA ALA D 322 28.20 6.87 29.20
C ALA D 322 28.32 6.60 27.71
N GLY D 323 29.56 6.55 27.23
CA GLY D 323 29.81 6.30 25.81
C GLY D 323 29.13 5.03 25.34
N LEU D 324 29.31 3.93 26.08
CA LEU D 324 28.92 2.60 25.66
C LEU D 324 27.42 2.42 25.62
N VAL D 325 26.73 3.12 26.53
CA VAL D 325 25.26 3.11 26.59
C VAL D 325 24.76 3.87 25.37
N GLY D 326 25.38 5.01 25.09
CA GLY D 326 25.08 5.80 23.92
C GLY D 326 25.22 4.99 22.66
N VAL D 327 26.35 4.26 22.55
CA VAL D 327 26.62 3.41 21.42
C VAL D 327 25.57 2.31 21.28
N GLU D 328 25.23 1.65 22.38
CA GLU D 328 24.24 0.60 22.32
C GLU D 328 22.89 1.18 21.90
N GLU D 329 22.56 2.34 22.43
CA GLU D 329 21.27 2.97 22.18
C GLU D 329 21.26 3.52 20.76
N ALA D 330 22.42 4.02 20.27
CA ALA D 330 22.49 4.55 18.89
C ALA D 330 22.16 3.43 17.93
N LEU D 331 22.74 2.26 18.21
CA LEU D 331 22.60 1.12 17.34
C LEU D 331 21.17 0.61 17.33
N SER D 332 20.50 0.68 18.48
CA SER D 332 19.12 0.21 18.54
C SER D 332 18.20 1.11 17.76
N GLY D 333 18.38 2.43 17.86
CA GLY D 333 17.57 3.36 17.08
C GLY D 333 17.82 3.14 15.60
N LEU D 334 18.91 2.42 15.32
CA LEU D 334 19.40 2.32 13.96
C LEU D 334 18.73 1.11 13.37
N GLY D 335 18.18 0.29 14.26
CA GLY D 335 17.45 -0.90 13.94
C GLY D 335 18.25 -2.18 14.09
N VAL D 336 19.25 -2.19 14.95
CA VAL D 336 20.08 -3.38 15.06
C VAL D 336 19.79 -4.11 16.35
N ASP D 337 19.52 -5.41 16.25
CA ASP D 337 19.30 -6.25 17.43
C ASP D 337 20.64 -6.44 18.21
N THR D 338 20.70 -5.82 19.39
CA THR D 338 21.96 -5.77 20.17
C THR D 338 22.03 -6.82 21.30
N ALA D 339 21.15 -7.82 21.21
CA ALA D 339 21.03 -8.82 22.25
C ALA D 339 22.31 -9.57 22.53
N GLY D 340 23.10 -9.83 21.48
CA GLY D 340 24.31 -10.63 21.62
C GLY D 340 25.55 -9.78 21.60
N LEU D 341 25.38 -8.46 21.70
CA LEU D 341 26.50 -7.56 21.78
C LEU D 341 26.91 -7.36 23.24
N VAL D 342 28.16 -7.60 23.56
CA VAL D 342 28.68 -7.14 24.85
C VAL D 342 29.74 -6.12 24.49
N LEU D 343 29.64 -4.92 25.03
CA LEU D 343 30.54 -3.89 24.58
C LEU D 343 31.32 -3.26 25.70
N ASN D 344 32.61 -3.60 25.78
CA ASN D 344 33.48 -3.17 26.86
C ASN D 344 34.42 -1.99 26.50
N ASP D 345 34.62 -1.72 25.23
CA ASP D 345 35.25 -0.48 24.78
C ASP D 345 34.84 -0.21 23.35
N GLY D 346 35.40 0.85 22.77
CA GLY D 346 35.09 1.25 21.40
C GLY D 346 36.01 0.70 20.30
N SER D 347 37.22 0.35 20.69
CA SER D 347 38.22 -0.04 19.74
C SER D 347 38.23 -1.52 19.45
N GLY D 348 37.66 -2.29 20.36
CA GLY D 348 37.76 -3.72 20.29
C GLY D 348 39.09 -4.30 20.77
N LEU D 349 39.94 -3.47 21.41
CA LEU D 349 41.20 -3.97 21.99
C LEU D 349 40.84 -4.82 23.18
N SER D 350 39.94 -4.32 24.04
CA SER D 350 39.53 -5.06 25.24
C SER D 350 39.05 -6.46 24.94
N ARG D 351 39.62 -7.45 25.64
CA ARG D 351 39.17 -8.87 25.55
C ARG D 351 37.76 -9.15 26.06
N GLY D 352 37.13 -8.17 26.67
CA GLY D 352 35.77 -8.35 27.14
C GLY D 352 34.61 -8.11 26.15
N ASN D 353 34.92 -7.75 24.90
CA ASN D 353 33.93 -7.45 23.86
C ASN D 353 33.48 -8.76 23.24
N LEU D 354 32.19 -8.88 22.97
CA LEU D 354 31.64 -10.03 22.24
C LEU D 354 30.65 -9.52 21.23
N VAL D 355 30.73 -10.05 20.02
CA VAL D 355 29.72 -9.82 18.99
C VAL D 355 29.27 -11.17 18.42
N THR D 356 28.39 -11.11 17.42
CA THR D 356 28.05 -12.29 16.64
C THR D 356 28.07 -11.88 15.20
N ALA D 357 28.45 -12.83 14.34
CA ALA D 357 28.38 -12.64 12.92
C ALA D 357 27.03 -12.07 12.38
N ASP D 358 25.89 -12.47 12.96
CA ASP D 358 24.58 -11.95 12.51
C ASP D 358 24.41 -10.46 12.85
N THR D 359 24.94 -10.06 14.00
CA THR D 359 24.88 -8.68 14.46
C THR D 359 25.69 -7.80 13.55
N VAL D 360 26.80 -8.31 13.04
CA VAL D 360 27.66 -7.47 12.22
C VAL D 360 26.94 -7.24 10.89
N VAL D 361 26.49 -8.34 10.30
CA VAL D 361 25.79 -8.32 9.02
C VAL D 361 24.54 -7.43 9.11
N ASP D 362 23.78 -7.61 10.20
CA ASP D 362 22.64 -6.75 10.54
C ASP D 362 23.07 -5.30 10.42
N LEU D 363 24.08 -4.93 11.22
CA LEU D 363 24.62 -3.57 11.24
C LEU D 363 24.96 -3.09 9.84
N LEU D 364 25.69 -3.94 9.11
CA LEU D 364 26.17 -3.64 7.80
C LEU D 364 25.00 -3.25 6.89
N GLY D 365 23.95 -4.07 6.92
CA GLY D 365 22.75 -3.80 6.16
C GLY D 365 22.02 -2.51 6.58
N GLN D 366 21.85 -2.31 7.89
CA GLN D 366 21.21 -1.09 8.43
C GLN D 366 22.00 0.17 8.02
N ALA D 367 23.32 0.11 8.19
CA ALA D 367 24.24 1.17 7.78
C ALA D 367 24.19 1.37 6.28
N GLY D 368 23.99 0.26 5.57
CA GLY D 368 23.94 0.27 4.10
C GLY D 368 22.88 1.20 3.56
N SER D 369 21.81 1.36 4.35
CA SER D 369 20.66 2.11 3.90
C SER D 369 20.41 3.36 4.76
N ALA D 370 21.33 3.63 5.69
CA ALA D 370 21.32 4.89 6.43
C ALA D 370 21.73 6.09 5.56
N PRO D 371 21.38 7.32 5.97
CA PRO D 371 21.72 8.48 5.17
C PRO D 371 23.21 8.71 5.02
N TRP D 372 24.02 8.16 5.94
CA TRP D 372 25.49 8.37 5.93
C TRP D 372 26.27 7.17 5.35
N ALA D 373 25.57 6.33 4.61
CA ALA D 373 26.12 5.11 4.05
C ALA D 373 27.37 5.32 3.23
N GLN D 374 27.45 6.43 2.52
CA GLN D 374 28.58 6.69 1.62
C GLN D 374 29.86 7.09 2.36
N THR D 375 29.77 7.80 3.48
CA THR D 375 30.99 8.12 4.21
C THR D 375 31.38 6.92 5.02
N TRP D 376 30.39 6.10 5.33
CA TRP D 376 30.63 4.88 6.07
C TRP D 376 31.36 3.92 5.16
N SER D 377 30.93 3.84 3.91
CA SER D 377 31.54 2.89 2.99
C SER D 377 32.97 3.37 2.68
N ALA D 378 33.13 4.66 2.46
CA ALA D 378 34.41 5.26 2.16
C ALA D 378 35.45 4.98 3.25
N SER D 379 35.01 4.78 4.47
CA SER D 379 35.89 4.71 5.57
C SER D 379 36.65 3.37 5.55
N LEU D 380 36.04 2.39 4.89
CA LEU D 380 36.43 1.00 5.02
C LEU D 380 37.60 0.66 4.13
N PRO D 381 38.60 -0.07 4.63
CA PRO D 381 39.71 -0.46 3.74
C PRO D 381 39.20 -1.26 2.51
N VAL D 382 39.99 -1.22 1.41
CA VAL D 382 39.64 -1.89 0.18
C VAL D 382 40.74 -2.84 -0.25
N ALA D 383 40.38 -4.11 -0.45
CA ALA D 383 41.31 -5.17 -0.63
C ALA D 383 42.35 -4.87 -1.71
N GLY D 384 43.64 -5.00 -1.37
CA GLY D 384 44.72 -4.98 -2.33
C GLY D 384 45.23 -3.65 -2.85
N GLU D 385 44.66 -2.53 -2.42
CA GLU D 385 45.13 -1.20 -2.88
C GLU D 385 46.40 -0.71 -2.14
N SER D 386 47.44 -0.37 -2.92
CA SER D 386 48.77 -0.01 -2.39
C SER D 386 48.70 1.18 -1.47
N ASP D 387 47.97 2.19 -1.90
CA ASP D 387 47.98 3.48 -1.29
C ASP D 387 47.38 3.21 0.08
N PRO D 388 48.14 3.52 1.17
CA PRO D 388 47.75 3.22 2.55
C PRO D 388 46.40 3.83 2.91
N PHE D 389 46.11 5.04 2.43
CA PHE D 389 44.84 5.68 2.72
C PHE D 389 43.66 5.04 1.97
N VAL D 390 43.98 4.15 1.04
CA VAL D 390 42.92 3.43 0.35
C VAL D 390 42.82 2.00 0.89
N GLY D 391 43.96 1.32 0.88
CA GLY D 391 44.06 -0.10 1.25
C GLY D 391 43.83 -0.25 2.73
N GLY D 392 44.35 0.73 3.49
CA GLY D 392 44.46 0.59 4.93
C GLY D 392 45.06 -0.75 5.28
N THR D 393 44.44 -1.42 6.25
CA THR D 393 44.91 -2.71 6.77
C THR D 393 44.71 -3.82 5.76
N LEU D 394 44.13 -3.49 4.60
CA LEU D 394 43.91 -4.52 3.56
C LEU D 394 44.81 -4.31 2.34
N ALA D 395 45.74 -3.33 2.44
CA ALA D 395 46.63 -2.98 1.33
C ALA D 395 47.37 -4.19 0.75
N ASN D 396 47.92 -5.04 1.63
CA ASN D 396 48.75 -6.14 1.17
C ASN D 396 48.02 -7.47 1.30
N ARG D 397 46.69 -7.45 1.19
CA ARG D 397 45.91 -8.70 1.14
C ARG D 397 45.09 -8.78 -0.11
N MET D 398 44.94 -10.00 -0.62
CA MET D 398 44.13 -10.31 -1.83
C MET D 398 44.59 -9.50 -3.02
N ARG D 399 45.90 -9.32 -3.15
CA ARG D 399 46.49 -8.64 -4.31
C ARG D 399 46.46 -9.56 -5.53
N GLY D 400 46.07 -9.02 -6.69
CA GLY D 400 45.96 -9.83 -7.90
C GLY D 400 44.78 -10.82 -7.96
N THR D 401 43.80 -10.67 -7.07
CA THR D 401 42.55 -11.49 -7.05
C THR D 401 41.31 -10.74 -7.51
N ALA D 402 40.20 -11.44 -7.63
CA ALA D 402 38.97 -10.79 -8.06
C ALA D 402 38.50 -9.81 -7.01
N ALA D 403 39.17 -9.81 -5.86
CA ALA D 403 38.79 -8.90 -4.79
C ALA D 403 39.59 -7.58 -4.79
N GLU D 404 40.65 -7.53 -5.59
CA GLU D 404 41.43 -6.31 -5.55
C GLU D 404 40.59 -5.10 -5.95
N GLY D 405 40.17 -4.30 -5.00
CA GLY D 405 39.59 -3.01 -5.36
C GLY D 405 38.11 -3.17 -5.44
N VAL D 406 37.65 -4.20 -4.74
CA VAL D 406 36.27 -4.57 -4.67
C VAL D 406 35.86 -4.74 -3.18
N VAL D 407 36.34 -5.80 -2.52
CA VAL D 407 35.97 -6.03 -1.13
C VAL D 407 36.32 -4.81 -0.30
N GLU D 408 35.29 -4.30 0.37
CA GLU D 408 35.41 -3.20 1.29
C GLU D 408 35.13 -3.76 2.68
N ALA D 409 36.15 -4.23 3.36
CA ALA D 409 35.93 -4.80 4.66
C ALA D 409 36.81 -4.16 5.73
N LYS D 410 36.35 -4.26 6.99
CA LYS D 410 37.10 -3.92 8.17
C LYS D 410 37.76 -5.15 8.78
N THR D 411 39.04 -5.01 9.13
CA THR D 411 39.82 -6.15 9.65
C THR D 411 39.59 -6.26 11.11
N GLY D 412 39.70 -7.47 11.62
CA GLY D 412 39.63 -7.67 13.06
C GLY D 412 40.82 -8.54 13.44
N THR D 413 41.69 -8.04 14.31
CA THR D 413 42.88 -8.81 14.67
C THR D 413 43.41 -8.61 16.03
N MET D 414 43.85 -9.72 16.62
CA MET D 414 44.57 -9.77 17.92
C MET D 414 44.76 -11.23 18.31
N SER D 415 45.43 -11.47 19.44
CA SER D 415 45.79 -12.84 19.84
C SER D 415 44.57 -13.75 19.82
N GLY D 416 44.62 -14.81 19.04
CA GLY D 416 43.51 -15.74 18.98
C GLY D 416 42.21 -15.16 18.43
N VAL D 417 42.32 -14.07 17.67
CA VAL D 417 41.17 -13.45 17.03
C VAL D 417 41.48 -12.89 15.63
N SER D 418 40.62 -13.23 14.68
CA SER D 418 40.72 -12.76 13.31
C SER D 418 39.33 -12.60 12.70
N ALA D 419 39.12 -11.52 11.95
CA ALA D 419 37.81 -11.12 11.55
C ALA D 419 37.91 -10.25 10.34
N LEU D 420 36.90 -10.37 9.46
CA LEU D 420 36.81 -9.54 8.27
C LEU D 420 35.34 -9.45 7.97
N SER D 421 34.88 -8.22 7.82
CA SER D 421 33.47 -7.92 7.68
C SER D 421 33.28 -6.72 6.79
N GLY D 422 32.42 -6.84 5.78
CA GLY D 422 32.16 -5.70 4.91
C GLY D 422 31.19 -5.98 3.77
N TYR D 423 31.46 -5.31 2.63
CA TYR D 423 30.65 -5.41 1.40
C TYR D 423 31.45 -5.95 0.21
N VAL D 424 30.71 -6.49 -0.77
CA VAL D 424 31.24 -6.95 -2.05
C VAL D 424 30.32 -6.39 -3.16
N PRO D 425 30.73 -5.28 -3.79
CA PRO D 425 29.90 -4.72 -4.83
C PRO D 425 30.22 -5.37 -6.17
N GLY D 426 29.26 -5.46 -7.06
CA GLY D 426 29.53 -6.05 -8.35
C GLY D 426 28.34 -5.98 -9.28
N PRO D 427 28.59 -6.18 -10.60
CA PRO D 427 27.50 -6.11 -11.59
C PRO D 427 26.33 -7.01 -11.20
N GLU D 428 26.62 -8.04 -10.39
CA GLU D 428 25.57 -8.91 -9.80
C GLU D 428 25.22 -8.58 -8.36
N GLY D 429 25.01 -7.30 -8.09
CA GLY D 429 24.62 -6.84 -6.76
C GLY D 429 25.74 -6.76 -5.71
N GLU D 430 25.37 -6.15 -4.58
CA GLU D 430 26.24 -5.93 -3.45
C GLU D 430 26.02 -7.07 -2.45
N LEU D 431 27.11 -7.64 -1.95
CA LEU D 431 27.01 -8.63 -0.89
C LEU D 431 27.54 -8.06 0.43
N ALA D 432 26.87 -8.38 1.53
CA ALA D 432 27.42 -8.11 2.84
C ALA D 432 27.82 -9.41 3.57
N PHE D 433 28.92 -9.37 4.35
CA PHE D 433 29.50 -10.58 4.91
C PHE D 433 30.27 -10.34 6.23
N SER D 434 30.24 -11.34 7.13
CA SER D 434 30.99 -11.27 8.37
C SER D 434 31.68 -12.57 8.66
N ILE D 435 33.01 -12.52 8.80
CA ILE D 435 33.81 -13.70 9.11
C ILE D 435 34.56 -13.47 10.42
N VAL D 436 34.10 -14.10 11.49
CA VAL D 436 34.71 -13.96 12.79
C VAL D 436 35.22 -15.29 13.34
N ASN D 437 36.54 -15.42 13.50
CA ASN D 437 37.21 -16.63 14.02
C ASN D 437 37.81 -16.37 15.37
N ASN D 438 37.72 -17.38 16.24
CA ASN D 438 38.37 -17.29 17.53
C ASN D 438 39.12 -18.54 17.78
N GLY D 439 40.27 -18.38 18.42
CA GLY D 439 40.91 -19.45 19.16
C GLY D 439 41.88 -20.30 18.41
N HIS D 440 42.64 -19.72 17.51
CA HIS D 440 43.72 -20.45 16.87
C HIS D 440 44.98 -20.47 17.77
N SER D 441 45.75 -21.57 17.71
CA SER D 441 47.13 -21.57 18.27
C SER D 441 48.16 -21.31 17.14
N GLY D 442 47.93 -21.98 16.00
CA GLY D 442 48.66 -21.74 14.75
C GLY D 442 48.24 -20.47 13.99
N PRO D 443 48.60 -20.37 12.69
CA PRO D 443 48.56 -19.07 12.01
C PRO D 443 47.16 -18.51 11.98
N ALA D 444 47.08 -17.20 11.82
CA ALA D 444 45.83 -16.52 11.55
C ALA D 444 45.26 -17.18 10.29
N PRO D 445 43.92 -17.38 10.25
CA PRO D 445 43.27 -17.73 9.01
C PRO D 445 42.90 -16.48 8.17
N LEU D 446 43.90 -15.65 7.87
CA LEU D 446 43.75 -14.64 6.83
C LEU D 446 43.68 -15.33 5.49
N ALA D 447 44.32 -16.49 5.39
CA ALA D 447 44.24 -17.29 4.17
C ALA D 447 42.76 -17.61 3.91
N VAL D 448 42.06 -18.02 4.97
CA VAL D 448 40.69 -18.44 4.86
C VAL D 448 39.83 -17.22 4.54
N GLN D 449 40.07 -16.13 5.26
CA GLN D 449 39.27 -14.93 5.06
C GLN D 449 39.35 -14.42 3.62
N ASP D 450 40.56 -14.37 3.07
CA ASP D 450 40.73 -13.96 1.69
C ASP D 450 40.05 -14.92 0.73
N ALA D 451 40.17 -16.21 0.99
CA ALA D 451 39.63 -17.24 0.12
C ALA D 451 38.13 -17.04 -0.06
N ILE D 452 37.44 -16.81 1.05
CA ILE D 452 36.03 -16.53 1.04
C ILE D 452 35.80 -15.19 0.36
N ALA D 453 36.50 -14.14 0.82
CA ALA D 453 36.40 -12.84 0.21
C ALA D 453 36.47 -12.94 -1.31
N VAL D 454 37.52 -13.54 -1.84
CA VAL D 454 37.74 -13.67 -3.29
C VAL D 454 36.60 -14.45 -3.97
N ARG D 455 36.16 -15.49 -3.29
CA ARG D 455 35.08 -16.28 -3.81
C ARG D 455 33.83 -15.40 -3.99
N LEU D 456 33.50 -14.58 -3.00
CA LEU D 456 32.31 -13.75 -3.06
C LEU D 456 32.45 -12.70 -4.14
N ALA D 457 33.65 -12.20 -4.34
CA ALA D 457 33.90 -11.29 -5.43
C ALA D 457 33.67 -12.05 -6.73
N GLU D 458 34.08 -13.31 -6.79
CA GLU D 458 33.72 -14.15 -7.93
C GLU D 458 32.18 -14.27 -8.05
N TYR D 459 31.53 -14.72 -6.99
CA TYR D 459 30.06 -14.75 -6.94
C TYR D 459 29.40 -13.44 -7.44
N ALA D 460 30.05 -12.28 -7.24
CA ALA D 460 29.44 -10.98 -7.60
C ALA D 460 29.68 -10.59 -9.07
N GLY D 461 30.43 -11.42 -9.77
CA GLY D 461 30.76 -11.14 -11.16
C GLY D 461 32.16 -10.65 -11.42
N HIS D 462 33.01 -10.60 -10.40
CA HIS D 462 34.40 -10.19 -10.67
C HIS D 462 35.26 -11.35 -11.13
N GLN D 463 36.14 -11.07 -12.09
CA GLN D 463 37.09 -12.06 -12.53
C GLN D 463 38.48 -11.79 -11.96
N ALA D 464 39.21 -12.91 -11.82
CA ALA D 464 40.60 -12.93 -11.50
C ALA D 464 41.38 -12.26 -12.63
N PRO D 465 42.33 -11.38 -12.30
CA PRO D 465 43.20 -10.82 -13.33
C PRO D 465 44.27 -11.82 -13.79
N GLU D 466 44.95 -11.49 -14.89
CA GLU D 466 46.03 -12.33 -15.40
C GLU D 466 47.29 -11.46 -15.46
#